data_3ZHE
#
_entry.id   3ZHE
#
_cell.length_a   248.160
_cell.length_b   82.000
_cell.length_c   154.510
_cell.angle_alpha   90.00
_cell.angle_beta   116.88
_cell.angle_gamma   90.00
#
_symmetry.space_group_name_H-M   'C 1 2 1'
#
loop_
_entity.id
_entity.type
_entity.pdbx_description
1 polymer 'NONSENSE-MEDIATED MRNA DECAY PROTEIN'
2 polymer 'PROTEIN SMG-7'
#
loop_
_entity_poly.entity_id
_entity_poly.type
_entity_poly.pdbx_seq_one_letter_code
_entity_poly.pdbx_strand_id
1 'polypeptide(L)'
;MQKSDEVTEKFKRYCNQLEKYGQTENVHSPVMAMLRRKGRKQLIEIMKRDGDCTSSINKLWIVGYYHPFQFFIRDKEKNM
AIAVLLTMFCGELQEMLSLPDDKYPALWNMYIGDFHRYMPDEEIQKCLAVGYYSRAIDLDPNQGRAFHVLAGLRADLNVA
QKLRLMILGQLADAPYKKGTELLEYLKFPQKESTDKLMVDFVIWALNEKSKRMDYQMTGIKIVNEFKAEIEQKLEFDWSL
IMSTCRLASKLAMKKFGFQQFYNCFDTISTLYITIYSRTISSKCLLAEAISWISDSAEILGHLDEQKNEPHFQKLSVFAK
TKWNELNDLVMNHINSVFTSMSLTINPSISMTSFLLNGPISEPNVEFLSQLINYLVSVEFPPMEIIHDREESGPLLRRIN
QSEQKRLDIQIKTQNDEVNR
;
A,C
2 'polypeptide(L)'
;MSDEWEQLTVELRKIPRGTEAAPQYLRHLMKMFVADFETAVSKRFDVKFWNKLKSMMDEITKAMENDRLVNHNVQNLAIG
FLTDLSLLVHYHYEIPNYGNDISKQLTWTPDVFLNRKPIKSKKNSRVFMAYVLLRMGDLMRYKENYPKAQEYYEQSCRIN
PADGAVWNQLGLISSLGAKNLESVYFHTRALHATMEFPTASGGLTNIFKNFANRDISRPMPIKDLYLSCLGRIHFLLEIE
DSSVHLQKIGEEAATSKEMIVPLMSVYKHLEDGTELEQRAVEYVKTIWCTAYRSLLKTLDDYKEESKKLADVPHLLHILA
LLLCAPKLLRGIEDQTEDEVTSICEWLLCANCDEKIKDSDAFGYFHCLQRIQYPLTRTQLAQKLVEIEDEDESKD
;
B,D
#
# COMPACT_ATOMS: atom_id res chain seq x y z
N GLN A 2 24.83 -2.91 32.72
CA GLN A 2 23.40 -3.24 32.67
C GLN A 2 22.89 -3.29 31.23
N LYS A 3 23.53 -2.53 30.35
CA LYS A 3 23.15 -2.49 28.95
C LYS A 3 23.43 -3.83 28.28
N SER A 4 24.40 -4.55 28.83
CA SER A 4 24.79 -5.86 28.32
C SER A 4 23.63 -6.84 28.35
N ASP A 5 22.88 -6.80 29.45
CA ASP A 5 21.74 -7.68 29.64
C ASP A 5 20.63 -7.33 28.67
N GLU A 6 20.44 -6.03 28.44
CA GLU A 6 19.43 -5.54 27.52
C GLU A 6 19.73 -6.04 26.11
N VAL A 7 20.96 -5.80 25.68
CA VAL A 7 21.44 -6.25 24.37
C VAL A 7 21.31 -7.77 24.20
N THR A 8 21.84 -8.51 25.17
CA THR A 8 21.82 -9.98 25.12
C THR A 8 20.39 -10.51 25.00
N GLU A 9 19.51 -9.98 25.85
CA GLU A 9 18.11 -10.38 25.83
C GLU A 9 17.48 -10.10 24.48
N LYS A 10 17.72 -8.92 23.93
CA LYS A 10 17.17 -8.56 22.63
C LYS A 10 17.63 -9.48 21.52
N PHE A 11 18.94 -9.71 21.42
CA PHE A 11 19.49 -10.57 20.38
C PHE A 11 18.95 -11.99 20.49
N LYS A 12 18.97 -12.53 21.70
CA LYS A 12 18.42 -13.86 21.96
C LYS A 12 16.97 -13.95 21.48
N ARG A 13 16.16 -12.99 21.90
CA ARG A 13 14.75 -12.94 21.53
C ARG A 13 14.54 -12.92 20.03
N TYR A 14 15.26 -12.01 19.35
CA TYR A 14 15.15 -11.87 17.91
C TYR A 14 15.52 -13.17 17.18
N CYS A 15 16.58 -13.82 17.63
CA CYS A 15 17.01 -15.09 17.04
C CYS A 15 15.95 -16.18 17.24
N ASN A 16 15.41 -16.27 18.45
CA ASN A 16 14.35 -17.22 18.75
C ASN A 16 13.15 -17.03 17.83
N GLN A 17 12.76 -15.76 17.66
CA GLN A 17 11.63 -15.42 16.81
C GLN A 17 11.90 -15.74 15.34
N LEU A 18 13.13 -15.49 14.89
CA LEU A 18 13.51 -15.83 13.52
C LEU A 18 13.35 -17.33 13.30
N GLU A 19 13.87 -18.11 14.23
CA GLU A 19 13.78 -19.56 14.16
C GLU A 19 12.32 -20.04 14.17
N LYS A 20 11.49 -19.38 14.96
CA LYS A 20 10.08 -19.76 15.08
C LYS A 20 9.28 -19.44 13.81
N TYR A 21 9.25 -18.17 13.44
CA TYR A 21 8.44 -17.71 12.31
C TYR A 21 9.07 -18.06 10.97
N GLY A 22 10.27 -18.61 10.98
CA GLY A 22 10.94 -19.02 9.76
C GLY A 22 10.18 -20.08 8.98
N GLN A 23 9.58 -21.02 9.72
CA GLN A 23 8.90 -22.16 9.11
C GLN A 23 7.58 -21.78 8.47
N THR A 24 6.87 -20.83 9.08
CA THR A 24 5.50 -20.52 8.69
C THR A 24 5.39 -19.54 7.53
N GLU A 25 6.29 -18.55 7.51
CA GLU A 25 6.13 -17.43 6.57
C GLU A 25 7.00 -17.54 5.32
N ASN A 26 6.73 -16.67 4.36
CA ASN A 26 7.47 -16.62 3.11
C ASN A 26 8.80 -15.88 3.31
N VAL A 27 9.77 -16.12 2.42
CA VAL A 27 11.10 -15.56 2.58
C VAL A 27 11.13 -14.04 2.42
N HIS A 28 10.09 -13.49 1.82
CA HIS A 28 10.00 -12.04 1.60
C HIS A 28 9.17 -11.36 2.67
N SER A 29 8.82 -12.13 3.71
CA SER A 29 8.05 -11.60 4.83
C SER A 29 8.70 -10.37 5.44
N PRO A 30 7.91 -9.29 5.60
CA PRO A 30 8.37 -8.07 6.25
C PRO A 30 8.79 -8.35 7.68
N VAL A 31 8.09 -9.28 8.32
CA VAL A 31 8.42 -9.71 9.68
C VAL A 31 9.84 -10.25 9.77
N MET A 32 10.17 -11.23 8.93
CA MET A 32 11.48 -11.87 8.97
C MET A 32 12.63 -10.92 8.61
N ALA A 33 12.40 -10.08 7.61
CA ALA A 33 13.41 -9.10 7.20
C ALA A 33 13.66 -8.09 8.32
N MET A 34 12.58 -7.63 8.95
CA MET A 34 12.66 -6.75 10.10
C MET A 34 13.47 -7.40 11.21
N LEU A 35 13.15 -8.65 11.51
CA LEU A 35 13.87 -9.42 12.52
C LEU A 35 15.34 -9.54 12.20
N ARG A 36 15.67 -9.69 10.92
CA ARG A 36 17.06 -9.77 10.49
C ARG A 36 17.77 -8.45 10.74
N ARG A 37 17.10 -7.35 10.39
CA ARG A 37 17.68 -6.02 10.60
C ARG A 37 17.98 -5.79 12.08
N LYS A 38 16.99 -6.06 12.93
CA LYS A 38 17.15 -5.93 14.37
C LYS A 38 18.31 -6.81 14.87
N GLY A 39 18.32 -8.06 14.40
CA GLY A 39 19.34 -9.02 14.79
C GLY A 39 20.74 -8.54 14.51
N ARG A 40 20.97 -8.09 13.28
CA ARG A 40 22.27 -7.53 12.92
C ARG A 40 22.59 -6.30 13.76
N LYS A 41 21.56 -5.48 13.97
CA LYS A 41 21.69 -4.25 14.75
C LYS A 41 22.22 -4.51 16.15
N GLN A 42 21.75 -5.59 16.78
CA GLN A 42 22.26 -5.96 18.11
C GLN A 42 23.61 -6.67 18.02
N LEU A 43 23.76 -7.50 17.00
CA LEU A 43 24.98 -8.29 16.82
C LEU A 43 26.20 -7.41 16.61
N ILE A 44 26.01 -6.23 16.05
CA ILE A 44 27.09 -5.26 15.92
C ILE A 44 27.61 -4.82 17.29
N GLU A 45 26.68 -4.41 18.16
CA GLU A 45 27.02 -4.01 19.52
C GLU A 45 27.61 -5.17 20.32
N ILE A 46 27.27 -6.40 19.92
CA ILE A 46 27.91 -7.57 20.51
C ILE A 46 29.35 -7.70 20.04
N MET A 47 29.57 -7.54 18.73
CA MET A 47 30.90 -7.66 18.14
C MET A 47 31.84 -6.58 18.63
N LYS A 48 31.24 -5.47 19.08
CA LYS A 48 32.01 -4.37 19.67
C LYS A 48 32.73 -4.81 20.93
N ARG A 49 32.16 -5.80 21.63
CA ARG A 49 32.75 -6.33 22.84
C ARG A 49 33.97 -7.19 22.53
N ASP A 50 34.62 -7.67 23.59
CA ASP A 50 35.69 -8.64 23.46
C ASP A 50 35.18 -10.03 23.82
N GLY A 51 35.57 -11.02 23.02
CA GLY A 51 35.08 -12.38 23.17
C GLY A 51 35.00 -13.05 21.82
N ASP A 52 35.04 -14.38 21.81
CA ASP A 52 35.06 -15.15 20.56
C ASP A 52 33.81 -14.92 19.71
N CYS A 53 32.69 -14.63 20.37
CA CYS A 53 31.41 -14.46 19.69
C CYS A 53 31.09 -15.69 18.87
N THR A 54 31.19 -15.58 17.56
CA THR A 54 31.07 -16.72 16.64
C THR A 54 29.75 -17.50 16.78
N SER A 55 29.47 -17.98 17.99
CA SER A 55 28.23 -18.70 18.28
C SER A 55 27.00 -17.83 17.97
N SER A 56 27.09 -16.55 18.30
CA SER A 56 26.02 -15.60 18.00
C SER A 56 25.88 -15.37 16.49
N ILE A 57 27.01 -15.12 15.85
CA ILE A 57 27.05 -14.92 14.40
C ILE A 57 26.51 -16.14 13.67
N ASN A 58 26.91 -17.32 14.14
CA ASN A 58 26.40 -18.58 13.60
C ASN A 58 24.89 -18.71 13.82
N LYS A 59 24.43 -18.30 14.99
CA LYS A 59 23.01 -18.35 15.32
C LYS A 59 22.20 -17.50 14.34
N LEU A 60 22.57 -16.24 14.22
CA LEU A 60 21.89 -15.32 13.32
C LEU A 60 21.96 -15.76 11.85
N TRP A 61 23.13 -16.25 11.44
CA TRP A 61 23.31 -16.75 10.08
C TRP A 61 22.39 -17.93 9.80
N ILE A 62 22.29 -18.84 10.76
CA ILE A 62 21.53 -20.06 10.57
C ILE A 62 20.02 -19.84 10.62
N VAL A 63 19.54 -19.17 11.66
CA VAL A 63 18.10 -18.98 11.80
C VAL A 63 17.57 -17.82 10.95
N GLY A 64 18.48 -17.00 10.43
CA GLY A 64 18.09 -15.81 9.71
C GLY A 64 18.32 -15.86 8.21
N TYR A 65 19.33 -16.60 7.78
CA TYR A 65 19.69 -16.63 6.36
C TYR A 65 19.63 -18.02 5.74
N TYR A 66 20.32 -18.97 6.35
CA TYR A 66 20.43 -20.33 5.80
C TYR A 66 19.07 -21.04 5.76
N HIS A 67 18.40 -21.12 6.90
CA HIS A 67 17.09 -21.76 6.99
C HIS A 67 16.02 -21.15 6.05
N PRO A 68 15.89 -19.80 6.03
CA PRO A 68 14.91 -19.22 5.10
C PRO A 68 15.20 -19.54 3.64
N PHE A 69 16.48 -19.60 3.26
CA PHE A 69 16.86 -19.96 1.91
C PHE A 69 16.52 -21.41 1.62
N GLN A 70 16.79 -22.28 2.59
CA GLN A 70 16.48 -23.70 2.47
C GLN A 70 14.99 -23.92 2.24
N PHE A 71 14.17 -23.23 3.03
CA PHE A 71 12.73 -23.28 2.86
C PHE A 71 12.34 -22.70 1.50
N PHE A 72 13.05 -21.65 1.10
CA PHE A 72 12.78 -20.95 -0.15
C PHE A 72 12.94 -21.86 -1.35
N ILE A 73 13.97 -22.72 -1.32
CA ILE A 73 14.20 -23.67 -2.40
C ILE A 73 13.03 -24.66 -2.51
N ARG A 74 12.53 -25.10 -1.36
CA ARG A 74 11.40 -26.03 -1.32
C ARG A 74 10.08 -25.31 -1.54
N ASP A 75 9.99 -24.59 -2.66
CA ASP A 75 8.79 -23.84 -3.02
C ASP A 75 8.68 -23.69 -4.53
N LYS A 76 7.56 -24.14 -5.08
CA LYS A 76 7.32 -24.04 -6.51
C LYS A 76 6.55 -22.78 -6.86
N GLU A 77 6.20 -21.99 -5.83
CA GLU A 77 5.31 -20.86 -6.01
C GLU A 77 6.02 -19.51 -6.06
N LYS A 78 7.34 -19.52 -6.23
CA LYS A 78 8.08 -18.27 -6.28
C LYS A 78 8.43 -17.87 -7.71
N ASN A 79 8.24 -16.59 -8.01
CA ASN A 79 8.48 -16.04 -9.33
C ASN A 79 9.93 -15.57 -9.48
N MET A 80 10.55 -15.22 -8.36
CA MET A 80 11.87 -14.62 -8.36
C MET A 80 12.98 -15.64 -8.57
N ALA A 81 13.95 -15.29 -9.41
CA ALA A 81 15.11 -16.14 -9.61
C ALA A 81 15.92 -16.21 -8.32
N ILE A 82 16.40 -17.41 -7.99
CA ILE A 82 17.12 -17.64 -6.74
C ILE A 82 18.39 -16.80 -6.65
N ALA A 83 19.00 -16.55 -7.80
CA ALA A 83 20.22 -15.74 -7.85
C ALA A 83 19.97 -14.32 -7.37
N VAL A 84 18.80 -13.78 -7.69
CA VAL A 84 18.43 -12.43 -7.28
C VAL A 84 18.28 -12.32 -5.76
N LEU A 85 17.53 -13.26 -5.19
CA LEU A 85 17.36 -13.33 -3.74
C LEU A 85 18.71 -13.44 -3.04
N LEU A 86 19.56 -14.31 -3.57
CA LEU A 86 20.90 -14.48 -3.04
C LEU A 86 21.70 -13.19 -3.10
N THR A 87 21.55 -12.45 -4.20
CA THR A 87 22.21 -11.16 -4.35
C THR A 87 21.74 -10.16 -3.29
N MET A 88 20.44 -10.13 -3.07
CA MET A 88 19.87 -9.26 -2.05
C MET A 88 20.46 -9.60 -0.68
N PHE A 89 20.53 -10.90 -0.39
CA PHE A 89 21.14 -11.37 0.84
C PHE A 89 22.60 -10.92 0.96
N CYS A 90 23.32 -10.95 -0.16
CA CYS A 90 24.71 -10.52 -0.18
C CYS A 90 24.85 -9.04 0.14
N GLY A 91 24.03 -8.22 -0.51
CA GLY A 91 24.04 -6.79 -0.25
C GLY A 91 23.63 -6.49 1.18
N GLU A 92 22.81 -7.37 1.74
CA GLU A 92 22.35 -7.22 3.11
C GLU A 92 23.49 -7.52 4.09
N LEU A 93 24.25 -8.56 3.81
CA LEU A 93 25.35 -8.96 4.67
C LEU A 93 26.62 -8.15 4.43
N GLN A 94 26.61 -7.34 3.37
CA GLN A 94 27.77 -6.50 3.05
C GLN A 94 27.93 -5.39 4.10
N GLU A 95 26.84 -5.14 4.84
CA GLU A 95 26.83 -4.14 5.90
C GLU A 95 27.87 -4.42 6.98
N MET A 96 28.05 -5.70 7.30
CA MET A 96 29.00 -6.11 8.32
C MET A 96 30.44 -5.79 7.90
N LEU A 97 30.80 -6.15 6.68
CA LEU A 97 32.14 -5.90 6.16
C LEU A 97 32.38 -4.40 5.98
N SER A 98 31.36 -3.70 5.50
CA SER A 98 31.45 -2.27 5.26
C SER A 98 31.64 -1.46 6.54
N LEU A 99 31.13 -1.98 7.65
CA LEU A 99 31.30 -1.31 8.93
C LEU A 99 32.74 -1.49 9.41
N PRO A 100 33.39 -0.39 9.79
CA PRO A 100 34.78 -0.44 10.26
C PRO A 100 34.87 -1.07 11.64
N ASP A 101 36.04 -1.60 11.98
CA ASP A 101 36.28 -2.21 13.28
C ASP A 101 35.46 -3.48 13.50
N ASP A 102 35.21 -4.22 12.42
CA ASP A 102 34.55 -5.51 12.56
C ASP A 102 35.60 -6.58 12.87
N LYS A 103 35.32 -7.42 13.85
CA LYS A 103 36.31 -8.36 14.35
C LYS A 103 36.43 -9.62 13.51
N TYR A 104 35.41 -9.91 12.71
CA TYR A 104 35.36 -11.20 12.03
C TYR A 104 35.07 -11.09 10.53
N PRO A 105 35.99 -10.48 9.76
CA PRO A 105 35.75 -10.28 8.32
C PRO A 105 35.71 -11.60 7.54
N ALA A 106 36.57 -12.53 7.91
CA ALA A 106 36.66 -13.84 7.24
C ALA A 106 35.34 -14.60 7.28
N LEU A 107 34.68 -14.57 8.43
CA LEU A 107 33.38 -15.22 8.59
C LEU A 107 32.37 -14.70 7.59
N TRP A 108 32.23 -13.37 7.54
CA TRP A 108 31.26 -12.74 6.65
C TRP A 108 31.61 -13.01 5.19
N ASN A 109 32.89 -12.90 4.86
CA ASN A 109 33.34 -13.22 3.50
C ASN A 109 33.01 -14.66 3.11
N MET A 110 33.12 -15.57 4.08
CA MET A 110 32.80 -16.97 3.85
C MET A 110 31.29 -17.22 3.72
N TYR A 111 30.49 -16.42 4.41
CA TYR A 111 29.04 -16.55 4.31
C TYR A 111 28.52 -16.00 2.98
N ILE A 112 29.07 -14.86 2.56
CA ILE A 112 28.72 -14.30 1.26
C ILE A 112 29.22 -15.25 0.17
N GLY A 113 30.39 -15.83 0.39
CA GLY A 113 30.93 -16.84 -0.49
C GLY A 113 30.01 -18.04 -0.61
N ASP A 114 29.40 -18.43 0.51
CA ASP A 114 28.39 -19.48 0.50
C ASP A 114 27.19 -19.06 -0.34
N PHE A 115 26.78 -17.81 -0.18
CA PHE A 115 25.66 -17.28 -0.97
C PHE A 115 25.93 -17.39 -2.47
N HIS A 116 27.15 -17.04 -2.88
CA HIS A 116 27.52 -17.15 -4.28
C HIS A 116 27.67 -18.60 -4.72
N ARG A 117 28.01 -19.47 -3.78
CA ARG A 117 28.16 -20.90 -4.07
C ARG A 117 26.78 -21.55 -4.29
N TYR A 118 25.77 -21.02 -3.61
CA TYR A 118 24.42 -21.57 -3.70
C TYR A 118 23.75 -21.28 -5.03
N MET A 119 24.23 -20.25 -5.73
CA MET A 119 23.66 -19.85 -7.01
C MET A 119 23.73 -20.99 -8.02
N PRO A 120 22.71 -21.08 -8.90
CA PRO A 120 22.68 -22.13 -9.92
C PRO A 120 23.84 -22.00 -10.88
N ASP A 121 24.26 -23.11 -11.47
CA ASP A 121 25.37 -23.10 -12.42
C ASP A 121 25.03 -22.25 -13.64
N GLU A 122 26.06 -21.86 -14.39
CA GLU A 122 25.93 -21.02 -15.58
C GLU A 122 25.48 -19.59 -15.27
N GLU A 123 25.35 -19.27 -13.99
CA GLU A 123 25.13 -17.90 -13.54
C GLU A 123 26.49 -17.25 -13.27
N ILE A 124 26.74 -16.11 -13.90
CA ILE A 124 28.07 -15.47 -13.86
C ILE A 124 28.53 -15.15 -12.43
N GLN A 125 27.62 -14.57 -11.64
CA GLN A 125 27.91 -14.18 -10.26
C GLN A 125 28.49 -15.31 -9.41
N LYS A 126 28.33 -16.55 -9.87
CA LYS A 126 28.83 -17.71 -9.14
C LYS A 126 30.35 -17.68 -9.02
N CYS A 127 31.02 -17.14 -10.04
CA CYS A 127 32.48 -17.05 -10.04
C CYS A 127 33.02 -16.52 -8.71
N LEU A 128 32.51 -15.35 -8.32
CA LEU A 128 32.93 -14.66 -7.11
C LEU A 128 33.04 -15.55 -5.88
N ALA A 129 32.24 -16.62 -5.86
CA ALA A 129 32.30 -17.58 -4.76
C ALA A 129 33.73 -17.90 -4.41
N VAL A 130 34.45 -18.45 -5.39
CA VAL A 130 35.85 -18.79 -5.20
C VAL A 130 36.57 -17.63 -4.56
N GLY A 131 36.50 -16.48 -5.24
CA GLY A 131 37.16 -15.28 -4.79
C GLY A 131 36.88 -14.99 -3.33
N TYR A 132 35.60 -15.02 -2.96
CA TYR A 132 35.21 -14.71 -1.60
C TYR A 132 35.96 -15.57 -0.60
N TYR A 133 35.96 -16.89 -0.83
CA TYR A 133 36.63 -17.79 0.09
C TYR A 133 38.10 -17.41 0.18
N SER A 134 38.71 -17.12 -0.96
CA SER A 134 40.11 -16.73 -1.00
C SER A 134 40.31 -15.53 -0.08
N ARG A 135 39.42 -14.54 -0.22
CA ARG A 135 39.50 -13.34 0.59
C ARG A 135 39.47 -13.70 2.07
N ALA A 136 38.58 -14.61 2.44
CA ALA A 136 38.45 -15.03 3.83
C ALA A 136 39.80 -15.55 4.31
N ILE A 137 40.43 -16.38 3.49
CA ILE A 137 41.72 -16.97 3.83
C ILE A 137 42.79 -15.89 3.94
N ASP A 138 42.69 -14.86 3.09
CA ASP A 138 43.64 -13.76 3.13
C ASP A 138 43.46 -12.95 4.42
N LEU A 139 42.27 -13.03 5.00
CA LEU A 139 41.98 -12.33 6.24
C LEU A 139 42.37 -13.19 7.44
N ASP A 140 42.15 -14.50 7.32
CA ASP A 140 42.43 -15.42 8.40
C ASP A 140 42.58 -16.85 7.88
N PRO A 141 43.82 -17.36 7.86
CA PRO A 141 44.12 -18.73 7.42
C PRO A 141 43.69 -19.79 8.43
N ASN A 142 42.97 -19.39 9.48
CA ASN A 142 42.47 -20.32 10.48
C ASN A 142 41.17 -21.00 10.06
N GLN A 143 40.50 -20.43 9.07
CA GLN A 143 39.23 -20.95 8.62
C GLN A 143 39.42 -22.05 7.58
N GLY A 144 39.53 -23.29 8.06
CA GLY A 144 39.80 -24.43 7.20
C GLY A 144 38.68 -24.79 6.26
N ARG A 145 37.46 -24.45 6.63
CA ARG A 145 36.29 -24.71 5.79
C ARG A 145 36.45 -24.00 4.44
N ALA A 146 37.06 -22.82 4.48
CA ALA A 146 37.37 -22.10 3.25
C ALA A 146 38.33 -22.88 2.38
N PHE A 147 39.34 -23.51 2.99
CA PHE A 147 40.27 -24.34 2.26
C PHE A 147 39.58 -25.55 1.63
N HIS A 148 38.69 -26.19 2.40
CA HIS A 148 37.96 -27.35 1.90
C HIS A 148 37.09 -26.99 0.69
N VAL A 149 36.24 -25.98 0.88
CA VAL A 149 35.35 -25.51 -0.18
C VAL A 149 36.13 -25.03 -1.40
N LEU A 150 37.31 -24.44 -1.16
CA LEU A 150 38.18 -24.06 -2.27
C LEU A 150 38.68 -25.30 -3.01
N ALA A 151 38.97 -26.36 -2.25
CA ALA A 151 39.37 -27.63 -2.83
C ALA A 151 38.23 -28.25 -3.62
N GLY A 152 37.00 -27.83 -3.33
CA GLY A 152 35.85 -28.33 -4.04
C GLY A 152 35.47 -27.56 -5.30
N LEU A 153 35.47 -26.23 -5.20
CA LEU A 153 34.94 -25.35 -6.24
C LEU A 153 35.84 -25.19 -7.45
N ARG A 154 37.11 -24.89 -7.20
CA ARG A 154 38.07 -24.55 -8.25
C ARG A 154 38.20 -25.60 -9.35
N ALA A 155 38.39 -25.12 -10.58
CA ALA A 155 38.52 -26.01 -11.74
C ALA A 155 39.96 -26.11 -12.22
N ASP A 156 40.68 -25.00 -12.16
CA ASP A 156 42.01 -24.92 -12.74
C ASP A 156 43.14 -25.36 -11.79
N LEU A 157 42.97 -26.49 -11.13
CA LEU A 157 43.99 -26.92 -10.16
C LEU A 157 44.43 -28.37 -10.30
N ASN A 158 45.67 -28.64 -9.93
CA ASN A 158 46.23 -29.98 -9.97
C ASN A 158 45.73 -30.82 -8.81
N VAL A 159 46.06 -32.12 -8.84
CA VAL A 159 45.76 -33.00 -7.73
C VAL A 159 46.57 -32.55 -6.53
N ALA A 160 47.79 -32.09 -6.80
CA ALA A 160 48.69 -31.59 -5.78
C ALA A 160 48.06 -30.41 -5.05
N GLN A 161 47.49 -29.48 -5.80
CA GLN A 161 46.90 -28.28 -5.23
C GLN A 161 45.63 -28.61 -4.46
N LYS A 162 44.86 -29.56 -4.96
CA LYS A 162 43.66 -30.02 -4.28
C LYS A 162 44.03 -30.60 -2.91
N LEU A 163 44.99 -31.52 -2.91
CA LEU A 163 45.47 -32.10 -1.66
C LEU A 163 46.04 -31.04 -0.73
N ARG A 164 46.74 -30.06 -1.30
CA ARG A 164 47.27 -28.94 -0.54
C ARG A 164 46.14 -28.22 0.19
N LEU A 165 45.07 -27.91 -0.54
CA LEU A 165 43.94 -27.19 0.01
C LEU A 165 43.24 -27.98 1.12
N MET A 166 42.97 -29.26 0.88
CA MET A 166 42.33 -30.08 1.92
C MET A 166 43.19 -30.22 3.17
N ILE A 167 44.47 -30.54 2.97
CA ILE A 167 45.43 -30.65 4.07
C ILE A 167 45.50 -29.36 4.87
N LEU A 168 45.57 -28.22 4.18
CA LEU A 168 45.56 -26.92 4.83
C LEU A 168 44.25 -26.70 5.58
N GLY A 169 43.18 -27.31 5.05
CA GLY A 169 41.89 -27.27 5.71
C GLY A 169 41.94 -28.01 7.04
N GLN A 170 42.78 -29.04 7.10
CA GLN A 170 42.95 -29.80 8.34
C GLN A 170 44.00 -29.20 9.28
N LEU A 171 44.91 -28.41 8.72
CA LEU A 171 45.99 -27.81 9.50
C LEU A 171 45.50 -26.60 10.29
N ALA A 172 44.52 -25.90 9.74
CA ALA A 172 44.01 -24.67 10.34
C ALA A 172 43.55 -24.86 11.78
N ASP A 173 43.77 -23.83 12.59
CA ASP A 173 43.42 -23.86 14.01
C ASP A 173 41.93 -24.10 14.23
N ALA A 174 41.12 -23.62 13.30
CA ALA A 174 39.71 -23.93 13.24
C ALA A 174 39.45 -24.77 12.00
N PRO A 175 39.73 -26.08 12.10
CA PRO A 175 39.77 -26.98 10.94
C PRO A 175 38.39 -27.38 10.46
N TYR A 176 38.33 -27.94 9.25
CA TYR A 176 37.08 -28.43 8.69
C TYR A 176 36.76 -29.83 9.23
N LYS A 177 35.66 -29.91 9.98
CA LYS A 177 35.17 -31.12 10.66
C LYS A 177 35.83 -32.47 10.37
N LYS A 178 36.40 -33.07 11.41
CA LYS A 178 36.96 -34.42 11.36
C LYS A 178 38.13 -34.61 10.40
N GLY A 179 37.85 -34.51 9.11
CA GLY A 179 38.86 -34.74 8.09
C GLY A 179 38.63 -36.07 7.37
N THR A 180 37.37 -36.50 7.32
CA THR A 180 37.02 -37.76 6.68
C THR A 180 37.12 -37.62 5.17
N GLU A 181 36.77 -36.43 4.70
CA GLU A 181 36.76 -36.11 3.27
C GLU A 181 38.13 -36.30 2.62
N LEU A 182 39.17 -35.89 3.33
CA LEU A 182 40.54 -36.02 2.84
C LEU A 182 40.90 -37.48 2.61
N LEU A 183 40.63 -38.32 3.61
CA LEU A 183 40.87 -39.75 3.52
C LEU A 183 40.08 -40.35 2.37
N GLU A 184 38.84 -39.91 2.25
CA GLU A 184 37.94 -40.36 1.18
C GLU A 184 38.54 -40.03 -0.20
N TYR A 185 39.16 -38.87 -0.32
CA TYR A 185 39.80 -38.51 -1.58
C TYR A 185 41.07 -39.32 -1.79
N LEU A 186 41.74 -39.66 -0.70
CA LEU A 186 42.95 -40.46 -0.75
C LEU A 186 42.62 -41.88 -1.20
N LYS A 187 41.36 -42.29 -1.01
CA LYS A 187 40.89 -43.59 -1.48
C LYS A 187 40.81 -43.67 -3.00
N PHE A 188 40.61 -42.52 -3.65
CA PHE A 188 40.48 -42.47 -5.11
C PHE A 188 41.83 -42.54 -5.80
N PRO A 189 41.99 -43.50 -6.74
CA PRO A 189 43.23 -43.69 -7.48
C PRO A 189 43.48 -42.61 -8.52
N GLN A 190 44.75 -42.36 -8.84
CA GLN A 190 45.11 -41.34 -9.81
C GLN A 190 45.59 -41.98 -11.12
N LYS A 191 45.66 -41.19 -12.18
CA LYS A 191 45.98 -41.73 -13.50
C LYS A 191 47.44 -41.47 -13.92
N GLU A 192 48.23 -40.90 -13.04
CA GLU A 192 49.65 -40.71 -13.31
C GLU A 192 50.55 -41.16 -12.16
N SER A 193 51.75 -41.62 -12.51
CA SER A 193 52.71 -42.19 -11.56
C SER A 193 53.04 -41.24 -10.42
N THR A 194 53.36 -40.00 -10.79
CA THR A 194 53.79 -38.98 -9.85
C THR A 194 52.74 -38.74 -8.77
N ASP A 195 51.51 -38.49 -9.21
CA ASP A 195 50.41 -38.23 -8.29
C ASP A 195 50.08 -39.46 -7.44
N LYS A 196 50.27 -40.65 -8.01
CA LYS A 196 50.10 -41.89 -7.27
C LYS A 196 51.10 -41.95 -6.13
N LEU A 197 52.35 -41.59 -6.43
CA LEU A 197 53.39 -41.53 -5.40
C LEU A 197 53.01 -40.54 -4.32
N MET A 198 52.60 -39.35 -4.73
CA MET A 198 52.22 -38.29 -3.80
C MET A 198 51.14 -38.77 -2.84
N VAL A 199 50.06 -39.32 -3.39
CA VAL A 199 48.98 -39.87 -2.60
C VAL A 199 49.47 -40.95 -1.64
N ASP A 200 50.34 -41.84 -2.14
CA ASP A 200 50.94 -42.87 -1.30
C ASP A 200 51.61 -42.27 -0.08
N PHE A 201 52.47 -41.28 -0.31
CA PHE A 201 53.16 -40.60 0.79
C PHE A 201 52.19 -39.92 1.74
N VAL A 202 51.13 -39.32 1.21
CA VAL A 202 50.17 -38.64 2.07
C VAL A 202 49.47 -39.62 2.99
N ILE A 203 49.04 -40.76 2.43
CA ILE A 203 48.43 -41.82 3.22
C ILE A 203 49.38 -42.34 4.29
N TRP A 204 50.63 -42.58 3.91
CA TRP A 204 51.63 -43.09 4.84
C TRP A 204 51.89 -42.11 5.97
N ALA A 205 51.97 -40.83 5.63
CA ALA A 205 52.23 -39.77 6.59
C ALA A 205 51.05 -39.60 7.56
N LEU A 206 49.84 -39.74 7.02
CA LEU A 206 48.64 -39.58 7.84
C LEU A 206 48.31 -40.85 8.61
N ASN A 207 48.85 -41.98 8.18
CA ASN A 207 48.54 -43.26 8.81
C ASN A 207 49.03 -43.34 10.25
N GLU A 208 48.14 -43.76 11.14
CA GLU A 208 48.46 -43.85 12.55
C GLU A 208 49.49 -44.95 12.78
N LYS A 209 49.90 -45.10 14.04
CA LYS A 209 50.96 -46.04 14.40
C LYS A 209 50.65 -47.51 14.09
N SER A 210 49.42 -47.80 13.68
CA SER A 210 49.02 -49.17 13.38
C SER A 210 49.94 -49.79 12.33
N LYS A 211 50.21 -51.08 12.48
CA LYS A 211 51.16 -51.80 11.64
C LYS A 211 52.54 -51.15 11.73
N ARG A 212 53.14 -51.24 12.91
CA ARG A 212 54.39 -50.55 13.24
C ARG A 212 55.57 -50.88 12.33
N MET A 213 55.85 -52.16 12.14
CA MET A 213 56.95 -52.58 11.27
C MET A 213 56.57 -52.42 9.80
N ASP A 214 55.32 -52.80 9.49
CA ASP A 214 54.78 -52.67 8.15
C ASP A 214 54.81 -51.21 7.69
N TYR A 215 54.64 -50.31 8.66
CA TYR A 215 54.77 -48.87 8.41
C TYR A 215 56.16 -48.54 7.89
N GLN A 216 57.17 -49.02 8.59
CA GLN A 216 58.55 -48.77 8.21
C GLN A 216 58.84 -49.32 6.82
N MET A 217 58.51 -50.59 6.59
CA MET A 217 58.76 -51.23 5.30
C MET A 217 58.06 -50.50 4.14
N THR A 218 56.78 -50.22 4.32
CA THR A 218 56.00 -49.49 3.33
C THR A 218 56.67 -48.15 3.02
N GLY A 219 57.09 -47.45 4.07
CA GLY A 219 57.79 -46.18 3.93
C GLY A 219 59.03 -46.31 3.07
N ILE A 220 59.84 -47.33 3.35
CA ILE A 220 61.04 -47.62 2.57
C ILE A 220 60.69 -47.79 1.09
N LYS A 221 59.66 -48.60 0.84
CA LYS A 221 59.18 -48.82 -0.53
C LYS A 221 58.81 -47.50 -1.21
N ILE A 222 58.14 -46.63 -0.47
CA ILE A 222 57.74 -45.33 -1.01
C ILE A 222 58.96 -44.49 -1.37
N VAL A 223 59.95 -44.47 -0.50
CA VAL A 223 61.18 -43.75 -0.75
C VAL A 223 61.87 -44.25 -2.02
N ASN A 224 61.96 -45.56 -2.16
CA ASN A 224 62.58 -46.14 -3.35
C ASN A 224 61.83 -45.82 -4.63
N GLU A 225 60.50 -45.95 -4.60
CA GLU A 225 59.67 -45.63 -5.76
C GLU A 225 59.83 -44.15 -6.12
N PHE A 226 59.93 -43.31 -5.10
CA PHE A 226 60.08 -41.87 -5.29
C PHE A 226 61.40 -41.54 -5.97
N LYS A 227 62.50 -42.06 -5.42
CA LYS A 227 63.82 -41.87 -6.00
C LYS A 227 63.84 -42.34 -7.45
N ALA A 228 63.35 -43.56 -7.66
CA ALA A 228 63.26 -44.15 -9.00
C ALA A 228 62.53 -43.24 -9.97
N GLU A 229 61.42 -42.65 -9.50
CA GLU A 229 60.65 -41.73 -10.33
C GLU A 229 61.40 -40.44 -10.63
N ILE A 230 62.12 -39.93 -9.65
CA ILE A 230 62.88 -38.70 -9.83
C ILE A 230 63.97 -38.90 -10.88
N GLU A 231 64.69 -40.01 -10.78
CA GLU A 231 65.76 -40.30 -11.72
C GLU A 231 65.19 -40.59 -13.11
N GLN A 232 64.13 -41.40 -13.16
CA GLN A 232 63.58 -41.86 -14.42
C GLN A 232 62.92 -40.76 -15.25
N LYS A 233 62.10 -39.94 -14.60
CA LYS A 233 61.43 -38.84 -15.27
C LYS A 233 62.43 -37.90 -15.90
N LEU A 234 62.12 -37.40 -17.09
CA LEU A 234 63.01 -36.49 -17.80
C LEU A 234 63.27 -35.24 -16.95
N GLU A 235 62.18 -34.58 -16.55
CA GLU A 235 62.21 -33.34 -15.77
C GLU A 235 60.82 -32.72 -15.70
N PHE A 236 60.30 -32.61 -14.49
CA PHE A 236 59.10 -31.81 -14.27
C PHE A 236 59.13 -31.28 -12.84
N ASP A 237 58.55 -30.11 -12.65
CA ASP A 237 58.61 -29.41 -11.37
C ASP A 237 57.97 -30.21 -10.24
N TRP A 238 58.79 -30.55 -9.24
CA TRP A 238 58.33 -31.38 -8.12
C TRP A 238 57.82 -30.53 -6.96
N SER A 239 57.97 -29.21 -7.07
CA SER A 239 57.63 -28.29 -5.99
C SER A 239 56.18 -28.38 -5.55
N LEU A 240 55.30 -28.77 -6.48
CA LEU A 240 53.90 -29.01 -6.13
C LEU A 240 53.80 -30.19 -5.18
N ILE A 241 54.39 -31.31 -5.59
CA ILE A 241 54.36 -32.53 -4.81
C ILE A 241 55.13 -32.36 -3.51
N MET A 242 56.24 -31.63 -3.57
CA MET A 242 57.03 -31.36 -2.38
C MET A 242 56.29 -30.45 -1.40
N SER A 243 55.49 -29.53 -1.94
CA SER A 243 54.68 -28.65 -1.09
C SER A 243 53.63 -29.49 -0.40
N THR A 244 52.99 -30.36 -1.17
CA THR A 244 51.98 -31.28 -0.67
C THR A 244 52.54 -32.15 0.46
N CYS A 245 53.74 -32.68 0.24
CA CYS A 245 54.39 -33.54 1.22
C CYS A 245 54.78 -32.76 2.47
N ARG A 246 55.24 -31.52 2.29
CA ARG A 246 55.56 -30.65 3.41
C ARG A 246 54.33 -30.41 4.29
N LEU A 247 53.24 -29.97 3.67
CA LEU A 247 51.99 -29.72 4.38
C LEU A 247 51.46 -30.99 5.06
N ALA A 248 51.58 -32.12 4.35
CA ALA A 248 51.10 -33.41 4.85
C ALA A 248 51.88 -33.84 6.09
N SER A 249 53.20 -33.67 6.04
CA SER A 249 54.07 -34.03 7.16
C SER A 249 53.81 -33.09 8.34
N LYS A 250 53.53 -31.84 8.04
CA LYS A 250 53.21 -30.86 9.06
C LYS A 250 51.91 -31.26 9.76
N LEU A 251 50.95 -31.71 8.96
CA LEU A 251 49.69 -32.23 9.48
C LEU A 251 49.92 -33.48 10.34
N ALA A 252 50.91 -34.27 9.95
CA ALA A 252 51.24 -35.48 10.70
C ALA A 252 51.81 -35.10 12.06
N MET A 253 52.60 -34.03 12.08
CA MET A 253 53.13 -33.49 13.32
C MET A 253 52.01 -32.99 14.23
N LYS A 254 51.08 -32.22 13.65
CA LYS A 254 49.96 -31.69 14.41
C LYS A 254 49.07 -32.79 14.96
N LYS A 255 48.95 -33.88 14.19
CA LYS A 255 47.96 -34.91 14.47
C LYS A 255 48.38 -35.94 15.51
N PHE A 256 49.66 -36.29 15.52
CA PHE A 256 50.13 -37.38 16.37
C PHE A 256 51.28 -36.98 17.29
N GLY A 257 52.52 -37.08 16.81
CA GLY A 257 53.67 -36.75 17.61
C GLY A 257 54.87 -36.33 16.80
N PHE A 258 56.01 -36.15 17.47
CA PHE A 258 57.23 -35.70 16.79
C PHE A 258 57.91 -36.84 16.04
N GLN A 259 57.72 -38.07 16.51
CA GLN A 259 58.30 -39.24 15.86
C GLN A 259 57.61 -39.51 14.53
N GLN A 260 56.28 -39.57 14.59
CA GLN A 260 55.44 -39.74 13.43
C GLN A 260 55.82 -38.75 12.36
N PHE A 261 56.09 -37.51 12.78
CA PHE A 261 56.54 -36.48 11.87
C PHE A 261 57.96 -36.74 11.40
N TYR A 262 58.79 -37.27 12.29
CA TYR A 262 60.21 -37.47 12.00
C TYR A 262 60.43 -38.44 10.85
N ASN A 263 59.60 -39.48 10.77
CA ASN A 263 59.66 -40.38 9.62
C ASN A 263 59.48 -39.63 8.30
N CYS A 264 58.46 -38.77 8.27
CA CYS A 264 58.18 -37.94 7.11
C CYS A 264 59.34 -36.99 6.82
N PHE A 265 59.88 -36.39 7.87
CA PHE A 265 61.04 -35.50 7.76
C PHE A 265 62.17 -36.22 7.05
N ASP A 266 62.42 -37.46 7.46
CA ASP A 266 63.46 -38.29 6.86
C ASP A 266 63.20 -38.49 5.37
N THR A 267 62.00 -38.99 5.06
CA THR A 267 61.62 -39.25 3.66
C THR A 267 61.81 -38.01 2.78
N ILE A 268 61.19 -36.90 3.18
CA ILE A 268 61.27 -35.66 2.42
C ILE A 268 62.70 -35.13 2.27
N SER A 269 63.48 -35.19 3.36
CA SER A 269 64.89 -34.82 3.29
C SER A 269 65.61 -35.62 2.22
N THR A 270 65.40 -36.93 2.22
CA THR A 270 65.97 -37.81 1.21
C THR A 270 65.59 -37.36 -0.19
N LEU A 271 64.30 -37.12 -0.40
CA LEU A 271 63.78 -36.65 -1.67
C LEU A 271 64.49 -35.37 -2.16
N TYR A 272 64.51 -34.35 -1.30
CA TYR A 272 65.18 -33.10 -1.63
C TYR A 272 66.64 -33.30 -2.00
N ILE A 273 67.36 -34.07 -1.19
CA ILE A 273 68.77 -34.33 -1.46
C ILE A 273 68.97 -35.00 -2.82
N THR A 274 68.03 -35.88 -3.18
CA THR A 274 68.05 -36.53 -4.50
C THR A 274 67.88 -35.51 -5.62
N ILE A 275 66.80 -34.73 -5.53
CA ILE A 275 66.48 -33.73 -6.55
C ILE A 275 67.62 -32.75 -6.76
N TYR A 276 68.26 -32.33 -5.67
CA TYR A 276 69.41 -31.44 -5.78
C TYR A 276 70.67 -32.18 -6.21
N SER A 277 70.69 -33.50 -6.03
CA SER A 277 71.80 -34.31 -6.50
C SER A 277 71.78 -34.35 -8.02
N ARG A 278 70.58 -34.33 -8.58
CA ARG A 278 70.42 -34.27 -10.03
C ARG A 278 70.89 -32.95 -10.61
N THR A 279 71.08 -31.95 -9.75
CA THR A 279 71.55 -30.62 -10.14
C THR A 279 70.55 -29.87 -11.03
N ILE A 280 69.43 -30.51 -11.35
CA ILE A 280 68.41 -29.84 -12.13
C ILE A 280 67.80 -28.71 -11.29
N SER A 281 67.64 -27.54 -11.91
CA SER A 281 67.30 -26.34 -11.15
C SER A 281 66.04 -25.63 -11.64
N SER A 282 64.88 -26.23 -11.38
CA SER A 282 63.61 -25.56 -11.64
C SER A 282 63.48 -24.40 -10.67
N LYS A 283 63.07 -23.24 -11.17
CA LYS A 283 63.01 -22.03 -10.35
C LYS A 283 62.01 -22.13 -9.19
N CYS A 284 60.98 -22.95 -9.36
CA CYS A 284 59.91 -23.05 -8.37
C CYS A 284 60.28 -23.86 -7.13
N LEU A 285 61.18 -24.83 -7.32
CA LEU A 285 61.54 -25.77 -6.26
C LEU A 285 62.16 -25.09 -5.04
N LEU A 286 63.10 -24.19 -5.29
CA LEU A 286 63.85 -23.53 -4.23
C LEU A 286 62.94 -22.85 -3.21
N ALA A 287 61.90 -22.20 -3.71
CA ALA A 287 60.95 -21.49 -2.86
C ALA A 287 60.31 -22.43 -1.84
N GLU A 288 60.05 -23.66 -2.26
CA GLU A 288 59.44 -24.66 -1.39
C GLU A 288 60.49 -25.28 -0.48
N ALA A 289 61.71 -25.45 -0.98
CA ALA A 289 62.78 -26.05 -0.22
C ALA A 289 63.12 -25.18 1.00
N ILE A 290 63.24 -23.88 0.77
CA ILE A 290 63.47 -22.93 1.85
C ILE A 290 62.38 -23.03 2.91
N SER A 291 61.13 -23.08 2.44
CA SER A 291 59.98 -23.18 3.34
C SER A 291 60.07 -24.45 4.21
N TRP A 292 60.46 -25.55 3.58
CA TRP A 292 60.56 -26.82 4.30
C TRP A 292 61.68 -26.78 5.33
N ILE A 293 62.81 -26.21 4.96
CA ILE A 293 63.91 -25.99 5.90
C ILE A 293 63.42 -25.17 7.09
N SER A 294 62.66 -24.12 6.80
CA SER A 294 62.11 -23.24 7.83
C SER A 294 61.22 -24.00 8.81
N ASP A 295 60.17 -24.63 8.29
CA ASP A 295 59.24 -25.37 9.13
C ASP A 295 59.92 -26.47 9.94
N SER A 296 60.75 -27.25 9.27
CA SER A 296 61.47 -28.34 9.92
C SER A 296 62.33 -27.82 11.06
N ALA A 297 63.08 -26.75 10.80
CA ALA A 297 63.92 -26.14 11.83
C ALA A 297 63.08 -25.70 13.01
N GLU A 298 61.93 -25.09 12.71
CA GLU A 298 61.02 -24.63 13.75
C GLU A 298 60.54 -25.77 14.64
N ILE A 299 60.15 -26.89 14.03
CA ILE A 299 59.69 -28.04 14.79
C ILE A 299 60.80 -28.66 15.61
N LEU A 300 62.01 -28.70 15.03
CA LEU A 300 63.17 -29.25 15.72
C LEU A 300 63.57 -28.39 16.92
N GLY A 301 63.28 -27.09 16.83
CA GLY A 301 63.62 -26.17 17.90
C GLY A 301 62.76 -26.32 19.14
N HIS A 302 61.49 -26.66 18.94
CA HIS A 302 60.54 -26.77 20.03
C HIS A 302 60.92 -27.87 21.02
N LEU A 303 60.73 -27.60 22.30
CA LEU A 303 61.03 -28.58 23.35
C LEU A 303 60.11 -29.79 23.24
N ASP A 304 60.58 -30.95 23.72
CA ASP A 304 59.78 -32.17 23.67
C ASP A 304 58.70 -32.15 24.74
N GLU A 305 57.67 -32.97 24.56
CA GLU A 305 56.54 -33.01 25.49
C GLU A 305 56.97 -33.48 26.87
N GLN A 306 58.05 -34.26 26.92
CA GLN A 306 58.58 -34.75 28.19
C GLN A 306 59.50 -33.73 28.82
N LYS A 307 59.77 -32.66 28.07
CA LYS A 307 60.58 -31.53 28.53
C LYS A 307 62.06 -31.86 28.73
N ASN A 308 62.83 -30.83 29.06
CA ASN A 308 64.26 -30.93 29.38
C ASN A 308 65.22 -31.04 28.19
N GLU A 309 64.70 -30.94 26.97
CA GLU A 309 65.53 -30.96 25.76
C GLU A 309 64.75 -30.58 24.52
N PRO A 310 65.41 -29.88 23.58
CA PRO A 310 64.78 -29.62 22.28
C PRO A 310 64.66 -30.89 21.46
N HIS A 311 63.74 -30.89 20.49
CA HIS A 311 63.50 -32.06 19.66
C HIS A 311 64.68 -32.39 18.75
N PHE A 312 65.51 -31.38 18.48
CA PHE A 312 66.70 -31.57 17.65
C PHE A 312 67.70 -32.50 18.34
N GLN A 313 67.79 -32.41 19.66
CA GLN A 313 68.75 -33.20 20.42
C GLN A 313 68.49 -34.70 20.34
N LYS A 314 67.22 -35.07 20.22
CA LYS A 314 66.84 -36.48 20.11
C LYS A 314 66.91 -36.95 18.66
N LEU A 315 68.05 -36.71 18.02
CA LEU A 315 68.23 -37.10 16.62
C LEU A 315 69.51 -37.89 16.47
N SER A 316 69.48 -38.93 15.63
CA SER A 316 70.67 -39.75 15.40
C SER A 316 71.74 -38.95 14.67
N VAL A 317 72.98 -39.45 14.71
CA VAL A 317 74.11 -38.76 14.08
C VAL A 317 73.95 -38.68 12.57
N PHE A 318 73.53 -39.78 11.95
CA PHE A 318 73.31 -39.82 10.52
C PHE A 318 72.16 -38.92 10.11
N ALA A 319 71.20 -38.75 11.01
CA ALA A 319 70.07 -37.87 10.77
C ALA A 319 70.55 -36.42 10.70
N LYS A 320 71.38 -36.03 11.66
CA LYS A 320 71.95 -34.70 11.67
C LYS A 320 72.87 -34.50 10.48
N THR A 321 73.51 -35.59 10.04
CA THR A 321 74.38 -35.55 8.88
C THR A 321 73.58 -35.25 7.60
N LYS A 322 72.48 -35.97 7.41
CA LYS A 322 71.61 -35.76 6.26
C LYS A 322 70.98 -34.38 6.30
N TRP A 323 70.64 -33.96 7.52
CA TRP A 323 70.09 -32.63 7.75
C TRP A 323 71.05 -31.54 7.30
N ASN A 324 72.30 -31.61 7.77
CA ASN A 324 73.31 -30.63 7.40
C ASN A 324 73.68 -30.69 5.93
N GLU A 325 73.64 -31.88 5.34
CA GLU A 325 73.90 -32.03 3.91
C GLU A 325 72.83 -31.28 3.13
N LEU A 326 71.58 -31.54 3.49
CA LEU A 326 70.43 -30.87 2.89
C LEU A 326 70.57 -29.35 2.98
N ASN A 327 70.82 -28.86 4.19
CA ASN A 327 71.00 -27.44 4.40
C ASN A 327 72.14 -26.84 3.59
N ASP A 328 73.22 -27.61 3.43
CA ASP A 328 74.34 -27.19 2.61
C ASP A 328 73.93 -27.04 1.15
N LEU A 329 73.19 -28.02 0.64
CA LEU A 329 72.70 -27.97 -0.72
C LEU A 329 71.81 -26.75 -0.94
N VAL A 330 70.84 -26.58 -0.06
CA VAL A 330 69.90 -25.46 -0.14
C VAL A 330 70.61 -24.12 -0.11
N MET A 331 71.53 -23.95 0.85
CA MET A 331 72.28 -22.71 0.97
C MET A 331 73.11 -22.44 -0.29
N ASN A 332 73.70 -23.50 -0.82
CA ASN A 332 74.50 -23.40 -2.05
C ASN A 332 73.67 -22.93 -3.24
N HIS A 333 72.45 -23.44 -3.35
CA HIS A 333 71.58 -23.04 -4.44
C HIS A 333 71.07 -21.61 -4.25
N ILE A 334 70.80 -21.24 -3.01
CA ILE A 334 70.35 -19.89 -2.69
C ILE A 334 71.43 -18.88 -3.05
N ASN A 335 72.66 -19.18 -2.66
CA ASN A 335 73.81 -18.35 -3.02
C ASN A 335 74.03 -18.34 -4.53
N SER A 336 73.78 -19.48 -5.17
CA SER A 336 73.92 -19.58 -6.62
C SER A 336 72.96 -18.63 -7.31
N VAL A 337 71.74 -18.54 -6.79
CA VAL A 337 70.75 -17.63 -7.33
C VAL A 337 71.06 -16.18 -6.94
N PHE A 338 71.49 -16.00 -5.69
CA PHE A 338 71.69 -14.65 -5.15
C PHE A 338 73.10 -14.08 -5.31
N THR A 339 73.59 -14.08 -6.54
CA THR A 339 74.78 -13.32 -6.87
C THR A 339 74.31 -12.06 -7.59
N SER A 340 74.60 -10.90 -7.00
CA SER A 340 74.20 -9.60 -7.54
C SER A 340 72.68 -9.35 -7.51
N MET A 341 71.99 -9.99 -6.58
CA MET A 341 70.55 -9.78 -6.43
C MET A 341 70.28 -9.04 -5.12
N SER A 342 71.16 -9.23 -4.15
CA SER A 342 71.15 -8.49 -2.88
C SER A 342 69.92 -8.72 -2.01
N LEU A 343 69.89 -8.05 -0.87
CA LEU A 343 68.88 -8.31 0.15
C LEU A 343 67.82 -7.22 0.23
N THR A 344 66.57 -7.63 0.08
CA THR A 344 65.43 -6.75 0.29
C THR A 344 65.08 -6.71 1.78
N ILE A 345 64.94 -5.51 2.33
CA ILE A 345 64.59 -5.36 3.73
C ILE A 345 63.16 -4.88 3.88
N ASN A 346 62.44 -5.44 4.86
CA ASN A 346 61.02 -5.21 5.02
C ASN A 346 60.23 -5.45 3.73
N PRO A 347 60.26 -6.70 3.21
CA PRO A 347 59.56 -7.00 1.95
C PRO A 347 58.06 -6.83 2.11
N SER A 348 57.52 -7.36 3.20
CA SER A 348 56.10 -7.27 3.52
C SER A 348 55.23 -7.81 2.39
N ILE A 349 55.63 -8.94 1.83
CA ILE A 349 54.89 -9.57 0.74
C ILE A 349 53.87 -10.54 1.31
N SER A 350 52.64 -10.48 0.80
CA SER A 350 51.58 -11.37 1.25
C SER A 350 51.86 -12.82 0.85
N MET A 351 51.60 -13.74 1.78
CA MET A 351 51.82 -15.16 1.55
C MET A 351 50.57 -15.85 1.00
N THR A 352 49.49 -15.08 0.87
CA THR A 352 48.19 -15.62 0.50
C THR A 352 48.19 -16.39 -0.83
N SER A 353 48.71 -15.75 -1.87
CA SER A 353 48.74 -16.33 -3.21
C SER A 353 49.52 -17.64 -3.25
N PHE A 354 50.74 -17.59 -2.71
CA PHE A 354 51.60 -18.77 -2.61
C PHE A 354 50.95 -19.87 -1.77
N LEU A 355 50.19 -19.48 -0.74
CA LEU A 355 49.54 -20.46 0.12
C LEU A 355 48.38 -21.17 -0.59
N LEU A 356 47.57 -20.39 -1.30
CA LEU A 356 46.40 -20.92 -2.00
C LEU A 356 46.78 -21.76 -3.21
N ASN A 357 47.67 -21.23 -4.04
CA ASN A 357 47.99 -21.85 -5.33
C ASN A 357 49.25 -22.72 -5.34
N GLY A 358 50.10 -22.56 -4.35
CA GLY A 358 51.38 -23.27 -4.33
C GLY A 358 52.40 -22.57 -5.19
N PRO A 359 53.59 -23.18 -5.35
CA PRO A 359 54.69 -22.57 -6.11
C PRO A 359 54.68 -22.91 -7.61
N ILE A 360 53.86 -22.20 -8.38
CA ILE A 360 53.81 -22.38 -9.83
C ILE A 360 54.39 -21.15 -10.51
N SER A 361 54.45 -20.06 -9.75
CA SER A 361 54.75 -18.74 -10.31
C SER A 361 56.20 -18.55 -10.78
N GLU A 362 57.14 -19.25 -10.14
CA GLU A 362 58.57 -18.95 -10.25
C GLU A 362 58.82 -17.56 -9.65
N PRO A 363 59.41 -17.52 -8.45
CA PRO A 363 59.43 -16.37 -7.53
C PRO A 363 60.19 -15.14 -8.03
N ASN A 364 59.88 -14.00 -7.42
CA ASN A 364 60.65 -12.78 -7.61
C ASN A 364 61.58 -12.57 -6.43
N VAL A 365 62.45 -11.57 -6.52
CA VAL A 365 63.48 -11.35 -5.52
C VAL A 365 62.93 -11.03 -4.12
N GLU A 366 61.94 -10.15 -4.06
CA GLU A 366 61.34 -9.76 -2.78
C GLU A 366 60.76 -10.96 -2.04
N PHE A 367 60.07 -11.82 -2.78
CA PHE A 367 59.43 -13.00 -2.22
C PHE A 367 60.45 -13.92 -1.57
N LEU A 368 61.51 -14.23 -2.30
CA LEU A 368 62.61 -15.03 -1.78
C LEU A 368 63.23 -14.37 -0.56
N SER A 369 63.39 -13.05 -0.61
CA SER A 369 63.97 -12.30 0.50
C SER A 369 63.16 -12.48 1.78
N GLN A 370 61.82 -12.45 1.64
CA GLN A 370 60.93 -12.68 2.78
C GLN A 370 61.21 -14.02 3.46
N LEU A 371 61.16 -15.09 2.67
CA LEU A 371 61.39 -16.44 3.18
C LEU A 371 62.78 -16.58 3.82
N ILE A 372 63.81 -16.11 3.12
CA ILE A 372 65.18 -16.20 3.62
C ILE A 372 65.34 -15.46 4.94
N ASN A 373 64.72 -14.29 5.05
CA ASN A 373 64.64 -13.57 6.31
C ASN A 373 64.02 -14.42 7.41
N TYR A 374 62.87 -15.01 7.08
CA TYR A 374 62.14 -15.84 8.04
C TYR A 374 62.98 -17.01 8.53
N LEU A 375 63.86 -17.53 7.66
CA LEU A 375 64.70 -18.65 8.03
C LEU A 375 65.72 -18.27 9.10
N VAL A 376 66.37 -17.14 8.92
CA VAL A 376 67.34 -16.66 9.90
C VAL A 376 66.63 -16.17 11.15
N SER A 377 65.33 -15.90 11.04
CA SER A 377 64.55 -15.48 12.20
C SER A 377 64.34 -16.63 13.21
N VAL A 378 64.40 -17.87 12.74
CA VAL A 378 64.14 -19.05 13.55
C VAL A 378 65.02 -19.14 14.80
N GLU A 379 64.42 -19.61 15.90
CA GLU A 379 65.10 -19.79 17.18
C GLU A 379 66.46 -20.49 17.06
N PHE A 380 66.54 -21.45 16.15
CA PHE A 380 67.81 -22.11 15.85
C PHE A 380 68.06 -22.05 14.34
N PRO A 381 68.78 -21.00 13.89
CA PRO A 381 69.00 -20.80 12.46
C PRO A 381 70.12 -21.69 11.89
N PRO A 382 69.82 -22.41 10.82
CA PRO A 382 70.85 -23.21 10.14
C PRO A 382 71.73 -22.33 9.26
N MET A 383 71.23 -21.13 8.93
CA MET A 383 71.95 -20.20 8.07
C MET A 383 71.88 -18.80 8.66
N GLU A 384 72.82 -17.95 8.25
CA GLU A 384 72.87 -16.58 8.74
C GLU A 384 73.63 -15.68 7.78
N ILE A 385 73.04 -14.54 7.44
CA ILE A 385 73.67 -13.62 6.50
C ILE A 385 74.96 -13.02 7.05
N ILE A 386 75.97 -12.95 6.19
CA ILE A 386 77.23 -12.31 6.56
C ILE A 386 77.01 -10.80 6.59
N HIS A 387 77.67 -10.13 7.53
CA HIS A 387 77.48 -8.70 7.72
C HIS A 387 77.94 -7.90 6.50
N ASP A 388 79.04 -8.35 5.90
CA ASP A 388 79.57 -7.68 4.72
C ASP A 388 80.19 -8.70 3.75
N ARG A 389 79.73 -8.67 2.50
CA ARG A 389 80.22 -9.62 1.51
C ARG A 389 80.84 -8.93 0.29
N GLU A 390 82.01 -9.42 -0.11
CA GLU A 390 82.68 -8.92 -1.30
C GLU A 390 81.86 -9.18 -2.54
N GLU A 391 81.53 -10.45 -2.77
CA GLU A 391 80.76 -10.86 -3.93
C GLU A 391 79.72 -11.91 -3.57
N SER A 392 80.20 -13.07 -3.14
CA SER A 392 79.32 -14.18 -2.81
C SER A 392 79.20 -14.42 -1.32
N GLY A 393 78.81 -15.64 -0.97
CA GLY A 393 78.51 -16.00 0.41
C GLY A 393 77.54 -15.08 1.14
N PRO A 394 76.33 -14.88 0.59
CA PRO A 394 75.35 -14.07 1.31
C PRO A 394 74.99 -14.69 2.66
N LEU A 395 74.66 -15.97 2.66
CA LEU A 395 74.33 -16.68 3.89
C LEU A 395 75.40 -17.73 4.17
N LEU A 396 75.71 -17.92 5.45
CA LEU A 396 76.69 -18.92 5.84
C LEU A 396 76.11 -19.85 6.90
N ARG A 397 76.57 -21.10 6.90
CA ARG A 397 76.05 -22.11 7.82
C ARG A 397 76.29 -21.73 9.28
N ARG A 398 75.39 -22.20 10.15
CA ARG A 398 75.49 -21.90 11.58
C ARG A 398 74.69 -22.89 12.42
N ILE A 399 75.10 -23.06 13.68
CA ILE A 399 74.46 -23.96 14.61
C ILE A 399 74.29 -25.37 14.02
N ASN A 400 75.41 -25.91 13.51
CA ASN A 400 75.40 -27.24 12.94
C ASN A 400 76.15 -28.22 13.84
N MET B 1 33.40 -3.98 -34.29
CA MET B 1 33.52 -4.98 -33.23
C MET B 1 33.44 -6.39 -33.79
N SER B 2 33.83 -7.37 -32.98
CA SER B 2 33.84 -8.76 -33.41
C SER B 2 32.43 -9.33 -33.49
N ASP B 3 32.32 -10.61 -33.82
CA ASP B 3 31.03 -11.26 -33.98
C ASP B 3 30.42 -11.62 -32.63
N GLU B 4 31.26 -12.02 -31.68
CA GLU B 4 30.80 -12.42 -30.35
C GLU B 4 30.14 -11.25 -29.63
N TRP B 5 30.81 -10.11 -29.62
CA TRP B 5 30.29 -8.92 -28.96
C TRP B 5 29.01 -8.42 -29.61
N GLU B 6 28.93 -8.57 -30.93
CA GLU B 6 27.74 -8.17 -31.68
C GLU B 6 26.57 -9.08 -31.33
N GLN B 7 26.85 -10.37 -31.20
CA GLN B 7 25.82 -11.33 -30.81
C GLN B 7 25.31 -11.03 -29.41
N LEU B 8 26.24 -10.80 -28.49
CA LEU B 8 25.90 -10.40 -27.13
C LEU B 8 25.11 -9.10 -27.12
N THR B 9 25.39 -8.24 -28.09
CA THR B 9 24.70 -6.95 -28.21
C THR B 9 23.25 -7.16 -28.61
N VAL B 10 23.03 -8.00 -29.62
CA VAL B 10 21.68 -8.34 -30.06
C VAL B 10 20.90 -8.99 -28.92
N GLU B 11 21.56 -9.92 -28.23
CA GLU B 11 20.96 -10.60 -27.08
C GLU B 11 20.62 -9.61 -25.98
N LEU B 12 21.42 -8.55 -25.87
CA LEU B 12 21.18 -7.51 -24.88
C LEU B 12 19.96 -6.68 -25.24
N ARG B 13 19.89 -6.28 -26.51
CA ARG B 13 18.80 -5.43 -26.99
C ARG B 13 17.46 -6.15 -27.05
N LYS B 14 17.51 -7.49 -27.20
CA LYS B 14 16.29 -8.29 -27.22
C LYS B 14 15.55 -8.23 -25.89
N ILE B 15 16.30 -8.14 -24.81
CA ILE B 15 15.75 -8.12 -23.45
C ILE B 15 14.76 -6.97 -23.27
N PRO B 16 13.55 -7.27 -22.78
CA PRO B 16 12.50 -6.26 -22.61
C PRO B 16 12.85 -5.24 -21.53
N ARG B 17 12.15 -4.10 -21.53
CA ARG B 17 12.34 -3.10 -20.48
C ARG B 17 11.33 -3.33 -19.36
N GLY B 18 11.47 -2.58 -18.28
CA GLY B 18 10.52 -2.68 -17.18
C GLY B 18 11.13 -2.92 -15.80
N THR B 19 10.29 -2.71 -14.79
CA THR B 19 10.71 -2.82 -13.39
C THR B 19 11.13 -4.24 -13.03
N GLU B 20 10.43 -5.24 -13.58
CA GLU B 20 10.63 -6.63 -13.20
C GLU B 20 11.66 -7.37 -14.06
N ALA B 21 11.80 -6.97 -15.32
CA ALA B 21 12.69 -7.66 -16.24
C ALA B 21 14.12 -7.11 -16.17
N ALA B 22 14.36 -6.24 -15.20
CA ALA B 22 15.65 -5.56 -15.07
C ALA B 22 16.84 -6.38 -14.54
N PRO B 23 16.63 -7.25 -13.53
CA PRO B 23 17.76 -8.06 -13.06
C PRO B 23 18.40 -8.90 -14.16
N GLN B 24 17.57 -9.43 -15.06
CA GLN B 24 18.02 -10.17 -16.23
C GLN B 24 18.99 -9.32 -17.04
N TYR B 25 18.57 -8.08 -17.30
CA TYR B 25 19.36 -7.11 -18.04
C TYR B 25 20.69 -6.81 -17.34
N LEU B 26 20.64 -6.64 -16.03
CA LEU B 26 21.83 -6.35 -15.23
C LEU B 26 22.85 -7.48 -15.33
N ARG B 27 22.37 -8.71 -15.13
CA ARG B 27 23.23 -9.88 -15.19
C ARG B 27 23.82 -10.05 -16.58
N HIS B 28 23.03 -9.75 -17.62
CA HIS B 28 23.56 -9.80 -18.97
C HIS B 28 24.64 -8.74 -19.18
N LEU B 29 24.46 -7.57 -18.56
CA LEU B 29 25.48 -6.52 -18.60
C LEU B 29 26.76 -6.98 -17.92
N MET B 30 26.61 -7.76 -16.85
CA MET B 30 27.76 -8.35 -16.17
C MET B 30 28.49 -9.30 -17.10
N LYS B 31 27.72 -10.14 -17.80
CA LYS B 31 28.29 -11.08 -18.75
C LYS B 31 29.06 -10.35 -19.87
N MET B 32 28.47 -9.27 -20.37
CA MET B 32 29.12 -8.47 -21.40
C MET B 32 30.35 -7.75 -20.86
N PHE B 33 30.35 -7.47 -19.57
CA PHE B 33 31.50 -6.84 -18.92
C PHE B 33 32.67 -7.81 -18.87
N VAL B 34 32.43 -8.99 -18.31
CA VAL B 34 33.44 -10.04 -18.24
C VAL B 34 33.95 -10.43 -19.63
N ALA B 35 33.03 -10.47 -20.59
CA ALA B 35 33.37 -10.81 -21.97
C ALA B 35 34.39 -9.85 -22.58
N ASP B 36 34.17 -8.55 -22.36
CA ASP B 36 35.03 -7.53 -22.93
C ASP B 36 34.93 -6.22 -22.14
N PHE B 37 35.61 -6.17 -21.00
CA PHE B 37 35.57 -5.00 -20.12
C PHE B 37 35.95 -3.71 -20.83
N GLU B 38 36.99 -3.78 -21.65
CA GLU B 38 37.45 -2.63 -22.43
C GLU B 38 36.33 -2.01 -23.26
N THR B 39 35.75 -2.82 -24.16
CA THR B 39 34.68 -2.35 -25.04
C THR B 39 33.44 -1.96 -24.25
N ALA B 40 33.22 -2.66 -23.15
CA ALA B 40 32.07 -2.37 -22.28
C ALA B 40 32.15 -0.96 -21.71
N VAL B 41 33.33 -0.61 -21.19
CA VAL B 41 33.56 0.73 -20.67
C VAL B 41 33.58 1.75 -21.80
N SER B 42 34.03 1.32 -22.98
CA SER B 42 34.07 2.18 -24.16
C SER B 42 32.69 2.75 -24.49
N LYS B 43 31.68 1.90 -24.38
CA LYS B 43 30.30 2.32 -24.63
C LYS B 43 29.59 2.71 -23.34
N ARG B 44 30.38 2.90 -22.28
CA ARG B 44 29.87 3.29 -20.97
C ARG B 44 28.71 2.41 -20.49
N PHE B 45 28.98 1.12 -20.31
CA PHE B 45 27.97 0.18 -19.85
C PHE B 45 27.76 0.27 -18.33
N ASP B 46 28.70 0.91 -17.64
CA ASP B 46 28.55 1.17 -16.22
C ASP B 46 27.37 2.11 -16.00
N VAL B 47 27.25 3.11 -16.89
CA VAL B 47 26.14 4.06 -16.85
C VAL B 47 24.81 3.36 -17.11
N LYS B 48 24.81 2.42 -18.05
CA LYS B 48 23.60 1.67 -18.37
C LYS B 48 23.18 0.78 -17.18
N PHE B 49 24.19 0.18 -16.56
CA PHE B 49 23.99 -0.65 -15.38
C PHE B 49 23.33 0.16 -14.27
N TRP B 50 23.96 1.27 -13.91
CA TRP B 50 23.41 2.14 -12.88
C TRP B 50 22.05 2.70 -13.28
N ASN B 51 21.82 2.84 -14.58
CA ASN B 51 20.52 3.34 -15.06
C ASN B 51 19.41 2.33 -14.81
N LYS B 52 19.67 1.07 -15.11
CA LYS B 52 18.71 0.00 -14.84
C LYS B 52 18.47 -0.15 -13.34
N LEU B 53 19.56 -0.09 -12.57
CA LEU B 53 19.45 -0.24 -11.12
C LEU B 53 18.65 0.91 -10.48
N LYS B 54 19.06 2.14 -10.77
CA LYS B 54 18.37 3.33 -10.29
C LYS B 54 16.91 3.32 -10.74
N SER B 55 16.68 2.86 -11.96
CA SER B 55 15.33 2.64 -12.47
C SER B 55 14.55 1.77 -11.50
N MET B 56 15.04 0.54 -11.30
CA MET B 56 14.42 -0.41 -10.37
C MET B 56 14.08 0.23 -9.03
N MET B 57 15.09 0.81 -8.40
CA MET B 57 14.91 1.48 -7.11
C MET B 57 13.78 2.51 -7.14
N ASP B 58 13.76 3.34 -8.19
CA ASP B 58 12.76 4.38 -8.31
C ASP B 58 11.34 3.82 -8.50
N GLU B 59 11.16 2.96 -9.49
CA GLU B 59 9.86 2.38 -9.79
C GLU B 59 9.29 1.64 -8.59
N ILE B 60 10.14 0.86 -7.92
CA ILE B 60 9.71 0.08 -6.77
C ILE B 60 9.41 1.00 -5.57
N THR B 61 10.18 2.08 -5.43
CA THR B 61 9.93 3.05 -4.37
C THR B 61 8.57 3.73 -4.56
N LYS B 62 8.28 4.07 -5.81
CA LYS B 62 7.04 4.77 -6.13
C LYS B 62 5.81 3.87 -6.04
N ALA B 63 5.92 2.66 -6.57
CA ALA B 63 4.77 1.75 -6.66
C ALA B 63 4.29 1.23 -5.29
N MET B 64 5.11 1.40 -4.26
CA MET B 64 4.79 0.91 -2.93
C MET B 64 4.47 2.04 -1.94
N GLU B 65 4.04 3.19 -2.47
CA GLU B 65 3.71 4.35 -1.65
C GLU B 65 4.81 4.76 -0.68
N ASN B 66 6.06 4.63 -1.13
CA ASN B 66 7.22 4.99 -0.32
C ASN B 66 7.28 4.25 1.02
N ASP B 67 7.13 2.93 0.96
CA ASP B 67 7.25 2.10 2.14
C ASP B 67 8.72 1.89 2.48
N ARG B 68 9.04 1.93 3.77
CA ARG B 68 10.43 1.82 4.23
C ARG B 68 11.01 0.41 4.05
N LEU B 69 10.20 -0.60 4.36
CA LEU B 69 10.65 -1.98 4.31
C LEU B 69 11.04 -2.39 2.89
N VAL B 70 10.22 -1.98 1.93
CA VAL B 70 10.49 -2.27 0.52
C VAL B 70 11.75 -1.52 0.08
N ASN B 71 11.85 -0.26 0.51
CA ASN B 71 13.00 0.59 0.24
C ASN B 71 14.32 -0.07 0.62
N HIS B 72 14.42 -0.44 1.90
CA HIS B 72 15.62 -1.12 2.40
C HIS B 72 15.97 -2.35 1.58
N ASN B 73 14.95 -3.15 1.26
CA ASN B 73 15.12 -4.37 0.49
C ASN B 73 15.76 -4.10 -0.86
N VAL B 74 15.12 -3.24 -1.65
CA VAL B 74 15.63 -2.93 -2.99
C VAL B 74 17.01 -2.25 -2.92
N GLN B 75 17.25 -1.49 -1.87
CA GLN B 75 18.53 -0.82 -1.65
C GLN B 75 19.65 -1.83 -1.46
N ASN B 76 19.45 -2.77 -0.54
CA ASN B 76 20.43 -3.82 -0.29
C ASN B 76 20.64 -4.68 -1.53
N LEU B 77 19.57 -4.93 -2.27
CA LEU B 77 19.69 -5.64 -3.56
C LEU B 77 20.65 -4.89 -4.48
N ALA B 78 20.44 -3.57 -4.57
CA ALA B 78 21.30 -2.70 -5.36
C ALA B 78 22.76 -2.81 -4.95
N ILE B 79 23.02 -2.67 -3.65
CA ILE B 79 24.37 -2.79 -3.09
C ILE B 79 25.02 -4.10 -3.52
N GLY B 80 24.25 -5.19 -3.39
CA GLY B 80 24.72 -6.49 -3.83
C GLY B 80 25.12 -6.51 -5.28
N PHE B 81 24.22 -6.05 -6.15
CA PHE B 81 24.49 -6.03 -7.59
C PHE B 81 25.76 -5.24 -7.94
N LEU B 82 25.88 -4.03 -7.40
CA LEU B 82 27.02 -3.18 -7.72
C LEU B 82 28.34 -3.76 -7.21
N THR B 83 28.34 -4.21 -5.96
CA THR B 83 29.52 -4.84 -5.37
C THR B 83 29.97 -6.03 -6.22
N ASP B 84 29.01 -6.87 -6.58
CA ASP B 84 29.31 -8.03 -7.40
C ASP B 84 29.81 -7.64 -8.79
N LEU B 85 29.34 -6.50 -9.30
CA LEU B 85 29.85 -5.98 -10.56
C LEU B 85 31.33 -5.64 -10.44
N SER B 86 31.67 -4.86 -9.42
CA SER B 86 33.06 -4.47 -9.19
C SER B 86 33.97 -5.70 -9.04
N LEU B 87 33.54 -6.64 -8.20
CA LEU B 87 34.32 -7.85 -7.96
C LEU B 87 34.46 -8.73 -9.20
N LEU B 88 33.39 -8.82 -9.98
CA LEU B 88 33.42 -9.59 -11.22
C LEU B 88 34.38 -8.96 -12.22
N VAL B 89 34.46 -7.63 -12.22
CA VAL B 89 35.43 -6.94 -13.06
C VAL B 89 36.86 -7.22 -12.60
N HIS B 90 37.09 -7.13 -11.29
CA HIS B 90 38.40 -7.40 -10.73
C HIS B 90 38.86 -8.84 -11.00
N TYR B 91 37.92 -9.77 -10.90
CA TYR B 91 38.18 -11.19 -11.05
C TYR B 91 38.80 -11.56 -12.39
N HIS B 92 38.50 -10.77 -13.42
CA HIS B 92 38.91 -11.11 -14.78
C HIS B 92 39.96 -10.17 -15.39
N TYR B 93 40.05 -8.94 -14.88
CA TYR B 93 40.97 -7.96 -15.45
C TYR B 93 41.90 -7.33 -14.43
N GLU B 94 43.14 -7.09 -14.84
CA GLU B 94 44.15 -6.51 -13.95
C GLU B 94 43.87 -5.04 -13.66
N ILE B 95 42.92 -4.78 -12.76
CA ILE B 95 42.58 -3.41 -12.40
C ILE B 95 43.59 -2.85 -11.43
N PRO B 96 44.25 -1.75 -11.83
CA PRO B 96 45.28 -1.09 -11.03
C PRO B 96 44.78 -0.67 -9.65
N ASN B 97 45.68 -0.65 -8.67
CA ASN B 97 45.35 -0.15 -7.34
C ASN B 97 45.20 1.36 -7.37
N TYR B 98 44.16 1.86 -6.72
CA TYR B 98 43.92 3.30 -6.68
C TYR B 98 43.92 3.85 -5.25
N GLY B 99 44.42 3.04 -4.31
CA GLY B 99 44.51 3.45 -2.92
C GLY B 99 44.02 2.38 -1.96
N ASN B 100 44.81 2.11 -0.93
CA ASN B 100 44.44 1.12 0.08
C ASN B 100 43.38 1.63 1.04
N ASP B 101 42.98 2.89 0.87
CA ASP B 101 41.89 3.44 1.64
C ASP B 101 40.56 3.00 1.03
N ILE B 102 40.61 2.56 -0.22
CA ILE B 102 39.43 2.06 -0.90
C ILE B 102 38.96 0.75 -0.26
N SER B 103 37.67 0.67 0.02
CA SER B 103 37.07 -0.52 0.65
C SER B 103 37.40 -1.79 -0.12
N LYS B 104 37.88 -2.80 0.61
CA LYS B 104 38.34 -4.04 0.00
C LYS B 104 37.20 -4.94 -0.46
N GLN B 105 35.98 -4.61 -0.04
CA GLN B 105 34.81 -5.38 -0.45
C GLN B 105 34.53 -5.21 -1.93
N LEU B 106 34.95 -4.08 -2.49
CA LEU B 106 34.83 -3.83 -3.91
C LEU B 106 36.13 -4.22 -4.59
N THR B 107 37.19 -4.31 -3.80
CA THR B 107 38.54 -4.43 -4.33
C THR B 107 39.16 -5.82 -4.17
N TRP B 108 39.07 -6.37 -2.95
CA TRP B 108 39.86 -7.52 -2.55
C TRP B 108 41.34 -7.21 -2.68
N THR B 109 42.15 -8.24 -2.93
CA THR B 109 43.59 -8.07 -3.05
C THR B 109 44.09 -8.81 -4.29
N PRO B 110 45.24 -8.41 -4.83
CA PRO B 110 45.79 -9.11 -6.00
C PRO B 110 46.16 -10.56 -5.71
N ASP B 111 46.22 -10.93 -4.42
CA ASP B 111 46.65 -12.27 -4.03
C ASP B 111 45.60 -13.35 -4.26
N VAL B 112 44.35 -12.94 -4.55
CA VAL B 112 43.26 -13.89 -4.64
C VAL B 112 42.81 -14.23 -6.06
N PHE B 113 43.48 -13.64 -7.06
CA PHE B 113 43.12 -13.88 -8.45
C PHE B 113 44.21 -14.68 -9.17
N LEU B 114 43.81 -15.40 -10.22
CA LEU B 114 44.74 -16.24 -10.97
C LEU B 114 45.18 -15.60 -12.27
N ASN B 115 44.54 -15.99 -13.37
CA ASN B 115 44.91 -15.51 -14.69
C ASN B 115 43.99 -14.41 -15.19
N ARG B 116 44.41 -13.16 -14.98
CA ARG B 116 43.62 -12.02 -15.39
C ARG B 116 44.15 -11.42 -16.69
N LYS B 117 43.24 -11.04 -17.58
CA LYS B 117 43.60 -10.34 -18.79
C LYS B 117 44.18 -8.96 -18.43
N PRO B 118 45.30 -8.59 -19.05
CA PRO B 118 45.92 -7.30 -18.74
C PRO B 118 45.09 -6.13 -19.26
N ILE B 119 45.07 -5.02 -18.51
CA ILE B 119 44.40 -3.81 -18.96
C ILE B 119 45.18 -3.17 -20.11
N LYS B 120 44.48 -2.87 -21.20
CA LYS B 120 45.11 -2.28 -22.38
C LYS B 120 45.23 -0.76 -22.27
N SER B 121 44.13 -0.12 -21.89
CA SER B 121 44.09 1.34 -21.75
C SER B 121 43.55 1.74 -20.38
N LYS B 122 44.38 2.46 -19.62
CA LYS B 122 44.08 2.76 -18.22
C LYS B 122 42.93 3.74 -18.00
N LYS B 123 42.62 4.53 -19.02
CA LYS B 123 41.53 5.50 -18.93
C LYS B 123 40.22 4.80 -18.58
N ASN B 124 39.97 3.68 -19.25
CA ASN B 124 38.80 2.85 -18.98
C ASN B 124 38.69 2.44 -17.52
N SER B 125 39.80 1.91 -16.97
CA SER B 125 39.82 1.45 -15.59
C SER B 125 39.62 2.61 -14.61
N ARG B 126 40.22 3.75 -14.91
CA ARG B 126 40.08 4.94 -14.06
C ARG B 126 38.62 5.40 -14.00
N VAL B 127 38.05 5.67 -15.18
CA VAL B 127 36.66 6.11 -15.26
C VAL B 127 35.70 5.10 -14.63
N PHE B 128 35.94 3.82 -14.90
CA PHE B 128 35.09 2.75 -14.37
C PHE B 128 35.13 2.70 -12.84
N MET B 129 36.33 2.61 -12.28
CA MET B 129 36.50 2.55 -10.83
C MET B 129 35.89 3.77 -10.15
N ALA B 130 36.16 4.94 -10.70
CA ALA B 130 35.60 6.18 -10.17
C ALA B 130 34.08 6.17 -10.19
N TYR B 131 33.50 5.65 -11.28
CA TYR B 131 32.05 5.60 -11.43
C TYR B 131 31.42 4.64 -10.42
N VAL B 132 31.99 3.44 -10.32
CA VAL B 132 31.53 2.45 -9.36
C VAL B 132 31.56 3.01 -7.93
N LEU B 133 32.67 3.65 -7.58
CA LEU B 133 32.80 4.29 -6.27
C LEU B 133 31.74 5.37 -6.07
N LEU B 134 31.49 6.16 -7.12
CA LEU B 134 30.47 7.20 -7.09
C LEU B 134 29.11 6.62 -6.75
N ARG B 135 28.72 5.57 -7.47
CA ARG B 135 27.40 4.99 -7.29
C ARG B 135 27.24 4.23 -5.98
N MET B 136 28.32 3.62 -5.49
CA MET B 136 28.32 3.03 -4.16
C MET B 136 28.11 4.15 -3.14
N GLY B 137 28.67 5.31 -3.43
CA GLY B 137 28.45 6.49 -2.61
C GLY B 137 26.99 6.87 -2.57
N ASP B 138 26.36 6.89 -3.75
CA ASP B 138 24.92 7.16 -3.85
C ASP B 138 24.12 6.16 -3.00
N LEU B 139 24.48 4.89 -3.12
CA LEU B 139 23.79 3.83 -2.39
C LEU B 139 23.92 4.01 -0.88
N MET B 140 25.12 4.38 -0.44
CA MET B 140 25.33 4.64 0.98
C MET B 140 24.53 5.86 1.45
N ARG B 141 24.36 6.83 0.55
CA ARG B 141 23.59 8.02 0.90
C ARG B 141 22.11 7.70 1.05
N TYR B 142 21.61 6.83 0.17
CA TYR B 142 20.23 6.39 0.23
C TYR B 142 19.94 5.65 1.53
N LYS B 143 20.95 4.93 2.03
CA LYS B 143 20.80 4.12 3.23
C LYS B 143 21.09 4.94 4.49
N GLU B 144 21.28 6.24 4.30
CA GLU B 144 21.54 7.18 5.39
C GLU B 144 22.80 6.87 6.19
N ASN B 145 23.81 6.32 5.54
CA ASN B 145 25.15 6.23 6.13
C ASN B 145 26.04 7.29 5.49
N TYR B 146 25.91 8.52 5.95
CA TYR B 146 26.61 9.66 5.36
C TYR B 146 28.15 9.62 5.40
N PRO B 147 28.76 9.16 6.52
CA PRO B 147 30.23 9.06 6.52
C PRO B 147 30.78 8.17 5.40
N LYS B 148 30.29 6.93 5.33
CA LYS B 148 30.71 6.01 4.28
C LYS B 148 30.49 6.61 2.90
N ALA B 149 29.31 7.18 2.69
CA ALA B 149 28.98 7.85 1.43
C ALA B 149 30.03 8.91 1.09
N GLN B 150 30.44 9.68 2.10
CA GLN B 150 31.45 10.71 1.90
C GLN B 150 32.80 10.10 1.55
N GLU B 151 33.14 8.97 2.17
CA GLU B 151 34.38 8.27 1.85
C GLU B 151 34.39 7.83 0.37
N TYR B 152 33.34 7.11 -0.03
CA TYR B 152 33.19 6.66 -1.41
C TYR B 152 33.26 7.85 -2.38
N TYR B 153 32.57 8.92 -2.04
CA TYR B 153 32.54 10.14 -2.86
C TYR B 153 33.92 10.77 -3.03
N GLU B 154 34.65 10.91 -1.93
CA GLU B 154 35.98 11.52 -1.97
C GLU B 154 36.95 10.66 -2.75
N GLN B 155 36.87 9.34 -2.57
CA GLN B 155 37.69 8.42 -3.34
C GLN B 155 37.40 8.56 -4.83
N SER B 156 36.12 8.50 -5.19
CA SER B 156 35.67 8.67 -6.57
C SER B 156 36.18 9.97 -7.17
N CYS B 157 36.07 11.06 -6.41
CA CYS B 157 36.54 12.36 -6.84
C CYS B 157 38.04 12.36 -7.09
N ARG B 158 38.78 11.67 -6.22
CA ARG B 158 40.23 11.59 -6.37
C ARG B 158 40.62 10.82 -7.62
N ILE B 159 39.94 9.70 -7.87
CA ILE B 159 40.26 8.86 -9.02
C ILE B 159 39.98 9.58 -10.33
N ASN B 160 38.80 10.18 -10.43
CA ASN B 160 38.43 10.96 -11.60
C ASN B 160 37.66 12.22 -11.24
N PRO B 161 38.37 13.36 -11.13
CA PRO B 161 37.78 14.66 -10.82
C PRO B 161 37.04 15.25 -12.01
N ALA B 162 37.24 14.67 -13.19
CA ALA B 162 36.68 15.22 -14.42
C ALA B 162 35.18 14.95 -14.57
N ASP B 163 34.60 14.23 -13.62
CA ASP B 163 33.16 13.96 -13.64
C ASP B 163 32.45 14.85 -12.63
N GLY B 164 31.71 15.83 -13.13
CA GLY B 164 31.03 16.81 -12.28
C GLY B 164 30.00 16.21 -11.34
N ALA B 165 29.48 15.06 -11.70
CA ALA B 165 28.50 14.36 -10.88
C ALA B 165 29.03 14.16 -9.46
N VAL B 166 30.28 13.72 -9.35
CA VAL B 166 30.89 13.45 -8.06
C VAL B 166 30.92 14.71 -7.19
N TRP B 167 31.36 15.81 -7.79
CA TRP B 167 31.37 17.10 -7.11
C TRP B 167 29.97 17.49 -6.62
N ASN B 168 28.97 17.26 -7.47
CA ASN B 168 27.58 17.54 -7.10
C ASN B 168 27.13 16.72 -5.90
N GLN B 169 27.44 15.42 -5.92
CA GLN B 169 27.08 14.53 -4.82
C GLN B 169 27.77 14.96 -3.52
N LEU B 170 29.04 15.35 -3.63
CA LEU B 170 29.78 15.90 -2.50
C LEU B 170 29.05 17.14 -1.96
N GLY B 171 28.52 17.94 -2.88
CA GLY B 171 27.72 19.08 -2.52
C GLY B 171 26.49 18.69 -1.73
N LEU B 172 25.83 17.62 -2.17
CA LEU B 172 24.65 17.11 -1.48
C LEU B 172 25.01 16.69 -0.06
N ILE B 173 26.11 15.97 0.09
CA ILE B 173 26.58 15.55 1.41
C ILE B 173 26.85 16.75 2.31
N SER B 174 27.50 17.77 1.76
CA SER B 174 27.77 19.00 2.51
C SER B 174 26.48 19.69 2.94
N SER B 175 25.48 19.70 2.07
CA SER B 175 24.20 20.32 2.39
C SER B 175 23.48 19.55 3.49
N LEU B 176 23.62 18.22 3.46
CA LEU B 176 23.01 17.38 4.48
C LEU B 176 23.59 17.66 5.86
N GLY B 177 24.89 17.94 5.90
CA GLY B 177 25.58 18.23 7.16
C GLY B 177 25.50 19.69 7.55
N ALA B 178 24.57 20.42 6.93
CA ALA B 178 24.35 21.84 7.20
C ALA B 178 25.56 22.72 6.92
N LYS B 179 26.51 22.20 6.14
CA LYS B 179 27.68 22.97 5.74
C LYS B 179 27.41 23.63 4.39
N ASN B 180 26.80 24.80 4.42
CA ASN B 180 26.35 25.47 3.22
C ASN B 180 27.47 26.01 2.31
N LEU B 181 28.53 26.53 2.92
CA LEU B 181 29.64 27.10 2.16
C LEU B 181 30.31 26.06 1.27
N GLU B 182 30.74 24.97 1.89
CA GLU B 182 31.34 23.84 1.20
C GLU B 182 30.39 23.29 0.14
N SER B 183 29.10 23.33 0.43
CA SER B 183 28.08 22.89 -0.50
C SER B 183 28.10 23.76 -1.75
N VAL B 184 28.15 25.08 -1.55
CA VAL B 184 28.24 26.02 -2.66
C VAL B 184 29.48 25.75 -3.50
N TYR B 185 30.62 25.60 -2.84
CA TYR B 185 31.88 25.30 -3.53
C TYR B 185 31.79 24.05 -4.39
N PHE B 186 31.32 22.96 -3.78
CA PHE B 186 31.19 21.68 -4.47
C PHE B 186 30.22 21.75 -5.66
N HIS B 187 29.06 22.37 -5.46
CA HIS B 187 28.09 22.53 -6.53
C HIS B 187 28.68 23.34 -7.68
N THR B 188 29.49 24.34 -7.34
CA THR B 188 30.17 25.16 -8.34
C THR B 188 31.15 24.31 -9.15
N ARG B 189 31.96 23.53 -8.45
CA ARG B 189 32.90 22.61 -9.11
C ARG B 189 32.17 21.66 -10.04
N ALA B 190 31.02 21.18 -9.60
CA ALA B 190 30.17 20.33 -10.41
C ALA B 190 29.70 21.06 -11.65
N LEU B 191 29.38 22.34 -11.49
CA LEU B 191 28.88 23.15 -12.59
C LEU B 191 29.94 23.36 -13.66
N HIS B 192 31.19 23.55 -13.23
CA HIS B 192 32.25 23.88 -14.16
C HIS B 192 33.32 22.79 -14.32
N ALA B 193 32.95 21.55 -14.02
CA ALA B 193 33.88 20.43 -14.18
C ALA B 193 34.12 20.13 -15.65
N THR B 194 34.94 19.12 -15.93
CA THR B 194 35.27 18.77 -17.30
C THR B 194 34.09 18.07 -17.98
N MET B 195 33.25 17.42 -17.19
CA MET B 195 32.04 16.79 -17.71
C MET B 195 30.84 17.74 -17.68
N GLU B 196 30.90 18.72 -16.78
CA GLU B 196 29.84 19.70 -16.59
C GLU B 196 28.48 19.09 -16.24
N PHE B 197 28.17 19.12 -14.94
CA PHE B 197 26.91 18.63 -14.41
C PHE B 197 25.96 19.81 -14.20
N PRO B 198 25.12 20.11 -15.21
CA PRO B 198 24.33 21.34 -15.26
C PRO B 198 23.31 21.46 -14.13
N THR B 199 22.76 20.34 -13.67
CA THR B 199 21.74 20.35 -12.63
C THR B 199 22.20 21.08 -11.37
N ALA B 200 23.51 21.00 -11.11
CA ALA B 200 24.13 21.69 -9.99
C ALA B 200 23.73 23.16 -9.91
N SER B 201 23.54 23.78 -11.08
CA SER B 201 23.08 25.16 -11.16
C SER B 201 21.89 25.38 -10.25
N GLY B 202 20.84 24.58 -10.48
CA GLY B 202 19.64 24.63 -9.66
C GLY B 202 19.99 24.61 -8.18
N GLY B 203 20.81 23.64 -7.80
CA GLY B 203 21.27 23.51 -6.43
C GLY B 203 21.81 24.81 -5.90
N LEU B 204 22.76 25.39 -6.63
CA LEU B 204 23.37 26.66 -6.26
C LEU B 204 22.29 27.70 -6.03
N THR B 205 21.36 27.80 -6.97
CA THR B 205 20.29 28.77 -6.88
C THR B 205 19.54 28.56 -5.56
N ASN B 206 19.21 27.30 -5.29
CA ASN B 206 18.47 26.94 -4.08
C ASN B 206 19.16 27.46 -2.83
N ILE B 207 20.49 27.46 -2.83
CA ILE B 207 21.22 27.92 -1.68
C ILE B 207 21.19 29.45 -1.64
N PHE B 208 21.41 30.07 -2.80
CA PHE B 208 21.45 31.52 -2.90
C PHE B 208 20.18 32.14 -2.35
N LYS B 209 19.04 31.58 -2.76
CA LYS B 209 17.73 32.07 -2.32
C LYS B 209 17.61 32.08 -0.80
N ASN B 210 18.24 31.11 -0.15
CA ASN B 210 18.15 30.97 1.29
C ASN B 210 19.06 31.93 2.05
N PHE B 211 19.83 32.73 1.33
CA PHE B 211 20.79 33.62 1.96
C PHE B 211 20.70 35.08 1.48
N ALA B 212 20.20 35.27 0.27
CA ALA B 212 20.15 36.60 -0.34
C ALA B 212 19.29 37.58 0.46
N ASN B 213 18.33 37.06 1.20
CA ASN B 213 17.41 37.92 1.95
C ASN B 213 17.63 37.87 3.47
N ARG B 214 18.89 37.87 3.88
CA ARG B 214 19.21 37.93 5.30
C ARG B 214 19.65 39.33 5.68
N ASP B 215 19.29 39.76 6.89
CA ASP B 215 19.65 41.09 7.37
C ASP B 215 21.16 41.19 7.52
N ILE B 216 21.82 41.62 6.45
CA ILE B 216 23.28 41.77 6.44
C ILE B 216 23.77 42.73 7.52
N SER B 217 22.96 43.72 7.85
CA SER B 217 23.30 44.69 8.88
C SER B 217 23.48 44.02 10.24
N ARG B 218 22.70 42.96 10.47
CA ARG B 218 22.74 42.23 11.72
C ARG B 218 24.01 41.37 11.84
N PRO B 219 24.45 41.09 13.08
CA PRO B 219 25.63 40.24 13.32
C PRO B 219 25.46 38.82 12.81
N MET B 220 26.54 38.25 12.29
CA MET B 220 26.53 36.88 11.77
C MET B 220 27.97 36.42 11.54
N PRO B 221 28.19 35.10 11.51
CA PRO B 221 29.52 34.54 11.17
C PRO B 221 29.97 34.96 9.77
N ILE B 222 31.27 34.95 9.54
CA ILE B 222 31.87 35.42 8.28
C ILE B 222 31.37 34.67 7.04
N LYS B 223 31.38 33.34 7.12
CA LYS B 223 30.98 32.49 5.99
C LYS B 223 29.56 32.78 5.54
N ASP B 224 28.67 32.94 6.51
CA ASP B 224 27.28 33.26 6.23
C ASP B 224 27.16 34.61 5.54
N LEU B 225 27.99 35.55 5.98
CA LEU B 225 28.03 36.87 5.36
C LEU B 225 28.44 36.74 3.90
N TYR B 226 29.47 35.93 3.64
CA TYR B 226 29.89 35.66 2.27
C TYR B 226 28.75 35.07 1.45
N LEU B 227 28.00 34.16 2.06
CA LEU B 227 26.89 33.51 1.37
C LEU B 227 25.79 34.51 0.99
N SER B 228 25.37 35.31 1.97
CA SER B 228 24.34 36.33 1.73
C SER B 228 24.79 37.35 0.67
N CYS B 229 26.05 37.75 0.73
CA CYS B 229 26.56 38.75 -0.22
C CYS B 229 26.71 38.20 -1.63
N LEU B 230 27.22 36.98 -1.76
CA LEU B 230 27.31 36.30 -3.04
C LEU B 230 25.92 36.12 -3.62
N GLY B 231 24.97 35.78 -2.75
CA GLY B 231 23.59 35.64 -3.14
C GLY B 231 22.99 36.94 -3.65
N ARG B 232 23.35 38.05 -3.00
CA ARG B 232 22.87 39.36 -3.44
C ARG B 232 23.54 39.79 -4.73
N ILE B 233 24.74 39.28 -4.99
CA ILE B 233 25.42 39.55 -6.25
C ILE B 233 24.71 38.80 -7.39
N HIS B 234 24.36 37.55 -7.12
CA HIS B 234 23.72 36.68 -8.12
C HIS B 234 22.37 37.22 -8.58
N PHE B 235 21.55 37.65 -7.62
CA PHE B 235 20.20 38.11 -7.93
C PHE B 235 20.12 39.61 -8.20
N LEU B 236 21.28 40.21 -8.45
CA LEU B 236 21.37 41.62 -8.79
C LEU B 236 20.72 42.53 -7.74
N LEU B 237 20.96 42.21 -6.48
CA LEU B 237 20.41 43.00 -5.38
C LEU B 237 21.47 43.91 -4.77
N GLU B 238 21.03 45.01 -4.17
CA GLU B 238 21.93 45.98 -3.57
C GLU B 238 22.46 45.48 -2.22
N ILE B 239 23.79 45.45 -2.08
CA ILE B 239 24.41 45.05 -0.83
C ILE B 239 24.40 46.21 0.16
N GLU B 240 23.62 46.02 1.23
CA GLU B 240 23.33 47.06 2.23
C GLU B 240 24.44 48.08 2.50
N ASP B 241 25.41 47.69 3.30
CA ASP B 241 26.50 48.61 3.69
C ASP B 241 27.64 48.57 2.67
N SER B 242 27.78 47.43 2.00
CA SER B 242 28.81 47.25 0.96
C SER B 242 30.24 47.35 1.48
N SER B 243 30.75 48.58 1.58
CA SER B 243 32.15 48.87 1.91
C SER B 243 32.78 47.95 2.96
N VAL B 244 32.31 48.07 4.21
CA VAL B 244 32.84 47.30 5.32
C VAL B 244 32.70 45.79 5.08
N HIS B 245 31.47 45.38 4.75
CA HIS B 245 31.16 43.98 4.51
C HIS B 245 32.01 43.36 3.40
N LEU B 246 32.06 44.02 2.25
CA LEU B 246 32.86 43.54 1.13
C LEU B 246 34.34 43.48 1.50
N GLN B 247 34.80 44.47 2.26
CA GLN B 247 36.18 44.49 2.71
C GLN B 247 36.52 43.25 3.54
N LYS B 248 35.75 43.03 4.60
CA LYS B 248 35.96 41.89 5.48
C LYS B 248 35.87 40.58 4.71
N ILE B 249 34.88 40.50 3.82
CA ILE B 249 34.66 39.30 3.01
C ILE B 249 35.86 39.00 2.11
N GLY B 250 36.39 40.02 1.46
CA GLY B 250 37.58 39.86 0.64
C GLY B 250 38.76 39.41 1.48
N GLU B 251 38.93 40.05 2.63
CA GLU B 251 39.99 39.71 3.57
C GLU B 251 39.96 38.23 3.96
N GLU B 252 38.75 37.70 4.13
CA GLU B 252 38.59 36.28 4.46
C GLU B 252 38.78 35.39 3.24
N ALA B 253 38.34 35.88 2.08
CA ALA B 253 38.38 35.13 0.85
C ALA B 253 39.80 35.00 0.31
N ALA B 254 40.71 35.79 0.85
CA ALA B 254 42.12 35.71 0.48
C ALA B 254 42.74 34.34 0.78
N THR B 255 42.11 33.58 1.69
CA THR B 255 42.70 32.32 2.15
C THR B 255 41.81 31.10 1.93
N SER B 256 40.74 31.24 1.17
CA SER B 256 39.80 30.14 0.99
C SER B 256 39.30 29.98 -0.46
N LYS B 257 39.61 28.83 -1.05
CA LYS B 257 39.16 28.49 -2.40
C LYS B 257 37.64 28.38 -2.45
N GLU B 258 37.04 28.09 -1.30
CA GLU B 258 35.59 27.86 -1.22
C GLU B 258 34.79 29.16 -1.31
N MET B 259 35.52 30.27 -1.47
CA MET B 259 34.92 31.57 -1.70
C MET B 259 35.35 32.09 -3.07
N ILE B 260 36.60 31.83 -3.42
CA ILE B 260 37.16 32.29 -4.69
C ILE B 260 36.53 31.57 -5.88
N VAL B 261 36.48 30.24 -5.82
CA VAL B 261 35.89 29.45 -6.90
C VAL B 261 34.42 29.79 -7.21
N PRO B 262 33.56 29.85 -6.18
CA PRO B 262 32.16 30.24 -6.47
C PRO B 262 32.06 31.66 -7.02
N LEU B 263 33.00 32.53 -6.63
CA LEU B 263 32.99 33.91 -7.08
C LEU B 263 33.32 34.01 -8.56
N MET B 264 34.25 33.15 -9.02
CA MET B 264 34.60 33.09 -10.45
C MET B 264 33.39 32.74 -11.30
N SER B 265 32.66 31.71 -10.88
CA SER B 265 31.50 31.23 -11.61
C SER B 265 30.44 32.31 -11.76
N VAL B 266 30.09 32.95 -10.64
CA VAL B 266 29.11 34.03 -10.65
C VAL B 266 29.61 35.20 -11.51
N TYR B 267 30.91 35.45 -11.46
CA TYR B 267 31.52 36.52 -12.25
C TYR B 267 31.42 36.25 -13.75
N LYS B 268 31.81 35.04 -14.16
CA LYS B 268 31.79 34.66 -15.57
C LYS B 268 30.39 34.72 -16.16
N HIS B 269 29.40 34.26 -15.39
CA HIS B 269 28.01 34.33 -15.81
C HIS B 269 27.55 35.77 -15.93
N LEU B 270 27.84 36.56 -14.90
CA LEU B 270 27.46 37.97 -14.87
C LEU B 270 28.20 38.78 -15.93
N GLU B 271 29.40 38.31 -16.29
CA GLU B 271 30.28 39.03 -17.19
C GLU B 271 29.60 39.49 -18.47
N ASP B 272 28.96 40.66 -18.39
CA ASP B 272 28.28 41.27 -19.53
C ASP B 272 28.09 42.75 -19.29
N GLY B 273 26.91 43.26 -19.62
CA GLY B 273 26.63 44.68 -19.46
C GLY B 273 25.16 45.02 -19.27
N THR B 274 24.83 45.53 -18.10
CA THR B 274 23.48 46.01 -17.81
C THR B 274 23.60 47.08 -16.73
N GLU B 275 22.49 47.74 -16.40
CA GLU B 275 22.48 48.76 -15.36
C GLU B 275 22.73 48.16 -13.98
N LEU B 276 22.37 46.89 -13.82
CA LEU B 276 22.53 46.20 -12.55
C LEU B 276 23.76 45.30 -12.57
N GLU B 277 24.00 44.66 -13.71
CA GLU B 277 25.17 43.81 -13.90
C GLU B 277 26.46 44.57 -13.63
N GLN B 278 26.48 45.85 -13.99
CA GLN B 278 27.63 46.70 -13.72
C GLN B 278 27.89 46.81 -12.22
N ARG B 279 26.84 47.07 -11.45
CA ARG B 279 26.92 47.18 -10.01
C ARG B 279 27.42 45.88 -9.38
N ALA B 280 26.82 44.77 -9.80
CA ALA B 280 27.21 43.45 -9.29
C ALA B 280 28.68 43.15 -9.57
N VAL B 281 29.09 43.36 -10.82
CA VAL B 281 30.47 43.15 -11.23
C VAL B 281 31.42 44.04 -10.42
N GLU B 282 30.95 45.23 -10.06
CA GLU B 282 31.75 46.14 -9.22
C GLU B 282 31.90 45.61 -7.79
N TYR B 283 30.83 45.05 -7.24
CA TYR B 283 30.89 44.37 -5.95
C TYR B 283 31.98 43.28 -6.00
N VAL B 284 31.84 42.42 -7.01
CA VAL B 284 32.81 41.36 -7.26
C VAL B 284 34.24 41.89 -7.33
N LYS B 285 34.39 43.03 -8.00
CA LYS B 285 35.70 43.67 -8.15
C LYS B 285 36.26 44.08 -6.80
N THR B 286 35.42 44.66 -5.95
CA THR B 286 35.83 45.05 -4.61
C THR B 286 36.36 43.85 -3.83
N ILE B 287 35.52 42.82 -3.71
CA ILE B 287 35.92 41.61 -2.97
C ILE B 287 37.22 41.01 -3.51
N TRP B 288 37.23 40.79 -4.82
CA TRP B 288 38.35 40.22 -5.55
C TRP B 288 39.66 40.97 -5.27
N CYS B 289 39.63 42.28 -5.44
CA CYS B 289 40.81 43.11 -5.24
C CYS B 289 41.30 43.09 -3.79
N THR B 290 40.35 43.16 -2.85
CA THR B 290 40.71 43.07 -1.43
C THR B 290 41.46 41.77 -1.15
N ALA B 291 40.89 40.67 -1.63
CA ALA B 291 41.51 39.35 -1.49
C ALA B 291 42.91 39.32 -2.11
N TYR B 292 43.03 39.91 -3.30
CA TYR B 292 44.31 39.96 -4.01
C TYR B 292 45.37 40.68 -3.17
N ARG B 293 45.01 41.83 -2.62
CA ARG B 293 45.89 42.59 -1.75
C ARG B 293 46.34 41.77 -0.54
N SER B 294 45.38 41.29 0.23
CA SER B 294 45.68 40.53 1.44
C SER B 294 46.57 39.32 1.17
N LEU B 295 46.22 38.55 0.14
CA LEU B 295 46.99 37.37 -0.23
C LEU B 295 48.42 37.73 -0.65
N LEU B 296 48.54 38.79 -1.45
CA LEU B 296 49.85 39.29 -1.85
C LEU B 296 50.71 39.59 -0.62
N LYS B 297 50.13 40.32 0.33
CA LYS B 297 50.85 40.67 1.56
C LYS B 297 51.30 39.43 2.32
N THR B 298 50.38 38.47 2.47
CA THR B 298 50.68 37.25 3.21
C THR B 298 51.81 36.45 2.57
N LEU B 299 51.71 36.21 1.27
CA LEU B 299 52.75 35.53 0.52
C LEU B 299 54.09 36.25 0.64
N ASP B 300 54.05 37.59 0.56
CA ASP B 300 55.26 38.39 0.69
C ASP B 300 55.91 38.18 2.05
N ASP B 301 55.09 38.20 3.11
CA ASP B 301 55.58 37.95 4.45
C ASP B 301 56.13 36.53 4.61
N TYR B 302 55.60 35.59 3.84
CA TYR B 302 56.10 34.22 3.85
C TYR B 302 57.45 34.15 3.13
N LYS B 303 57.65 35.06 2.18
CA LYS B 303 58.96 35.18 1.54
C LYS B 303 59.94 35.80 2.53
N GLU B 304 59.45 36.70 3.37
CA GLU B 304 60.26 37.35 4.38
C GLU B 304 60.82 36.35 5.40
N GLU B 305 59.95 35.49 5.91
CA GLU B 305 60.33 34.52 6.95
C GLU B 305 60.91 33.23 6.37
N SER B 306 61.39 33.31 5.13
CA SER B 306 62.08 32.21 4.47
C SER B 306 61.35 30.87 4.50
N LYS B 307 60.03 30.91 4.40
CA LYS B 307 59.25 29.69 4.26
C LYS B 307 59.57 29.03 2.93
N LYS B 308 59.74 27.71 2.94
CA LYS B 308 59.96 26.97 1.70
C LYS B 308 58.74 27.15 0.81
N LEU B 309 58.96 27.19 -0.50
CA LEU B 309 57.86 27.43 -1.45
C LEU B 309 56.84 26.30 -1.37
N ALA B 310 57.33 25.07 -1.22
CA ALA B 310 56.46 23.90 -1.12
C ALA B 310 55.58 23.93 0.13
N ASP B 311 55.89 24.84 1.05
CA ASP B 311 55.12 24.99 2.27
C ASP B 311 53.87 25.85 2.04
N VAL B 312 53.70 26.31 0.81
CA VAL B 312 52.51 27.09 0.46
C VAL B 312 51.97 26.79 -0.93
N PRO B 313 51.53 25.54 -1.17
CA PRO B 313 51.05 25.18 -2.51
C PRO B 313 49.65 25.72 -2.76
N HIS B 314 48.73 25.48 -1.82
CA HIS B 314 47.35 25.89 -1.94
C HIS B 314 47.23 27.41 -2.02
N LEU B 315 48.09 28.10 -1.28
CA LEU B 315 48.07 29.55 -1.24
C LEU B 315 48.54 30.14 -2.57
N LEU B 316 49.43 29.42 -3.25
CA LEU B 316 49.87 29.82 -4.59
C LEU B 316 48.77 29.55 -5.62
N HIS B 317 47.97 28.53 -5.37
CA HIS B 317 46.90 28.18 -6.29
C HIS B 317 45.72 29.13 -6.23
N ILE B 318 45.46 29.66 -5.03
CA ILE B 318 44.42 30.68 -4.88
C ILE B 318 44.83 31.95 -5.62
N LEU B 319 46.12 32.24 -5.58
CA LEU B 319 46.69 33.38 -6.30
C LEU B 319 46.51 33.23 -7.81
N ALA B 320 46.82 32.04 -8.33
CA ALA B 320 46.67 31.77 -9.75
C ALA B 320 45.21 31.84 -10.17
N LEU B 321 44.32 31.47 -9.25
CA LEU B 321 42.89 31.59 -9.50
C LEU B 321 42.48 33.05 -9.56
N LEU B 322 43.06 33.87 -8.69
CA LEU B 322 42.80 35.30 -8.69
C LEU B 322 43.30 35.94 -9.98
N LEU B 323 44.33 35.36 -10.57
CA LEU B 323 44.90 35.88 -11.82
C LEU B 323 44.08 35.50 -13.05
N CYS B 324 43.04 34.69 -12.84
CA CYS B 324 42.17 34.27 -13.95
C CYS B 324 41.22 35.38 -14.37
N ALA B 325 41.18 36.45 -13.60
CA ALA B 325 40.34 37.60 -13.91
C ALA B 325 41.15 38.89 -13.93
N PRO B 326 41.95 39.09 -14.99
CA PRO B 326 42.81 40.27 -15.13
C PRO B 326 42.04 41.57 -15.17
N LYS B 327 40.88 41.57 -15.83
CA LYS B 327 40.06 42.75 -15.98
C LYS B 327 39.55 43.26 -14.63
N LEU B 328 39.48 42.38 -13.65
CA LEU B 328 39.05 42.75 -12.30
C LEU B 328 40.19 43.38 -11.52
N LEU B 329 41.42 43.11 -11.92
CA LEU B 329 42.60 43.58 -11.19
C LEU B 329 43.16 44.90 -11.73
N ARG B 330 42.52 45.45 -12.74
CA ARG B 330 42.89 46.77 -13.24
C ARG B 330 42.61 47.83 -12.19
N GLY B 331 43.51 48.80 -12.06
CA GLY B 331 43.31 49.90 -11.15
C GLY B 331 44.18 49.87 -9.91
N ILE B 332 44.68 48.69 -9.55
CA ILE B 332 45.54 48.55 -8.38
C ILE B 332 46.94 48.07 -8.78
N GLU B 333 47.27 48.20 -10.06
CA GLU B 333 48.54 47.72 -10.59
C GLU B 333 49.74 48.37 -9.90
N ASP B 334 49.73 49.69 -9.80
CA ASP B 334 50.86 50.44 -9.26
C ASP B 334 51.10 50.14 -7.79
N GLN B 335 50.02 50.00 -7.02
CA GLN B 335 50.09 49.79 -5.59
C GLN B 335 50.73 48.45 -5.24
N THR B 336 50.43 47.43 -6.05
CA THR B 336 50.86 46.08 -5.76
C THR B 336 52.16 45.70 -6.49
N GLU B 337 52.74 46.64 -7.21
CA GLU B 337 53.88 46.37 -8.08
C GLU B 337 55.10 45.79 -7.36
N ASP B 338 55.48 46.39 -6.23
CA ASP B 338 56.67 45.99 -5.50
C ASP B 338 56.57 44.55 -5.00
N GLU B 339 55.46 44.26 -4.33
CA GLU B 339 55.19 42.93 -3.81
C GLU B 339 55.20 41.89 -4.91
N VAL B 340 54.59 42.24 -6.04
CA VAL B 340 54.56 41.38 -7.22
C VAL B 340 55.98 41.08 -7.71
N THR B 341 56.81 42.11 -7.76
CA THR B 341 58.19 41.94 -8.20
C THR B 341 58.98 40.98 -7.29
N SER B 342 58.83 41.20 -5.97
CA SER B 342 59.51 40.34 -4.99
C SER B 342 59.05 38.89 -5.10
N ILE B 343 57.74 38.69 -5.11
CA ILE B 343 57.17 37.35 -5.21
C ILE B 343 57.62 36.67 -6.51
N CYS B 344 57.62 37.41 -7.60
CA CYS B 344 58.07 36.90 -8.89
C CYS B 344 59.53 36.47 -8.86
N GLU B 345 60.37 37.27 -8.20
CA GLU B 345 61.77 36.90 -8.03
C GLU B 345 61.87 35.61 -7.24
N TRP B 346 61.06 35.49 -6.18
CA TRP B 346 61.03 34.29 -5.36
C TRP B 346 60.68 33.06 -6.20
N LEU B 347 59.65 33.20 -7.03
CA LEU B 347 59.20 32.10 -7.87
C LEU B 347 60.24 31.71 -8.92
N LEU B 348 60.92 32.71 -9.49
CA LEU B 348 61.87 32.44 -10.57
C LEU B 348 63.11 31.65 -10.12
N CYS B 349 63.59 31.92 -8.92
CA CYS B 349 64.80 31.28 -8.43
C CYS B 349 64.52 30.27 -7.31
N ALA B 350 64.46 28.99 -7.68
CA ALA B 350 64.23 27.95 -6.71
C ALA B 350 64.95 26.65 -7.09
N CYS B 352 62.88 24.42 -4.69
CA CYS B 352 61.79 23.59 -5.22
C CYS B 352 61.92 23.41 -6.72
N ASP B 353 61.21 22.44 -7.28
CA ASP B 353 61.21 22.21 -8.72
C ASP B 353 59.89 22.68 -9.36
N GLU B 354 59.83 22.64 -10.68
CA GLU B 354 58.69 23.20 -11.41
C GLU B 354 57.44 22.32 -11.40
N LYS B 355 56.68 22.43 -10.31
CA LYS B 355 55.39 21.77 -10.15
C LYS B 355 54.80 22.18 -8.82
N ILE B 356 53.52 22.55 -8.82
CA ILE B 356 52.84 22.93 -7.58
C ILE B 356 51.63 22.03 -7.36
N LYS B 357 51.73 21.13 -6.38
CA LYS B 357 50.66 20.19 -6.06
C LYS B 357 49.37 20.91 -5.64
N ASP B 358 48.33 20.77 -6.47
CA ASP B 358 47.05 21.40 -6.17
C ASP B 358 46.21 20.57 -5.21
N SER B 359 46.01 19.30 -5.54
CA SER B 359 45.20 18.37 -4.74
C SER B 359 43.73 18.79 -4.64
N ASP B 360 43.42 19.95 -5.19
CA ASP B 360 42.07 20.49 -5.25
C ASP B 360 41.56 20.27 -6.67
N ALA B 361 42.44 19.72 -7.51
CA ALA B 361 42.12 19.28 -8.85
C ALA B 361 41.58 20.36 -9.79
N PHE B 362 42.21 21.53 -9.79
CA PHE B 362 41.94 22.51 -10.84
C PHE B 362 42.62 21.99 -12.10
N GLY B 363 42.15 22.42 -13.26
CA GLY B 363 42.58 21.83 -14.52
C GLY B 363 41.50 20.87 -14.96
N TYR B 364 40.78 20.34 -13.99
CA TYR B 364 39.52 19.65 -14.23
C TYR B 364 38.41 20.63 -13.90
N PHE B 365 38.82 21.90 -13.79
CA PHE B 365 37.92 23.01 -13.56
C PHE B 365 38.07 23.94 -14.76
N HIS B 366 36.97 24.20 -15.45
CA HIS B 366 37.04 24.93 -16.72
C HIS B 366 36.30 26.26 -16.73
N CYS B 367 35.96 26.75 -15.55
CA CYS B 367 35.38 28.09 -15.43
C CYS B 367 36.47 29.14 -15.56
N LEU B 368 36.47 29.84 -16.69
CA LEU B 368 37.33 31.01 -16.89
C LEU B 368 38.80 30.70 -16.60
N GLN B 369 39.31 29.66 -17.25
CA GLN B 369 40.64 29.16 -16.93
C GLN B 369 41.76 29.87 -17.69
N ARG B 370 42.10 29.32 -18.86
CA ARG B 370 43.19 29.84 -19.68
C ARG B 370 44.54 29.80 -18.96
N ILE B 371 44.71 28.80 -18.10
CA ILE B 371 45.99 28.56 -17.44
C ILE B 371 46.35 27.08 -17.58
N GLN B 372 47.40 26.82 -18.35
CA GLN B 372 47.82 25.44 -18.63
C GLN B 372 48.32 24.71 -17.38
N TYR B 373 47.65 23.61 -17.05
CA TYR B 373 47.99 22.80 -15.89
C TYR B 373 48.87 21.61 -16.26
N PRO B 374 49.65 21.09 -15.29
CA PRO B 374 49.77 21.51 -13.89
C PRO B 374 50.49 22.85 -13.73
N LEU B 375 50.32 23.46 -12.56
CA LEU B 375 50.88 24.78 -12.31
C LEU B 375 52.40 24.75 -12.29
N THR B 376 53.00 25.37 -13.31
CA THR B 376 54.44 25.44 -13.40
C THR B 376 54.97 26.60 -12.56
N ARG B 377 56.07 26.36 -11.86
CA ARG B 377 56.71 27.38 -11.03
C ARG B 377 57.02 28.65 -11.82
N THR B 378 57.32 28.50 -13.11
CA THR B 378 57.65 29.63 -13.96
C THR B 378 56.40 30.29 -14.51
N GLN B 379 55.42 29.47 -14.90
CA GLN B 379 54.20 29.94 -15.54
C GLN B 379 53.43 30.92 -14.67
N LEU B 380 53.35 30.62 -13.37
CA LEU B 380 52.70 31.50 -12.40
C LEU B 380 53.35 32.89 -12.39
N ALA B 381 54.68 32.90 -12.36
CA ALA B 381 55.44 34.13 -12.39
C ALA B 381 55.15 34.91 -13.66
N GLN B 382 55.10 34.20 -14.78
CA GLN B 382 54.81 34.82 -16.07
C GLN B 382 53.42 35.45 -16.08
N LYS B 383 52.47 34.79 -15.42
CA LYS B 383 51.11 35.29 -15.29
C LYS B 383 51.06 36.59 -14.48
N LEU B 384 51.73 36.58 -13.32
CA LEU B 384 51.80 37.77 -12.48
C LEU B 384 52.43 38.95 -13.21
N VAL B 385 53.56 38.67 -13.86
CA VAL B 385 54.27 39.66 -14.67
C VAL B 385 53.35 40.21 -15.75
N GLU B 386 52.54 39.35 -16.35
CA GLU B 386 51.59 39.80 -17.36
C GLU B 386 50.52 40.72 -16.78
N ILE B 387 50.03 40.39 -15.58
CA ILE B 387 49.03 41.21 -14.92
C ILE B 387 49.56 42.60 -14.59
N GLU B 388 50.81 42.67 -14.14
CA GLU B 388 51.42 43.96 -13.83
C GLU B 388 51.75 44.75 -15.08
N ASP B 389 52.17 44.03 -16.13
CA ASP B 389 52.67 44.63 -17.36
C ASP B 389 51.63 45.48 -18.09
N GLU B 390 50.40 44.98 -18.11
CA GLU B 390 49.31 45.67 -18.80
C GLU B 390 48.93 46.98 -18.11
N ASP B 391 49.80 47.98 -18.22
CA ASP B 391 49.56 49.28 -17.60
C ASP B 391 50.44 50.36 -18.22
N ASP C 5 -61.80 -0.41 30.62
CA ASP C 5 -62.84 0.56 30.27
C ASP C 5 -62.29 1.96 30.07
N GLU C 6 -61.17 2.26 30.71
CA GLU C 6 -60.57 3.60 30.68
C GLU C 6 -60.34 4.14 29.27
N VAL C 7 -59.63 3.36 28.45
CA VAL C 7 -59.32 3.75 27.08
C VAL C 7 -60.58 4.07 26.29
N THR C 8 -61.56 3.18 26.38
CA THR C 8 -62.82 3.32 25.66
C THR C 8 -63.56 4.59 26.07
N GLU C 9 -63.70 4.80 27.38
CA GLU C 9 -64.37 5.97 27.91
C GLU C 9 -63.69 7.26 27.46
N LYS C 10 -62.36 7.26 27.51
CA LYS C 10 -61.57 8.42 27.09
C LYS C 10 -61.77 8.75 25.61
N PHE C 11 -61.64 7.73 24.75
CA PHE C 11 -61.81 7.93 23.31
C PHE C 11 -63.21 8.43 22.99
N LYS C 12 -64.22 7.80 23.58
CA LYS C 12 -65.60 8.22 23.39
C LYS C 12 -65.78 9.68 23.80
N ARG C 13 -65.23 10.04 24.96
CA ARG C 13 -65.31 11.41 25.46
C ARG C 13 -64.70 12.42 24.49
N TYR C 14 -63.47 12.13 24.05
CA TYR C 14 -62.75 13.03 23.15
C TYR C 14 -63.48 13.20 21.82
N CYS C 15 -64.08 12.10 21.34
CA CYS C 15 -64.85 12.13 20.11
C CYS C 15 -66.10 13.02 20.29
N ASN C 16 -66.83 12.79 21.37
CA ASN C 16 -68.01 13.59 21.69
C ASN C 16 -67.69 15.08 21.75
N GLN C 17 -66.59 15.41 22.43
CA GLN C 17 -66.18 16.80 22.57
C GLN C 17 -65.76 17.39 21.23
N LEU C 18 -65.08 16.59 20.40
CA LEU C 18 -64.74 17.00 19.04
C LEU C 18 -66.00 17.40 18.28
N GLU C 19 -67.00 16.53 18.35
CA GLU C 19 -68.26 16.77 17.65
C GLU C 19 -68.99 18.00 18.19
N LYS C 20 -68.92 18.21 19.50
CA LYS C 20 -69.61 19.33 20.13
C LYS C 20 -68.95 20.67 19.81
N TYR C 21 -67.68 20.82 20.18
CA TYR C 21 -66.96 22.07 19.96
C TYR C 21 -66.57 22.30 18.51
N GLY C 22 -66.84 21.32 17.65
CA GLY C 22 -66.50 21.42 16.25
C GLY C 22 -67.38 22.38 15.46
N GLN C 23 -68.43 22.89 16.09
CA GLN C 23 -69.36 23.80 15.42
C GLN C 23 -69.09 25.26 15.78
N THR C 24 -68.62 25.49 16.99
CA THR C 24 -68.44 26.85 17.51
C THR C 24 -67.06 27.42 17.18
N GLU C 25 -66.03 26.58 17.25
CA GLU C 25 -64.67 27.03 17.11
C GLU C 25 -64.15 26.90 15.68
N ASN C 26 -63.26 27.81 15.29
CA ASN C 26 -62.62 27.78 13.99
C ASN C 26 -61.87 26.47 13.79
N VAL C 27 -61.61 26.12 12.53
CA VAL C 27 -60.93 24.87 12.21
C VAL C 27 -59.51 24.81 12.78
N HIS C 28 -58.93 25.98 13.05
CA HIS C 28 -57.58 26.05 13.59
C HIS C 28 -57.61 26.13 15.12
N SER C 29 -58.72 25.73 15.72
CA SER C 29 -58.88 25.77 17.17
C SER C 29 -57.86 24.90 17.88
N PRO C 30 -57.15 25.47 18.86
CA PRO C 30 -56.15 24.75 19.66
C PRO C 30 -56.80 23.59 20.42
N VAL C 31 -58.01 23.81 20.91
CA VAL C 31 -58.77 22.78 21.61
C VAL C 31 -59.07 21.59 20.70
N MET C 32 -59.42 21.87 19.46
CA MET C 32 -59.73 20.81 18.50
C MET C 32 -58.49 20.01 18.09
N ALA C 33 -57.37 20.69 17.92
CA ALA C 33 -56.10 20.03 17.63
C ALA C 33 -55.71 19.12 18.80
N MET C 34 -55.91 19.64 20.02
CA MET C 34 -55.64 18.89 21.24
C MET C 34 -56.50 17.63 21.31
N LEU C 35 -57.80 17.78 21.06
CA LEU C 35 -58.74 16.67 21.06
C LEU C 35 -58.41 15.63 19.98
N ARG C 36 -57.94 16.12 18.83
CA ARG C 36 -57.51 15.22 17.76
C ARG C 36 -56.30 14.40 18.21
N ARG C 37 -55.34 15.08 18.84
CA ARG C 37 -54.13 14.40 19.32
C ARG C 37 -54.47 13.33 20.35
N LYS C 38 -55.24 13.69 21.37
CA LYS C 38 -55.68 12.75 22.40
C LYS C 38 -56.43 11.57 21.76
N GLY C 39 -57.33 11.90 20.84
CA GLY C 39 -58.11 10.92 20.13
C GLY C 39 -57.27 9.88 19.42
N ARG C 40 -56.25 10.34 18.68
CA ARG C 40 -55.34 9.42 18.00
C ARG C 40 -54.57 8.60 19.03
N LYS C 41 -54.14 9.27 20.09
CA LYS C 41 -53.38 8.63 21.16
C LYS C 41 -54.12 7.42 21.74
N GLN C 42 -55.43 7.55 21.94
CA GLN C 42 -56.23 6.44 22.43
C GLN C 42 -56.55 5.43 21.33
N LEU C 43 -56.77 5.94 20.12
CA LEU C 43 -57.12 5.10 18.99
C LEU C 43 -56.01 4.08 18.69
N ILE C 44 -54.77 4.49 18.91
CA ILE C 44 -53.63 3.56 18.76
C ILE C 44 -53.77 2.37 19.70
N GLU C 45 -54.05 2.65 20.97
CA GLU C 45 -54.24 1.61 21.98
C GLU C 45 -55.42 0.72 21.64
N ILE C 46 -56.45 1.31 21.02
CA ILE C 46 -57.59 0.53 20.54
C ILE C 46 -57.15 -0.41 19.41
N MET C 47 -56.28 0.09 18.54
CA MET C 47 -55.78 -0.69 17.41
C MET C 47 -54.82 -1.77 17.86
N LYS C 48 -54.31 -1.63 19.08
CA LYS C 48 -53.44 -2.65 19.64
C LYS C 48 -54.20 -3.96 19.88
N ARG C 49 -55.39 -3.87 20.46
CA ARG C 49 -56.19 -5.07 20.72
C ARG C 49 -56.74 -5.63 19.42
N ASP C 50 -56.83 -6.96 19.34
CA ASP C 50 -57.39 -7.61 18.16
C ASP C 50 -58.91 -7.45 18.11
N GLY C 51 -59.36 -6.49 17.30
CA GLY C 51 -60.77 -6.26 17.10
C GLY C 51 -61.03 -5.93 15.64
N ASP C 52 -61.70 -4.81 15.39
CA ASP C 52 -61.92 -4.36 14.02
C ASP C 52 -61.83 -2.85 13.90
N CYS C 53 -61.97 -2.16 15.03
CA CYS C 53 -61.94 -0.70 15.07
C CYS C 53 -62.89 -0.11 14.02
N THR C 54 -62.31 0.42 12.96
CA THR C 54 -63.06 0.91 11.80
C THR C 54 -64.14 1.93 12.17
N SER C 55 -65.12 1.50 12.96
CA SER C 55 -66.14 2.39 13.48
C SER C 55 -65.52 3.50 14.31
N SER C 56 -64.50 3.15 15.10
CA SER C 56 -63.75 4.13 15.88
C SER C 56 -62.94 5.03 14.94
N ILE C 57 -62.25 4.40 14.00
CA ILE C 57 -61.44 5.13 13.03
C ILE C 57 -62.32 6.08 12.22
N ASN C 58 -63.46 5.59 11.78
CA ASN C 58 -64.43 6.41 11.07
C ASN C 58 -64.96 7.55 11.93
N LYS C 59 -65.20 7.26 13.20
CA LYS C 59 -65.71 8.28 14.12
C LYS C 59 -64.71 9.42 14.25
N LEU C 60 -63.46 9.07 14.56
CA LEU C 60 -62.40 10.07 14.71
C LEU C 60 -62.16 10.84 13.42
N TRP C 61 -62.15 10.12 12.29
CA TRP C 61 -61.99 10.75 10.99
C TRP C 61 -63.11 11.74 10.67
N ILE C 62 -64.33 11.38 11.03
CA ILE C 62 -65.50 12.21 10.71
C ILE C 62 -65.65 13.43 11.62
N VAL C 63 -65.63 13.22 12.93
CA VAL C 63 -65.82 14.32 13.86
C VAL C 63 -64.57 15.17 14.04
N GLY C 64 -63.42 14.60 13.71
CA GLY C 64 -62.16 15.28 13.91
C GLY C 64 -61.57 15.91 12.66
N TYR C 65 -61.88 15.32 11.50
CA TYR C 65 -61.27 15.78 10.25
C TYR C 65 -62.27 16.17 9.16
N TYR C 66 -63.18 15.27 8.81
CA TYR C 66 -64.07 15.50 7.67
C TYR C 66 -65.06 16.64 7.87
N HIS C 67 -65.83 16.58 8.95
CA HIS C 67 -66.80 17.63 9.27
C HIS C 67 -66.17 19.01 9.53
N PRO C 68 -65.10 19.08 10.35
CA PRO C 68 -64.45 20.38 10.53
C PRO C 68 -63.97 20.96 9.19
N PHE C 69 -63.38 20.12 8.35
CA PHE C 69 -62.90 20.59 7.05
C PHE C 69 -64.05 20.99 6.13
N GLN C 70 -65.20 20.35 6.28
CA GLN C 70 -66.34 20.65 5.44
C GLN C 70 -66.91 22.02 5.83
N PHE C 71 -67.19 22.19 7.11
CA PHE C 71 -67.68 23.47 7.62
C PHE C 71 -66.69 24.58 7.37
N PHE C 72 -65.41 24.22 7.32
CA PHE C 72 -64.35 25.18 6.99
C PHE C 72 -64.41 25.58 5.53
N ILE C 73 -64.51 24.58 4.65
CA ILE C 73 -64.49 24.82 3.21
C ILE C 73 -65.77 25.49 2.72
N ARG C 74 -66.81 25.46 3.55
CA ARG C 74 -68.06 26.12 3.19
C ARG C 74 -67.93 27.64 3.15
N ASP C 75 -67.02 28.18 3.96
CA ASP C 75 -66.76 29.61 3.96
C ASP C 75 -65.91 30.02 2.76
N ALA C 81 -54.96 29.73 2.51
CA ALA C 81 -54.71 28.62 1.60
C ALA C 81 -55.20 27.31 2.21
N ILE C 82 -55.80 26.47 1.38
CA ILE C 82 -56.38 25.22 1.84
C ILE C 82 -55.39 24.05 1.79
N ALA C 83 -54.50 24.11 0.81
CA ALA C 83 -53.49 23.07 0.62
C ALA C 83 -52.56 22.95 1.83
N VAL C 84 -52.36 24.07 2.52
CA VAL C 84 -51.53 24.10 3.72
C VAL C 84 -52.19 23.33 4.86
N LEU C 85 -53.44 23.69 5.15
CA LEU C 85 -54.22 23.00 6.19
C LEU C 85 -54.31 21.51 5.89
N LEU C 86 -54.61 21.19 4.64
CA LEU C 86 -54.71 19.80 4.20
C LEU C 86 -53.39 19.06 4.36
N THR C 87 -52.28 19.72 4.05
CA THR C 87 -50.96 19.12 4.20
C THR C 87 -50.66 18.84 5.66
N MET C 88 -51.03 19.80 6.52
CA MET C 88 -50.88 19.62 7.97
C MET C 88 -51.69 18.42 8.45
N PHE C 89 -52.90 18.27 7.91
CA PHE C 89 -53.73 17.13 8.22
C PHE C 89 -53.07 15.83 7.76
N CYS C 90 -52.44 15.88 6.59
CA CYS C 90 -51.73 14.71 6.05
C CYS C 90 -50.59 14.29 6.99
N GLY C 91 -49.81 15.26 7.45
CA GLY C 91 -48.74 14.98 8.38
C GLY C 91 -49.27 14.47 9.70
N GLU C 92 -50.44 14.97 10.09
CA GLU C 92 -51.08 14.59 11.34
C GLU C 92 -51.56 13.14 11.29
N LEU C 93 -52.00 12.70 10.12
CA LEU C 93 -52.46 11.33 9.94
C LEU C 93 -51.33 10.37 9.57
N GLN C 94 -50.20 10.93 9.15
CA GLN C 94 -49.04 10.12 8.78
C GLN C 94 -48.50 9.39 10.01
N GLU C 95 -48.88 9.89 11.19
CA GLU C 95 -48.53 9.29 12.47
C GLU C 95 -49.01 7.83 12.53
N MET C 96 -50.20 7.59 12.02
CA MET C 96 -50.78 6.24 12.01
C MET C 96 -50.01 5.31 11.09
N LEU C 97 -49.73 5.77 9.88
CA LEU C 97 -49.02 4.96 8.89
C LEU C 97 -47.59 4.66 9.34
N SER C 98 -46.94 5.65 9.96
CA SER C 98 -45.57 5.49 10.43
C SER C 98 -45.48 4.48 11.57
N LEU C 99 -46.57 4.31 12.31
CA LEU C 99 -46.66 3.29 13.33
C LEU C 99 -46.43 1.92 12.70
N PRO C 100 -45.30 1.27 13.08
CA PRO C 100 -44.77 0.05 12.47
C PRO C 100 -45.82 -1.02 12.17
N ASP C 101 -46.69 -1.32 13.13
CA ASP C 101 -47.64 -2.41 12.93
C ASP C 101 -49.10 -2.01 13.21
N ASP C 102 -49.69 -1.29 12.25
CA ASP C 102 -51.12 -1.04 12.26
C ASP C 102 -51.77 -1.98 11.24
N LYS C 103 -52.97 -2.46 11.56
CA LYS C 103 -53.64 -3.42 10.70
C LYS C 103 -54.50 -2.71 9.65
N TYR C 104 -54.49 -1.38 9.66
CA TYR C 104 -55.39 -0.63 8.81
C TYR C 104 -54.73 0.41 7.88
N PRO C 105 -53.51 0.12 7.37
CA PRO C 105 -52.82 1.21 6.67
C PRO C 105 -53.61 1.70 5.46
N ALA C 106 -54.20 0.75 4.72
CA ALA C 106 -55.04 1.07 3.56
C ALA C 106 -56.03 2.16 3.92
N LEU C 107 -56.73 1.97 5.04
CA LEU C 107 -57.71 2.95 5.51
C LEU C 107 -57.07 4.33 5.55
N TRP C 108 -55.97 4.45 6.28
CA TRP C 108 -55.27 5.72 6.39
C TRP C 108 -54.84 6.21 5.02
N ASN C 109 -54.33 5.30 4.21
CA ASN C 109 -53.89 5.65 2.86
C ASN C 109 -55.02 6.23 2.01
N MET C 110 -56.26 5.87 2.33
CA MET C 110 -57.41 6.47 1.65
C MET C 110 -57.70 7.85 2.21
N TYR C 111 -57.67 7.96 3.54
CA TYR C 111 -57.96 9.22 4.21
C TYR C 111 -56.99 10.33 3.79
N ILE C 112 -55.70 10.07 3.90
CA ILE C 112 -54.69 10.98 3.39
C ILE C 112 -54.97 11.23 1.91
N GLY C 113 -55.30 10.17 1.19
CA GLY C 113 -55.67 10.30 -0.22
C GLY C 113 -56.77 11.32 -0.39
N ASP C 114 -57.80 11.22 0.45
CA ASP C 114 -58.93 12.15 0.41
C ASP C 114 -58.45 13.57 0.55
N PHE C 115 -57.49 13.78 1.46
CA PHE C 115 -56.90 15.10 1.65
C PHE C 115 -56.31 15.61 0.36
N HIS C 116 -55.54 14.76 -0.32
CA HIS C 116 -54.92 15.17 -1.58
C HIS C 116 -55.97 15.37 -2.66
N ARG C 117 -57.17 14.81 -2.45
CA ARG C 117 -58.25 14.99 -3.40
C ARG C 117 -58.96 16.31 -3.13
N TYR C 118 -58.88 16.78 -1.89
CA TYR C 118 -59.57 17.99 -1.47
C TYR C 118 -58.81 19.26 -1.86
N MET C 119 -57.55 19.09 -2.26
CA MET C 119 -56.71 20.22 -2.64
C MET C 119 -57.20 20.87 -3.93
N PRO C 120 -56.96 22.20 -4.08
CA PRO C 120 -57.34 22.95 -5.28
C PRO C 120 -56.76 22.33 -6.54
N ASP C 121 -57.45 22.50 -7.68
CA ASP C 121 -56.92 22.05 -8.95
C ASP C 121 -55.68 22.87 -9.30
N GLU C 122 -54.83 22.30 -10.16
CA GLU C 122 -53.57 22.93 -10.58
C GLU C 122 -52.57 23.09 -9.42
N GLU C 123 -52.83 22.39 -8.33
CA GLU C 123 -51.85 22.28 -7.25
C GLU C 123 -51.15 20.95 -7.38
N ILE C 124 -49.82 20.99 -7.43
CA ILE C 124 -49.00 19.81 -7.69
C ILE C 124 -49.29 18.65 -6.74
N GLN C 125 -49.34 18.94 -5.44
CA GLN C 125 -49.54 17.92 -4.41
C GLN C 125 -50.75 17.01 -4.68
N LYS C 126 -51.69 17.52 -5.48
CA LYS C 126 -52.91 16.78 -5.78
C LYS C 126 -52.64 15.47 -6.51
N CYS C 127 -51.60 15.44 -7.34
CA CYS C 127 -51.25 14.24 -8.10
C CYS C 127 -51.22 13.00 -7.21
N LEU C 128 -50.47 13.10 -6.12
CA LEU C 128 -50.29 12.02 -5.16
C LEU C 128 -51.58 11.33 -4.74
N ALA C 129 -52.71 12.05 -4.82
CA ALA C 129 -54.01 11.48 -4.51
C ALA C 129 -54.16 10.13 -5.17
N VAL C 130 -54.00 10.12 -6.50
CA VAL C 130 -54.08 8.89 -7.28
C VAL C 130 -53.24 7.82 -6.61
N GLY C 131 -51.94 8.12 -6.47
CA GLY C 131 -51.00 7.22 -5.86
C GLY C 131 -51.51 6.63 -4.57
N TYR C 132 -51.97 7.51 -3.67
CA TYR C 132 -52.41 7.05 -2.36
C TYR C 132 -53.48 5.98 -2.47
N TYR C 133 -54.48 6.22 -3.32
CA TYR C 133 -55.56 5.27 -3.47
C TYR C 133 -55.00 3.95 -3.98
N SER C 134 -54.12 4.05 -4.98
CA SER C 134 -53.46 2.89 -5.54
C SER C 134 -52.80 2.12 -4.39
N ARG C 135 -52.07 2.86 -3.56
CA ARG C 135 -51.36 2.27 -2.43
C ARG C 135 -52.33 1.50 -1.53
N ALA C 136 -53.48 2.10 -1.26
CA ALA C 136 -54.49 1.47 -0.42
C ALA C 136 -54.89 0.14 -1.03
N ILE C 137 -55.12 0.15 -2.34
CA ILE C 137 -55.55 -1.05 -3.04
C ILE C 137 -54.45 -2.11 -2.98
N ASP C 138 -53.19 -1.66 -2.94
CA ASP C 138 -52.07 -2.58 -2.87
C ASP C 138 -52.02 -3.25 -1.51
N LEU C 139 -52.55 -2.55 -0.50
CA LEU C 139 -52.58 -3.07 0.86
C LEU C 139 -53.82 -3.93 1.10
N ASP C 140 -54.92 -3.56 0.47
CA ASP C 140 -56.19 -4.28 0.65
C ASP C 140 -57.15 -3.98 -0.50
N PRO C 141 -57.33 -4.95 -1.41
CA PRO C 141 -58.22 -4.83 -2.56
C PRO C 141 -59.71 -4.91 -2.18
N ASN C 142 -59.99 -5.02 -0.88
CA ASN C 142 -61.36 -5.04 -0.42
C ASN C 142 -61.97 -3.65 -0.27
N GLN C 143 -61.12 -2.63 -0.32
CA GLN C 143 -61.57 -1.25 -0.24
C GLN C 143 -62.04 -0.75 -1.61
N GLY C 144 -63.33 -0.93 -1.88
CA GLY C 144 -63.89 -0.60 -3.18
C GLY C 144 -63.97 0.89 -3.47
N ARG C 145 -64.11 1.68 -2.41
CA ARG C 145 -64.16 3.13 -2.55
C ARG C 145 -62.90 3.65 -3.25
N ALA C 146 -61.77 3.01 -2.95
CA ALA C 146 -60.52 3.34 -3.64
C ALA C 146 -60.65 3.12 -5.14
N PHE C 147 -61.21 1.98 -5.54
CA PHE C 147 -61.41 1.67 -6.96
C PHE C 147 -62.29 2.73 -7.62
N HIS C 148 -63.39 3.06 -6.95
CA HIS C 148 -64.33 4.07 -7.46
C HIS C 148 -63.68 5.44 -7.64
N VAL C 149 -63.07 5.94 -6.58
CA VAL C 149 -62.40 7.23 -6.60
C VAL C 149 -61.29 7.23 -7.66
N LEU C 150 -60.71 6.06 -7.90
CA LEU C 150 -59.73 5.94 -8.99
C LEU C 150 -60.40 6.08 -10.36
N ALA C 151 -61.59 5.51 -10.49
CA ALA C 151 -62.37 5.66 -11.72
C ALA C 151 -62.72 7.12 -11.94
N GLY C 152 -62.79 7.89 -10.85
CA GLY C 152 -63.09 9.31 -10.95
C GLY C 152 -61.89 10.21 -11.22
N LEU C 153 -60.77 9.94 -10.54
CA LEU C 153 -59.61 10.83 -10.51
C LEU C 153 -58.68 10.72 -11.71
N ARG C 154 -58.43 9.49 -12.15
CA ARG C 154 -57.44 9.23 -13.19
C ARG C 154 -57.83 9.84 -14.54
N ALA C 155 -56.83 10.32 -15.27
CA ALA C 155 -57.06 10.97 -16.56
C ALA C 155 -56.68 10.08 -17.74
N ASP C 156 -55.49 9.47 -17.66
CA ASP C 156 -54.95 8.69 -18.77
C ASP C 156 -55.52 7.28 -18.87
N LEU C 157 -56.85 7.16 -18.98
CA LEU C 157 -57.48 5.84 -19.00
C LEU C 157 -58.63 5.69 -19.99
N ASN C 158 -58.85 4.46 -20.44
CA ASN C 158 -59.90 4.14 -21.39
C ASN C 158 -61.29 4.12 -20.75
N VAL C 159 -62.29 3.79 -21.55
CA VAL C 159 -63.64 3.54 -21.05
C VAL C 159 -63.63 2.19 -20.37
N ALA C 160 -62.92 1.25 -21.00
CA ALA C 160 -62.77 -0.10 -20.47
C ALA C 160 -62.19 -0.08 -19.08
N GLN C 161 -61.16 0.74 -18.88
CA GLN C 161 -60.44 0.81 -17.62
C GLN C 161 -61.27 1.46 -16.52
N LYS C 162 -62.02 2.50 -16.87
CA LYS C 162 -62.92 3.15 -15.92
C LYS C 162 -63.99 2.17 -15.47
N LEU C 163 -64.62 1.51 -16.44
CA LEU C 163 -65.59 0.47 -16.14
C LEU C 163 -64.99 -0.60 -15.24
N ARG C 164 -63.76 -1.00 -15.53
CA ARG C 164 -63.04 -1.99 -14.72
C ARG C 164 -62.93 -1.52 -13.28
N LEU C 165 -62.57 -0.26 -13.10
CA LEU C 165 -62.39 0.30 -11.77
C LEU C 165 -63.70 0.36 -10.98
N MET C 166 -64.79 0.76 -11.64
CA MET C 166 -66.08 0.81 -10.95
C MET C 166 -66.59 -0.59 -10.59
N ILE C 167 -66.52 -1.51 -11.56
CA ILE C 167 -66.92 -2.90 -11.34
C ILE C 167 -66.13 -3.53 -10.21
N LEU C 168 -64.82 -3.28 -10.19
CA LEU C 168 -63.96 -3.75 -9.10
C LEU C 168 -64.34 -3.07 -7.79
N GLY C 169 -64.85 -1.85 -7.90
CA GLY C 169 -65.33 -1.11 -6.75
C GLY C 169 -66.55 -1.78 -6.15
N GLN C 170 -67.32 -2.47 -7.00
CA GLN C 170 -68.49 -3.19 -6.53
C GLN C 170 -68.18 -4.63 -6.12
N LEU C 171 -67.13 -5.20 -6.70
CA LEU C 171 -66.74 -6.58 -6.43
C LEU C 171 -66.10 -6.73 -5.05
N ALA C 172 -65.48 -5.66 -4.57
CA ALA C 172 -64.76 -5.68 -3.30
C ALA C 172 -65.63 -6.13 -2.13
N ASP C 173 -65.00 -6.78 -1.16
CA ASP C 173 -65.71 -7.30 0.02
C ASP C 173 -66.23 -6.16 0.89
N ALA C 174 -65.67 -4.97 0.70
CA ALA C 174 -66.20 -3.74 1.28
C ALA C 174 -66.43 -2.75 0.15
N PRO C 175 -67.58 -2.87 -0.54
CA PRO C 175 -67.83 -2.18 -1.79
C PRO C 175 -68.30 -0.74 -1.63
N TYR C 176 -68.30 0.00 -2.74
CA TYR C 176 -68.74 1.39 -2.72
C TYR C 176 -70.26 1.48 -2.81
N LYS C 177 -70.84 2.25 -1.89
CA LYS C 177 -72.28 2.32 -1.65
C LYS C 177 -73.19 2.14 -2.86
N LYS C 178 -74.07 1.13 -2.75
CA LYS C 178 -75.15 0.91 -3.71
C LYS C 178 -74.70 0.45 -5.10
N GLY C 179 -73.83 1.23 -5.73
CA GLY C 179 -73.39 0.95 -7.08
C GLY C 179 -74.30 1.60 -8.11
N THR C 180 -74.93 2.70 -7.71
CA THR C 180 -75.82 3.44 -8.60
C THR C 180 -75.02 4.16 -9.67
N GLU C 181 -73.83 4.64 -9.27
CA GLU C 181 -72.97 5.40 -10.16
C GLU C 181 -72.53 4.59 -11.38
N LEU C 182 -72.35 3.28 -11.20
CA LEU C 182 -71.98 2.40 -12.31
C LEU C 182 -73.07 2.39 -13.37
N LEU C 183 -74.30 2.14 -12.92
CA LEU C 183 -75.47 2.14 -13.78
C LEU C 183 -75.62 3.48 -14.49
N GLU C 184 -75.45 4.55 -13.73
CA GLU C 184 -75.57 5.90 -14.27
C GLU C 184 -74.53 6.15 -15.36
N TYR C 185 -73.32 5.65 -15.15
CA TYR C 185 -72.28 5.78 -16.17
C TYR C 185 -72.61 4.93 -17.39
N LEU C 186 -73.32 3.82 -17.15
CA LEU C 186 -73.75 2.95 -18.24
C LEU C 186 -74.87 3.59 -19.05
N LYS C 187 -75.58 4.54 -18.44
CA LYS C 187 -76.65 5.25 -19.14
C LYS C 187 -76.11 6.17 -20.24
N PHE C 188 -74.91 6.70 -20.04
CA PHE C 188 -74.29 7.59 -21.01
C PHE C 188 -73.72 6.79 -22.18
N PRO C 189 -74.06 7.20 -23.41
CA PRO C 189 -73.64 6.51 -24.63
C PRO C 189 -72.15 6.72 -24.92
N GLN C 190 -71.60 5.90 -25.80
CA GLN C 190 -70.18 5.98 -26.16
C GLN C 190 -70.00 6.34 -27.63
N LYS C 191 -68.84 6.91 -27.95
CA LYS C 191 -68.60 7.45 -29.29
C LYS C 191 -67.96 6.45 -30.25
N GLU C 192 -67.73 5.22 -29.80
CA GLU C 192 -67.18 4.19 -30.68
C GLU C 192 -67.91 2.86 -30.55
N SER C 193 -67.92 2.10 -31.65
CA SER C 193 -68.61 0.82 -31.75
C SER C 193 -68.24 -0.14 -30.64
N THR C 194 -66.93 -0.32 -30.44
CA THR C 194 -66.40 -1.28 -29.49
C THR C 194 -66.85 -0.98 -28.06
N ASP C 195 -66.68 0.28 -27.66
CA ASP C 195 -67.12 0.72 -26.33
C ASP C 195 -68.63 0.55 -26.17
N LYS C 196 -69.37 0.80 -27.23
CA LYS C 196 -70.82 0.64 -27.22
C LYS C 196 -71.20 -0.81 -26.95
N LEU C 197 -70.54 -1.72 -27.65
CA LEU C 197 -70.75 -3.15 -27.44
C LEU C 197 -70.42 -3.53 -26.01
N MET C 198 -69.30 -3.02 -25.51
CA MET C 198 -68.86 -3.29 -24.14
C MET C 198 -69.94 -2.88 -23.13
N VAL C 199 -70.42 -1.64 -23.26
CA VAL C 199 -71.45 -1.12 -22.36
C VAL C 199 -72.73 -1.95 -22.46
N ASP C 200 -73.12 -2.29 -23.69
CA ASP C 200 -74.28 -3.15 -23.91
C ASP C 200 -74.15 -4.45 -23.13
N PHE C 201 -72.98 -5.08 -23.24
CA PHE C 201 -72.75 -6.33 -22.54
C PHE C 201 -72.80 -6.16 -21.03
N VAL C 202 -72.19 -5.10 -20.51
CA VAL C 202 -72.16 -4.88 -19.07
C VAL C 202 -73.58 -4.66 -18.52
N ILE C 203 -74.35 -3.83 -19.20
CA ILE C 203 -75.74 -3.58 -18.82
C ILE C 203 -76.56 -4.86 -18.86
N TRP C 204 -76.41 -5.64 -19.93
CA TRP C 204 -77.12 -6.91 -20.04
C TRP C 204 -76.74 -7.88 -18.93
N ALA C 205 -75.46 -7.88 -18.56
CA ALA C 205 -74.94 -8.77 -17.53
C ALA C 205 -75.50 -8.42 -16.16
N LEU C 206 -75.50 -7.13 -15.84
CA LEU C 206 -75.95 -6.69 -14.52
C LEU C 206 -77.47 -6.49 -14.42
N ASN C 207 -78.15 -6.56 -15.56
CA ASN C 207 -79.60 -6.40 -15.58
C ASN C 207 -80.31 -7.48 -14.76
N GLU C 208 -81.04 -7.04 -13.75
CA GLU C 208 -81.69 -7.96 -12.82
C GLU C 208 -82.74 -8.85 -13.48
N LYS C 209 -83.29 -8.40 -14.61
CA LYS C 209 -84.35 -9.17 -15.26
C LYS C 209 -83.83 -10.24 -16.22
N SER C 210 -83.09 -11.20 -15.68
CA SER C 210 -82.75 -12.39 -16.45
C SER C 210 -83.98 -13.27 -16.54
N LYS C 211 -83.79 -14.51 -16.97
CA LYS C 211 -84.88 -15.50 -17.13
C LYS C 211 -86.20 -14.89 -17.64
N ARG C 212 -86.20 -14.36 -18.86
CA ARG C 212 -87.34 -13.58 -19.32
C ARG C 212 -87.56 -13.59 -20.84
N MET C 213 -86.89 -14.49 -21.56
CA MET C 213 -86.95 -14.54 -23.02
C MET C 213 -86.41 -13.26 -23.69
N ASP C 214 -86.91 -12.12 -23.25
CA ASP C 214 -86.41 -10.81 -23.65
C ASP C 214 -84.90 -10.75 -23.44
N TYR C 215 -84.48 -11.12 -22.23
CA TYR C 215 -83.08 -11.21 -21.84
C TYR C 215 -82.27 -12.06 -22.82
N GLN C 216 -82.85 -13.20 -23.20
CA GLN C 216 -82.20 -14.12 -24.12
C GLN C 216 -81.96 -13.47 -25.48
N MET C 217 -83.02 -12.92 -26.07
CA MET C 217 -82.95 -12.23 -27.36
C MET C 217 -81.89 -11.13 -27.35
N THR C 218 -81.94 -10.29 -26.32
CA THR C 218 -80.96 -9.22 -26.15
C THR C 218 -79.54 -9.79 -26.16
N GLY C 219 -79.33 -10.84 -25.37
CA GLY C 219 -78.05 -11.50 -25.30
C GLY C 219 -77.55 -11.97 -26.66
N ILE C 220 -78.39 -12.69 -27.38
CA ILE C 220 -78.05 -13.19 -28.70
C ILE C 220 -77.65 -12.07 -29.66
N LYS C 221 -78.44 -11.00 -29.65
CA LYS C 221 -78.14 -9.84 -30.48
C LYS C 221 -76.75 -9.27 -30.16
N ILE C 222 -76.49 -9.11 -28.87
CA ILE C 222 -75.19 -8.61 -28.42
C ILE C 222 -74.04 -9.49 -28.90
N VAL C 223 -74.17 -10.80 -28.70
CA VAL C 223 -73.15 -11.75 -29.15
C VAL C 223 -72.90 -11.61 -30.64
N ASN C 224 -73.97 -11.49 -31.41
CA ASN C 224 -73.86 -11.35 -32.85
C ASN C 224 -73.09 -10.09 -33.29
N GLU C 225 -73.56 -8.93 -32.82
CA GLU C 225 -72.91 -7.67 -33.16
C GLU C 225 -71.44 -7.69 -32.75
N PHE C 226 -71.18 -8.26 -31.57
CA PHE C 226 -69.84 -8.42 -31.06
C PHE C 226 -68.99 -9.23 -32.02
N LYS C 227 -69.55 -10.34 -32.50
CA LYS C 227 -68.84 -11.21 -33.44
C LYS C 227 -68.51 -10.50 -34.74
N ALA C 228 -69.46 -9.74 -35.26
CA ALA C 228 -69.25 -9.02 -36.52
C ALA C 228 -68.18 -7.93 -36.39
N GLU C 229 -68.21 -7.21 -35.28
CA GLU C 229 -67.30 -6.08 -35.08
C GLU C 229 -65.83 -6.49 -35.10
N ILE C 230 -65.54 -7.70 -34.63
CA ILE C 230 -64.17 -8.23 -34.67
C ILE C 230 -63.73 -8.48 -36.11
N GLU C 231 -64.59 -9.16 -36.86
CA GLU C 231 -64.29 -9.52 -38.25
C GLU C 231 -64.05 -8.28 -39.10
N GLN C 232 -64.93 -7.30 -38.97
CA GLN C 232 -64.89 -6.11 -39.84
C GLN C 232 -63.65 -5.25 -39.63
N LYS C 233 -63.22 -5.15 -38.37
CA LYS C 233 -62.15 -4.23 -37.99
C LYS C 233 -60.75 -4.76 -38.33
N LEU C 234 -59.80 -3.83 -38.45
CA LEU C 234 -58.40 -4.19 -38.63
C LEU C 234 -57.87 -4.74 -37.31
N GLU C 235 -58.63 -4.46 -36.25
CA GLU C 235 -58.48 -5.09 -34.94
C GLU C 235 -57.34 -4.53 -34.08
N PHE C 236 -57.66 -4.33 -32.80
CA PHE C 236 -56.70 -3.97 -31.79
C PHE C 236 -56.70 -5.06 -30.72
N ASP C 237 -56.17 -4.76 -29.55
CA ASP C 237 -56.28 -5.71 -28.45
C ASP C 237 -57.64 -5.60 -27.78
N TRP C 238 -58.36 -6.72 -27.74
CA TRP C 238 -59.66 -6.78 -27.10
C TRP C 238 -59.47 -7.12 -25.63
N SER C 239 -58.20 -7.20 -25.23
CA SER C 239 -57.81 -7.61 -23.88
C SER C 239 -58.48 -6.80 -22.79
N LEU C 240 -58.54 -5.48 -22.98
CA LEU C 240 -59.17 -4.59 -22.01
C LEU C 240 -60.68 -4.84 -21.98
N ILE C 241 -61.26 -4.97 -23.16
CA ILE C 241 -62.69 -5.24 -23.28
C ILE C 241 -63.04 -6.59 -22.66
N MET C 242 -62.24 -7.60 -22.97
CA MET C 242 -62.46 -8.93 -22.41
C MET C 242 -62.28 -8.92 -20.89
N SER C 243 -61.36 -8.08 -20.41
CA SER C 243 -61.15 -7.93 -18.98
C SER C 243 -62.40 -7.34 -18.32
N THR C 244 -62.92 -6.28 -18.92
CA THR C 244 -64.13 -5.63 -18.44
C THR C 244 -65.30 -6.60 -18.41
N CYS C 245 -65.45 -7.39 -19.47
CA CYS C 245 -66.50 -8.38 -19.56
C CYS C 245 -66.36 -9.45 -18.48
N ARG C 246 -65.13 -9.90 -18.26
CA ARG C 246 -64.85 -10.91 -17.24
C ARG C 246 -65.25 -10.41 -15.86
N LEU C 247 -64.73 -9.22 -15.51
CA LEU C 247 -65.04 -8.60 -14.23
C LEU C 247 -66.55 -8.39 -14.05
N ALA C 248 -67.21 -7.90 -15.10
CA ALA C 248 -68.65 -7.68 -15.07
C ALA C 248 -69.39 -8.99 -14.80
N SER C 249 -68.96 -10.06 -15.47
CA SER C 249 -69.57 -11.37 -15.28
C SER C 249 -69.39 -11.86 -13.85
N LYS C 250 -68.21 -11.63 -13.29
CA LYS C 250 -67.93 -11.99 -11.92
C LYS C 250 -68.86 -11.24 -10.97
N LEU C 251 -69.06 -9.96 -11.25
CA LEU C 251 -69.99 -9.14 -10.48
C LEU C 251 -71.42 -9.67 -10.59
N ALA C 252 -71.75 -10.20 -11.76
CA ALA C 252 -73.07 -10.79 -11.99
C ALA C 252 -73.22 -12.03 -11.12
N MET C 253 -72.15 -12.81 -11.01
CA MET C 253 -72.15 -13.99 -10.16
C MET C 253 -72.31 -13.63 -8.69
N LYS C 254 -71.61 -12.59 -8.25
CA LYS C 254 -71.70 -12.15 -6.86
C LYS C 254 -73.08 -11.61 -6.51
N LYS C 255 -73.66 -10.88 -7.46
CA LYS C 255 -74.90 -10.14 -7.21
C LYS C 255 -76.18 -10.98 -7.27
N PHE C 256 -76.22 -11.94 -8.18
CA PHE C 256 -77.48 -12.66 -8.43
C PHE C 256 -77.40 -14.17 -8.23
N GLY C 257 -76.32 -14.78 -8.70
CA GLY C 257 -76.19 -16.22 -8.60
C GLY C 257 -75.60 -16.84 -9.86
N PHE C 258 -75.84 -18.15 -10.04
CA PHE C 258 -75.20 -18.90 -11.10
C PHE C 258 -75.83 -18.77 -12.48
N GLN C 259 -77.12 -18.40 -12.53
CA GLN C 259 -77.84 -18.30 -13.80
C GLN C 259 -77.32 -17.15 -14.67
N GLN C 260 -77.44 -15.94 -14.12
CA GLN C 260 -76.94 -14.72 -14.76
C GLN C 260 -75.51 -14.94 -15.23
N PHE C 261 -74.68 -15.41 -14.31
CA PHE C 261 -73.29 -15.71 -14.62
C PHE C 261 -73.17 -16.74 -15.71
N TYR C 262 -74.13 -17.66 -15.82
CA TYR C 262 -74.03 -18.67 -16.86
C TYR C 262 -74.26 -18.05 -18.23
N ASN C 263 -75.26 -17.19 -18.33
CA ASN C 263 -75.46 -16.47 -19.59
C ASN C 263 -74.21 -15.67 -19.96
N CYS C 264 -73.69 -14.93 -18.97
CA CYS C 264 -72.45 -14.18 -19.16
C CYS C 264 -71.30 -15.07 -19.66
N PHE C 265 -71.14 -16.22 -19.01
CA PHE C 265 -70.08 -17.18 -19.31
C PHE C 265 -70.19 -17.71 -20.73
N ASP C 266 -71.41 -18.04 -21.14
CA ASP C 266 -71.66 -18.52 -22.48
C ASP C 266 -71.22 -17.45 -23.48
N THR C 267 -71.68 -16.22 -23.26
CA THR C 267 -71.31 -15.12 -24.14
C THR C 267 -69.79 -14.93 -24.26
N ILE C 268 -69.15 -14.71 -23.12
CA ILE C 268 -67.70 -14.47 -23.08
C ILE C 268 -66.89 -15.62 -23.68
N SER C 269 -67.27 -16.85 -23.36
CA SER C 269 -66.60 -18.03 -23.92
C SER C 269 -66.70 -18.01 -25.44
N THR C 270 -67.91 -17.80 -25.94
CA THR C 270 -68.13 -17.68 -27.38
C THR C 270 -67.22 -16.62 -28.00
N LEU C 271 -67.11 -15.49 -27.30
CA LEU C 271 -66.26 -14.39 -27.75
C LEU C 271 -64.79 -14.80 -27.86
N TYR C 272 -64.28 -15.44 -26.81
CA TYR C 272 -62.89 -15.91 -26.80
C TYR C 272 -62.60 -16.89 -27.92
N ILE C 273 -63.51 -17.86 -28.11
CA ILE C 273 -63.37 -18.81 -29.21
C ILE C 273 -63.33 -18.08 -30.55
N THR C 274 -64.21 -17.09 -30.69
CA THR C 274 -64.27 -16.29 -31.90
C THR C 274 -62.96 -15.57 -32.19
N ILE C 275 -62.39 -14.95 -31.15
CA ILE C 275 -61.14 -14.20 -31.31
C ILE C 275 -60.00 -15.13 -31.68
N TYR C 276 -59.86 -16.23 -30.93
CA TYR C 276 -58.76 -17.16 -31.17
C TYR C 276 -58.94 -17.99 -32.44
N SER C 277 -60.13 -17.92 -33.04
CA SER C 277 -60.35 -18.58 -34.32
C SER C 277 -59.63 -17.83 -35.45
N ARG C 278 -59.44 -16.53 -35.23
CA ARG C 278 -58.78 -15.69 -36.22
C ARG C 278 -58.14 -14.46 -35.57
N SER C 281 -53.06 -11.59 -33.25
CA SER C 281 -53.37 -11.81 -31.84
C SER C 281 -52.65 -10.81 -30.96
N SER C 282 -53.06 -10.72 -29.70
CA SER C 282 -52.43 -9.82 -28.74
C SER C 282 -51.74 -10.62 -27.65
N LYS C 283 -50.49 -10.27 -27.36
CA LYS C 283 -49.74 -10.92 -26.30
C LYS C 283 -50.31 -10.57 -24.93
N CYS C 284 -51.04 -9.46 -24.86
CA CYS C 284 -51.66 -9.03 -23.62
C CYS C 284 -52.91 -9.87 -23.35
N LEU C 285 -53.59 -10.28 -24.42
CA LEU C 285 -54.85 -11.01 -24.32
C LEU C 285 -54.68 -12.39 -23.68
N LEU C 286 -53.49 -12.98 -23.82
CA LEU C 286 -53.19 -14.28 -23.23
C LEU C 286 -53.45 -14.30 -21.72
N ALA C 287 -52.90 -13.31 -21.02
CA ALA C 287 -53.04 -13.22 -19.58
C ALA C 287 -54.50 -13.14 -19.16
N GLU C 288 -55.27 -12.32 -19.86
CA GLU C 288 -56.68 -12.13 -19.54
C GLU C 288 -57.50 -13.37 -19.84
N ALA C 289 -57.15 -14.07 -20.92
CA ALA C 289 -57.80 -15.32 -21.29
C ALA C 289 -57.58 -16.36 -20.21
N ILE C 290 -56.33 -16.51 -19.78
CA ILE C 290 -55.97 -17.41 -18.69
C ILE C 290 -56.76 -17.04 -17.44
N SER C 291 -56.86 -15.74 -17.17
CA SER C 291 -57.61 -15.24 -16.03
C SER C 291 -59.08 -15.66 -16.10
N TRP C 292 -59.66 -15.58 -17.29
CA TRP C 292 -61.05 -15.98 -17.50
C TRP C 292 -61.25 -17.46 -17.28
N ILE C 293 -60.36 -18.28 -17.85
CA ILE C 293 -60.41 -19.72 -17.66
C ILE C 293 -60.38 -20.05 -16.17
N SER C 294 -59.42 -19.44 -15.47
CA SER C 294 -59.25 -19.65 -14.03
C SER C 294 -60.50 -19.29 -13.24
N ASP C 295 -60.94 -18.04 -13.38
CA ASP C 295 -62.11 -17.55 -12.65
C ASP C 295 -63.36 -18.39 -12.92
N SER C 296 -63.61 -18.67 -14.20
CA SER C 296 -64.75 -19.48 -14.60
C SER C 296 -64.70 -20.87 -13.98
N ALA C 297 -63.53 -21.49 -13.99
CA ALA C 297 -63.34 -22.79 -13.35
C ALA C 297 -63.67 -22.74 -11.86
N GLU C 298 -63.09 -21.75 -11.19
CA GLU C 298 -63.26 -21.59 -9.75
C GLU C 298 -64.73 -21.40 -9.37
N ILE C 299 -65.44 -20.62 -10.18
CA ILE C 299 -66.87 -20.42 -9.96
C ILE C 299 -67.65 -21.71 -10.18
N LEU C 300 -67.33 -22.40 -11.27
CA LEU C 300 -67.98 -23.68 -11.59
C LEU C 300 -67.78 -24.73 -10.51
N GLY C 301 -66.68 -24.59 -9.75
CA GLY C 301 -66.35 -25.57 -8.72
C GLY C 301 -67.23 -25.59 -7.48
N HIS C 302 -67.80 -24.44 -7.13
CA HIS C 302 -68.52 -24.30 -5.86
C HIS C 302 -69.84 -25.06 -5.78
N LEU C 303 -70.24 -25.40 -4.55
CA LEU C 303 -71.46 -26.17 -4.32
C LEU C 303 -72.70 -25.28 -4.29
N ASP C 304 -73.82 -25.82 -4.78
CA ASP C 304 -75.07 -25.08 -4.85
C ASP C 304 -75.61 -24.74 -3.46
N GLU C 305 -76.62 -23.88 -3.43
CA GLU C 305 -77.26 -23.47 -2.19
C GLU C 305 -77.82 -24.68 -1.43
N GLN C 306 -78.34 -25.64 -2.17
CA GLN C 306 -78.88 -26.86 -1.56
C GLN C 306 -78.66 -28.09 -2.46
N LYS C 307 -78.79 -29.27 -1.86
CA LYS C 307 -78.76 -30.56 -2.56
C LYS C 307 -77.39 -31.03 -3.08
N ASN C 308 -76.32 -30.54 -2.47
CA ASN C 308 -74.95 -30.99 -2.78
C ASN C 308 -74.62 -31.04 -4.28
N GLU C 309 -74.84 -29.91 -4.96
CA GLU C 309 -74.62 -29.82 -6.39
C GLU C 309 -73.49 -28.85 -6.73
N PRO C 310 -72.35 -29.39 -7.18
CA PRO C 310 -71.15 -28.60 -7.52
C PRO C 310 -71.27 -27.78 -8.80
N HIS C 311 -72.43 -27.15 -9.03
CA HIS C 311 -72.62 -26.23 -10.15
C HIS C 311 -72.33 -26.78 -11.55
N PHE C 312 -71.17 -27.39 -11.71
CA PHE C 312 -70.74 -27.91 -13.00
C PHE C 312 -71.72 -28.93 -13.58
N GLN C 313 -72.49 -29.57 -12.69
CA GLN C 313 -73.47 -30.57 -13.11
C GLN C 313 -74.74 -29.94 -13.72
N LYS C 314 -74.70 -28.63 -13.93
CA LYS C 314 -75.85 -27.94 -14.51
C LYS C 314 -75.68 -27.72 -16.01
N LEU C 315 -74.44 -27.82 -16.48
CA LEU C 315 -74.13 -27.54 -17.88
C LEU C 315 -74.63 -28.62 -18.82
N SER C 316 -75.09 -28.20 -20.00
CA SER C 316 -75.52 -29.15 -21.02
C SER C 316 -74.29 -29.71 -21.73
N VAL C 317 -74.51 -30.71 -22.58
CA VAL C 317 -73.43 -31.36 -23.30
C VAL C 317 -72.71 -30.36 -24.21
N PHE C 318 -73.48 -29.54 -24.91
CA PHE C 318 -72.94 -28.54 -25.81
C PHE C 318 -72.12 -27.48 -25.07
N ALA C 319 -72.59 -27.07 -23.89
CA ALA C 319 -71.86 -26.11 -23.07
C ALA C 319 -70.50 -26.65 -22.66
N LYS C 320 -70.47 -27.91 -22.24
CA LYS C 320 -69.23 -28.57 -21.86
C LYS C 320 -68.31 -28.73 -23.07
N THR C 321 -68.91 -28.96 -24.24
CA THR C 321 -68.14 -29.07 -25.48
C THR C 321 -67.44 -27.74 -25.80
N LYS C 322 -68.19 -26.65 -25.75
CA LYS C 322 -67.65 -25.32 -25.99
C LYS C 322 -66.57 -25.00 -24.97
N TRP C 323 -66.81 -25.40 -23.73
CA TRP C 323 -65.84 -25.23 -22.64
C TRP C 323 -64.51 -25.90 -22.96
N ASN C 324 -64.57 -27.18 -23.32
CA ASN C 324 -63.38 -27.94 -23.66
C ASN C 324 -62.66 -27.41 -24.90
N GLU C 325 -63.43 -26.97 -25.90
CA GLU C 325 -62.84 -26.38 -27.09
C GLU C 325 -62.06 -25.12 -26.74
N LEU C 326 -62.69 -24.26 -25.93
CA LEU C 326 -62.07 -23.03 -25.46
C LEU C 326 -60.77 -23.31 -24.73
N ASN C 327 -60.85 -24.17 -23.73
CA ASN C 327 -59.68 -24.57 -22.95
C ASN C 327 -58.57 -25.13 -23.85
N ASP C 328 -58.95 -25.88 -24.88
CA ASP C 328 -58.00 -26.44 -25.83
C ASP C 328 -57.26 -25.33 -26.58
N LEU C 329 -58.03 -24.39 -27.13
CA LEU C 329 -57.44 -23.26 -27.86
C LEU C 329 -56.47 -22.45 -27.00
N VAL C 330 -56.92 -22.10 -25.80
CA VAL C 330 -56.09 -21.34 -24.87
C VAL C 330 -54.81 -22.10 -24.57
N MET C 331 -54.96 -23.39 -24.30
CA MET C 331 -53.82 -24.26 -24.03
C MET C 331 -52.81 -24.22 -25.16
N ASN C 332 -53.31 -24.31 -26.40
CA ASN C 332 -52.46 -24.22 -27.58
C ASN C 332 -51.71 -22.90 -27.69
N HIS C 333 -52.41 -21.81 -27.42
CA HIS C 333 -51.77 -20.49 -27.44
C HIS C 333 -50.65 -20.41 -26.40
N ILE C 334 -50.95 -20.81 -25.17
CA ILE C 334 -49.98 -20.87 -24.10
C ILE C 334 -48.75 -21.66 -24.53
N ASN C 335 -49.00 -22.79 -25.19
CA ASN C 335 -47.94 -23.66 -25.70
C ASN C 335 -47.06 -22.97 -26.73
N SER C 336 -47.68 -22.31 -27.70
CA SER C 336 -46.95 -21.60 -28.74
C SER C 336 -46.09 -20.51 -28.13
N VAL C 337 -46.58 -19.88 -27.08
CA VAL C 337 -45.83 -18.83 -26.40
C VAL C 337 -44.65 -19.39 -25.61
N PHE C 338 -44.88 -20.48 -24.90
CA PHE C 338 -43.89 -21.01 -23.97
C PHE C 338 -42.93 -22.06 -24.55
N THR C 339 -42.62 -21.93 -25.83
CA THR C 339 -41.53 -22.72 -26.41
C THR C 339 -40.21 -22.04 -26.10
N SER C 340 -40.30 -20.89 -25.42
CA SER C 340 -39.13 -20.12 -25.01
C SER C 340 -38.42 -20.77 -23.84
N MET C 341 -39.15 -20.96 -22.74
CA MET C 341 -38.58 -21.53 -21.53
C MET C 341 -39.50 -22.58 -20.92
N SER C 342 -39.39 -22.77 -19.61
CA SER C 342 -40.24 -23.70 -18.88
C SER C 342 -40.75 -23.03 -17.61
N LEU C 343 -41.17 -21.77 -17.75
CA LEU C 343 -41.73 -20.95 -16.66
C LEU C 343 -40.75 -20.67 -15.51
N THR C 344 -41.09 -19.66 -14.71
CA THR C 344 -40.24 -19.19 -13.61
C THR C 344 -40.65 -19.77 -12.27
N ILE C 345 -39.69 -20.37 -11.57
CA ILE C 345 -39.95 -21.02 -10.28
C ILE C 345 -40.30 -20.01 -9.18
N ASN C 346 -41.54 -20.12 -8.66
CA ASN C 346 -42.04 -19.21 -7.64
C ASN C 346 -41.82 -17.73 -7.97
N PRO C 347 -42.65 -17.20 -8.88
CA PRO C 347 -42.50 -15.84 -9.43
C PRO C 347 -42.77 -14.73 -8.42
N SER C 348 -43.82 -14.89 -7.62
CA SER C 348 -44.18 -13.93 -6.59
C SER C 348 -44.34 -12.50 -7.12
N ILE C 349 -45.27 -12.32 -8.05
CA ILE C 349 -45.53 -11.01 -8.64
C ILE C 349 -46.82 -10.41 -8.08
N SER C 350 -46.77 -9.13 -7.72
CA SER C 350 -47.94 -8.42 -7.23
C SER C 350 -48.95 -8.25 -8.36
N MET C 351 -50.21 -8.56 -8.07
CA MET C 351 -51.28 -8.45 -9.07
C MET C 351 -51.84 -7.03 -9.14
N THR C 352 -51.30 -6.14 -8.30
CA THR C 352 -51.84 -4.79 -8.14
C THR C 352 -51.93 -3.97 -9.44
N SER C 353 -50.82 -3.89 -10.16
CA SER C 353 -50.78 -3.16 -11.42
C SER C 353 -51.77 -3.71 -12.44
N PHE C 354 -51.81 -5.04 -12.54
CA PHE C 354 -52.74 -5.73 -13.43
C PHE C 354 -54.18 -5.58 -12.94
N LEU C 355 -54.34 -5.28 -11.66
CA LEU C 355 -55.66 -5.10 -11.05
C LEU C 355 -56.10 -3.64 -11.18
N LEU C 356 -55.17 -2.77 -11.54
CA LEU C 356 -55.43 -1.33 -11.59
C LEU C 356 -55.46 -0.80 -13.02
N ASN C 357 -54.89 -1.55 -13.95
CA ASN C 357 -54.81 -1.11 -15.34
C ASN C 357 -55.20 -2.18 -16.35
N GLY C 358 -55.44 -3.39 -15.87
CA GLY C 358 -55.74 -4.50 -16.75
C GLY C 358 -54.51 -4.87 -17.56
N PRO C 359 -54.72 -5.44 -18.76
CA PRO C 359 -53.66 -5.82 -19.69
C PRO C 359 -52.65 -4.70 -19.95
N ILE C 360 -52.90 -3.88 -20.95
CA ILE C 360 -52.09 -2.68 -21.22
C ILE C 360 -50.61 -2.94 -21.52
N SER C 361 -49.97 -3.77 -20.71
CA SER C 361 -48.51 -3.85 -20.65
C SER C 361 -47.82 -4.81 -21.62
N GLU C 362 -48.51 -5.89 -21.98
CA GLU C 362 -47.88 -7.04 -22.65
C GLU C 362 -46.85 -7.68 -21.70
N PRO C 363 -47.20 -8.87 -21.17
CA PRO C 363 -46.61 -9.50 -19.98
C PRO C 363 -45.21 -10.06 -20.17
N ASN C 364 -44.49 -10.17 -19.06
CA ASN C 364 -43.22 -10.90 -19.02
C ASN C 364 -43.47 -12.36 -18.67
N VAL C 365 -42.41 -13.16 -18.65
CA VAL C 365 -42.55 -14.59 -18.42
C VAL C 365 -43.03 -14.94 -17.00
N GLU C 366 -42.57 -14.17 -16.01
CA GLU C 366 -42.87 -14.44 -14.61
C GLU C 366 -44.36 -14.28 -14.29
N PHE C 367 -44.96 -13.21 -14.81
CA PHE C 367 -46.37 -12.93 -14.60
C PHE C 367 -47.23 -14.08 -15.13
N LEU C 368 -47.01 -14.42 -16.40
CA LEU C 368 -47.67 -15.54 -17.05
C LEU C 368 -47.50 -16.81 -16.23
N SER C 369 -46.29 -17.02 -15.75
CA SER C 369 -45.97 -18.19 -14.94
C SER C 369 -46.86 -18.25 -13.70
N GLN C 370 -46.99 -17.12 -13.01
CA GLN C 370 -47.84 -17.06 -11.82
C GLN C 370 -49.30 -17.36 -12.16
N LEU C 371 -49.78 -16.78 -13.26
CA LEU C 371 -51.15 -17.02 -13.69
C LEU C 371 -51.45 -18.49 -13.99
N ILE C 372 -50.62 -19.09 -14.83
CA ILE C 372 -50.77 -20.51 -15.15
C ILE C 372 -50.70 -21.35 -13.87
N ASN C 373 -49.75 -21.00 -13.00
CA ASN C 373 -49.59 -21.66 -11.72
C ASN C 373 -50.87 -21.64 -10.89
N TYR C 374 -51.53 -20.48 -10.87
CA TYR C 374 -52.81 -20.37 -10.18
C TYR C 374 -53.88 -21.20 -10.86
N LEU C 375 -53.82 -21.26 -12.17
CA LEU C 375 -54.82 -22.03 -12.94
C LEU C 375 -54.76 -23.51 -12.60
N VAL C 376 -53.56 -24.08 -12.58
CA VAL C 376 -53.43 -25.52 -12.32
C VAL C 376 -53.80 -25.89 -10.88
N SER C 377 -53.81 -24.91 -9.99
CA SER C 377 -54.06 -25.17 -8.57
C SER C 377 -55.55 -25.07 -8.19
N VAL C 378 -56.38 -24.72 -9.16
CA VAL C 378 -57.83 -24.67 -8.96
C VAL C 378 -58.33 -26.07 -8.59
N GLU C 379 -59.32 -26.12 -7.70
CA GLU C 379 -59.86 -27.38 -7.20
C GLU C 379 -60.24 -28.36 -8.31
N PHE C 380 -60.62 -27.83 -9.47
CA PHE C 380 -60.93 -28.65 -10.63
C PHE C 380 -60.10 -28.19 -11.83
N PRO C 381 -58.85 -28.67 -11.93
CA PRO C 381 -57.88 -28.19 -12.92
C PRO C 381 -58.17 -28.62 -14.35
N PRO C 382 -58.38 -27.65 -15.26
CA PRO C 382 -58.65 -27.92 -16.67
C PRO C 382 -57.41 -28.32 -17.48
N MET C 383 -56.22 -27.90 -17.06
CA MET C 383 -54.99 -28.25 -17.76
C MET C 383 -53.77 -28.26 -16.84
N GLU C 384 -52.72 -28.95 -17.27
CA GLU C 384 -51.53 -29.14 -16.43
C GLU C 384 -50.24 -28.84 -17.19
N ILE C 385 -49.15 -28.63 -16.45
CA ILE C 385 -47.86 -28.37 -17.06
C ILE C 385 -47.13 -29.66 -17.43
N ILE C 386 -46.19 -29.55 -18.37
CA ILE C 386 -45.38 -30.69 -18.77
C ILE C 386 -44.06 -30.69 -18.01
N HIS C 387 -43.82 -31.75 -17.24
CA HIS C 387 -42.61 -31.91 -16.47
C HIS C 387 -41.46 -32.44 -17.32
N ASP C 388 -41.79 -33.21 -18.34
CA ASP C 388 -40.77 -33.89 -19.14
C ASP C 388 -40.26 -33.05 -20.32
N ARG C 389 -39.85 -31.82 -20.03
CA ARG C 389 -39.19 -30.94 -20.99
C ARG C 389 -38.76 -29.64 -20.32
N GLU C 390 -37.46 -29.41 -20.23
CA GLU C 390 -36.93 -28.23 -19.55
C GLU C 390 -36.43 -27.16 -20.51
N GLU C 391 -36.86 -25.93 -20.26
CA GLU C 391 -36.46 -24.76 -21.05
C GLU C 391 -36.89 -24.88 -22.51
N SER C 392 -37.91 -25.70 -22.74
CA SER C 392 -38.55 -25.83 -24.04
C SER C 392 -39.99 -26.27 -23.83
N GLY C 393 -40.88 -25.74 -24.66
CA GLY C 393 -42.31 -25.97 -24.51
C GLY C 393 -42.70 -27.44 -24.67
N PRO C 394 -43.96 -27.77 -24.36
CA PRO C 394 -44.95 -26.81 -23.88
C PRO C 394 -45.62 -27.25 -22.58
N LEU C 395 -46.95 -27.39 -22.63
CA LEU C 395 -47.73 -27.80 -21.47
C LEU C 395 -48.92 -28.63 -21.96
N LEU C 396 -49.41 -29.53 -21.12
CA LEU C 396 -50.40 -30.52 -21.58
C LEU C 396 -51.77 -30.43 -20.91
N ARG C 397 -52.83 -30.46 -21.71
CA ARG C 397 -54.19 -30.50 -21.19
C ARG C 397 -54.44 -31.78 -20.41
N ARG C 398 -55.38 -31.72 -19.47
CA ARG C 398 -55.71 -32.85 -18.64
C ARG C 398 -57.16 -32.78 -18.17
N ILE C 399 -57.83 -33.93 -18.17
CA ILE C 399 -59.22 -34.05 -17.71
C ILE C 399 -60.19 -33.15 -18.48
N ASP D 3 -34.47 25.38 -21.94
CA ASP D 3 -35.31 26.56 -21.85
C ASP D 3 -36.43 26.37 -20.84
N GLU D 4 -36.87 25.12 -20.68
CA GLU D 4 -37.91 24.77 -19.72
C GLU D 4 -37.43 25.06 -18.30
N TRP D 5 -36.29 24.48 -17.94
CA TRP D 5 -35.72 24.63 -16.61
C TRP D 5 -35.36 26.07 -16.31
N GLU D 6 -35.00 26.82 -17.34
CA GLU D 6 -34.68 28.23 -17.21
C GLU D 6 -35.94 29.03 -16.90
N GLN D 7 -37.04 28.67 -17.56
CA GLN D 7 -38.32 29.30 -17.31
C GLN D 7 -38.78 29.02 -15.88
N LEU D 8 -38.68 27.76 -15.47
CA LEU D 8 -39.01 27.37 -14.10
C LEU D 8 -38.10 28.08 -13.10
N THR D 9 -36.87 28.36 -13.53
CA THR D 9 -35.91 29.06 -12.69
C THR D 9 -36.34 30.51 -12.49
N VAL D 10 -36.73 31.17 -13.57
CA VAL D 10 -37.22 32.55 -13.52
C VAL D 10 -38.47 32.64 -12.63
N GLU D 11 -39.42 31.74 -12.89
CA GLU D 11 -40.64 31.68 -12.10
C GLU D 11 -40.32 31.44 -10.63
N LEU D 12 -39.27 30.67 -10.38
CA LEU D 12 -38.82 30.39 -9.01
C LEU D 12 -38.31 31.65 -8.34
N ARG D 13 -37.37 32.32 -9.01
CA ARG D 13 -36.75 33.53 -8.46
C ARG D 13 -37.75 34.68 -8.29
N LYS D 14 -38.83 34.64 -9.08
CA LYS D 14 -39.85 35.68 -9.01
C LYS D 14 -40.66 35.60 -7.71
N ILE D 15 -40.73 34.40 -7.13
CA ILE D 15 -41.48 34.18 -5.90
C ILE D 15 -40.84 34.92 -4.72
N PRO D 16 -41.64 35.71 -3.99
CA PRO D 16 -41.16 36.47 -2.84
C PRO D 16 -40.70 35.56 -1.70
N ARG D 17 -39.58 35.91 -1.09
CA ARG D 17 -39.01 35.12 -0.01
C ARG D 17 -39.52 35.59 1.35
N GLY D 18 -40.41 34.80 1.96
CA GLY D 18 -41.02 35.17 3.22
C GLY D 18 -41.68 33.99 3.91
N THR D 19 -42.13 34.23 5.14
CA THR D 19 -42.76 33.18 5.94
C THR D 19 -44.10 32.76 5.34
N GLU D 20 -44.86 33.75 4.87
CA GLU D 20 -46.20 33.52 4.35
C GLU D 20 -46.20 33.17 2.87
N ALA D 21 -45.04 33.28 2.22
CA ALA D 21 -44.95 33.01 0.79
C ALA D 21 -44.14 31.75 0.49
N ALA D 22 -43.78 31.02 1.54
CA ALA D 22 -42.94 29.83 1.40
C ALA D 22 -43.58 28.57 0.79
N PRO D 23 -44.84 28.24 1.16
CA PRO D 23 -45.45 27.05 0.56
C PRO D 23 -45.47 27.07 -0.97
N GLN D 24 -45.67 28.25 -1.54
CA GLN D 24 -45.62 28.46 -2.99
C GLN D 24 -44.26 28.04 -3.53
N TYR D 25 -43.21 28.53 -2.87
CA TYR D 25 -41.83 28.22 -3.22
C TYR D 25 -41.60 26.71 -3.17
N LEU D 26 -42.08 26.09 -2.09
CA LEU D 26 -41.94 24.65 -1.90
C LEU D 26 -42.61 23.85 -3.02
N ARG D 27 -43.83 24.23 -3.37
CA ARG D 27 -44.55 23.54 -4.44
C ARG D 27 -43.89 23.73 -5.80
N HIS D 28 -43.34 24.91 -6.04
CA HIS D 28 -42.61 25.13 -7.28
C HIS D 28 -41.35 24.27 -7.31
N LEU D 29 -40.72 24.12 -6.16
CA LEU D 29 -39.56 23.24 -6.02
C LEU D 29 -39.95 21.80 -6.30
N MET D 30 -41.17 21.44 -5.91
CA MET D 30 -41.70 20.12 -6.21
C MET D 30 -41.86 19.96 -7.72
N LYS D 31 -42.38 21.00 -8.37
CA LYS D 31 -42.56 20.99 -9.82
C LYS D 31 -41.23 20.79 -10.54
N MET D 32 -40.21 21.53 -10.11
CA MET D 32 -38.90 21.41 -10.73
C MET D 32 -38.23 20.08 -10.39
N PHE D 33 -38.59 19.51 -9.24
CA PHE D 33 -38.09 18.19 -8.87
C PHE D 33 -38.67 17.14 -9.80
N VAL D 34 -39.93 17.30 -10.15
CA VAL D 34 -40.59 16.39 -11.09
C VAL D 34 -40.00 16.58 -12.49
N ALA D 35 -39.75 17.83 -12.85
CA ALA D 35 -39.26 18.16 -14.19
C ALA D 35 -37.87 17.60 -14.46
N ASP D 36 -36.99 17.66 -13.47
CA ASP D 36 -35.63 17.19 -13.62
C ASP D 36 -34.98 16.88 -12.27
N PHE D 37 -35.24 15.68 -11.76
CA PHE D 37 -34.70 15.25 -10.47
C PHE D 37 -33.19 15.27 -10.44
N GLU D 38 -32.58 14.85 -11.54
CA GLU D 38 -31.13 14.82 -11.69
C GLU D 38 -30.56 16.22 -11.53
N THR D 39 -31.14 17.19 -12.23
CA THR D 39 -30.67 18.57 -12.18
C THR D 39 -31.02 19.23 -10.85
N ALA D 40 -32.15 18.83 -10.26
CA ALA D 40 -32.58 19.38 -8.97
C ALA D 40 -31.60 18.99 -7.88
N VAL D 41 -31.26 17.70 -7.82
CA VAL D 41 -30.29 17.21 -6.87
C VAL D 41 -28.90 17.74 -7.22
N SER D 42 -28.66 17.97 -8.51
CA SER D 42 -27.40 18.55 -8.96
C SER D 42 -27.15 19.91 -8.32
N LYS D 43 -28.22 20.69 -8.15
CA LYS D 43 -28.12 22.00 -7.52
C LYS D 43 -28.59 21.96 -6.07
N ARG D 44 -28.54 20.77 -5.47
CA ARG D 44 -28.94 20.54 -4.07
C ARG D 44 -30.25 21.23 -3.68
N PHE D 45 -31.27 21.06 -4.50
CA PHE D 45 -32.57 21.68 -4.25
C PHE D 45 -33.26 21.11 -3.01
N ASP D 46 -32.81 19.95 -2.56
CA ASP D 46 -33.32 19.37 -1.31
C ASP D 46 -32.94 20.26 -0.13
N VAL D 47 -31.72 20.78 -0.17
CA VAL D 47 -31.23 21.69 0.85
C VAL D 47 -32.04 22.98 0.85
N LYS D 48 -32.38 23.47 -0.33
CA LYS D 48 -33.19 24.68 -0.47
C LYS D 48 -34.58 24.45 0.09
N PHE D 49 -35.16 23.31 -0.27
CA PHE D 49 -36.48 22.91 0.19
C PHE D 49 -36.52 22.89 1.72
N TRP D 50 -35.58 22.15 2.31
CA TRP D 50 -35.50 22.05 3.77
C TRP D 50 -35.20 23.40 4.43
N ASN D 51 -34.47 24.27 3.74
CA ASN D 51 -34.17 25.60 4.29
C ASN D 51 -35.41 26.46 4.33
N LYS D 52 -36.20 26.41 3.27
CA LYS D 52 -37.49 27.12 3.25
C LYS D 52 -38.38 26.60 4.39
N LEU D 53 -38.51 25.27 4.45
CA LEU D 53 -39.36 24.64 5.46
C LEU D 53 -38.93 25.00 6.89
N LYS D 54 -37.64 24.88 7.16
CA LYS D 54 -37.07 25.21 8.46
C LYS D 54 -37.27 26.69 8.80
N SER D 55 -37.15 27.53 7.79
CA SER D 55 -37.38 28.97 7.95
C SER D 55 -38.81 29.21 8.42
N MET D 56 -39.75 28.59 7.72
CA MET D 56 -41.15 28.63 8.10
C MET D 56 -41.33 28.19 9.55
N MET D 57 -40.80 27.01 9.87
CA MET D 57 -40.92 26.44 11.21
C MET D 57 -40.42 27.39 12.30
N ASP D 58 -39.25 27.97 12.08
CA ASP D 58 -38.64 28.86 13.06
C ASP D 58 -39.44 30.16 13.22
N GLU D 59 -39.89 30.71 12.10
CA GLU D 59 -40.66 31.95 12.12
C GLU D 59 -41.99 31.78 12.85
N ILE D 60 -42.65 30.66 12.60
CA ILE D 60 -43.91 30.36 13.27
C ILE D 60 -43.64 30.04 14.75
N THR D 61 -42.46 29.48 15.03
CA THR D 61 -42.06 29.16 16.39
C THR D 61 -41.87 30.42 17.22
N LYS D 62 -41.31 31.45 16.60
CA LYS D 62 -41.02 32.72 17.25
C LYS D 62 -42.24 33.32 17.95
N ALA D 63 -43.38 33.27 17.28
CA ALA D 63 -44.63 33.74 17.87
C ALA D 63 -44.99 32.86 19.06
N MET D 64 -45.48 33.49 20.12
CA MET D 64 -45.73 32.80 21.37
C MET D 64 -44.47 32.14 21.89
N GLU D 65 -44.61 30.96 22.49
CA GLU D 65 -43.46 30.23 23.03
C GLU D 65 -43.80 28.77 23.24
N ARG D 68 -46.57 25.21 22.49
CA ARG D 68 -46.18 23.86 22.13
C ARG D 68 -47.08 23.31 21.03
N LEU D 69 -48.34 23.73 21.06
CA LEU D 69 -49.33 23.28 20.07
C LEU D 69 -48.99 23.82 18.68
N VAL D 70 -48.51 25.06 18.64
CA VAL D 70 -48.12 25.68 17.38
C VAL D 70 -46.94 24.93 16.77
N ASN D 71 -46.01 24.52 17.62
CA ASN D 71 -44.88 23.69 17.21
C ASN D 71 -45.37 22.39 16.61
N HIS D 72 -46.37 21.78 17.25
CA HIS D 72 -46.96 20.54 16.79
C HIS D 72 -47.54 20.72 15.38
N ASN D 73 -48.37 21.74 15.22
CA ASN D 73 -48.98 22.05 13.93
C ASN D 73 -47.94 22.25 12.82
N VAL D 74 -46.95 23.11 13.07
CA VAL D 74 -45.95 23.40 12.06
C VAL D 74 -45.10 22.16 11.74
N GLN D 75 -44.83 21.35 12.76
CA GLN D 75 -44.13 20.08 12.59
C GLN D 75 -44.88 19.17 11.64
N ASN D 76 -46.18 18.99 11.91
CA ASN D 76 -47.01 18.13 11.06
C ASN D 76 -47.11 18.63 9.62
N LEU D 77 -47.22 19.94 9.46
CA LEU D 77 -47.20 20.54 8.13
C LEU D 77 -45.90 20.19 7.42
N ALA D 78 -44.80 20.31 8.15
CA ALA D 78 -43.49 19.97 7.63
C ALA D 78 -43.42 18.51 7.15
N ILE D 79 -43.89 17.61 8.02
CA ILE D 79 -43.93 16.19 7.69
C ILE D 79 -44.71 15.95 6.41
N GLY D 80 -45.86 16.61 6.29
CA GLY D 80 -46.66 16.54 5.09
C GLY D 80 -45.89 16.96 3.84
N PHE D 81 -45.26 18.13 3.91
CA PHE D 81 -44.46 18.64 2.78
C PHE D 81 -43.35 17.66 2.36
N LEU D 82 -42.58 17.19 3.33
CA LEU D 82 -41.43 16.31 3.04
C LEU D 82 -41.88 14.96 2.46
N THR D 83 -42.86 14.35 3.12
CA THR D 83 -43.42 13.08 2.66
C THR D 83 -43.93 13.23 1.22
N ASP D 84 -44.61 14.34 0.95
CA ASP D 84 -45.14 14.60 -0.38
C ASP D 84 -44.05 14.83 -1.42
N LEU D 85 -42.93 15.42 -1.01
CA LEU D 85 -41.80 15.60 -1.93
C LEU D 85 -41.21 14.26 -2.31
N SER D 86 -40.89 13.45 -1.30
CA SER D 86 -40.34 12.13 -1.53
C SER D 86 -41.28 11.28 -2.39
N LEU D 87 -42.57 11.38 -2.12
CA LEU D 87 -43.58 10.61 -2.85
C LEU D 87 -43.78 11.09 -4.29
N LEU D 88 -43.61 12.39 -4.52
CA LEU D 88 -43.65 12.91 -5.88
C LEU D 88 -42.46 12.39 -6.68
N VAL D 89 -41.27 12.54 -6.09
CA VAL D 89 -40.05 12.05 -6.72
C VAL D 89 -40.17 10.57 -7.05
N HIS D 90 -40.69 9.80 -6.10
CA HIS D 90 -40.90 8.37 -6.31
C HIS D 90 -41.96 8.10 -7.38
N TYR D 91 -42.96 8.99 -7.46
CA TYR D 91 -44.04 8.80 -8.41
C TYR D 91 -43.54 9.04 -9.84
N HIS D 92 -42.54 9.90 -9.99
CA HIS D 92 -42.05 10.22 -11.33
C HIS D 92 -40.68 9.64 -11.70
N TYR D 93 -39.94 9.15 -10.71
CA TYR D 93 -38.60 8.64 -10.97
C TYR D 93 -38.29 7.31 -10.27
N GLU D 94 -37.53 6.46 -10.95
CA GLU D 94 -37.15 5.16 -10.41
C GLU D 94 -36.08 5.28 -9.35
N ILE D 95 -36.49 5.60 -8.13
CA ILE D 95 -35.58 5.65 -7.00
C ILE D 95 -35.27 4.24 -6.52
N PRO D 96 -33.98 3.91 -6.41
CA PRO D 96 -33.52 2.59 -5.95
C PRO D 96 -34.03 2.26 -4.56
N ASN D 97 -34.12 0.97 -4.24
CA ASN D 97 -34.51 0.55 -2.90
C ASN D 97 -33.29 0.41 -2.00
N TYR D 98 -33.23 1.29 -0.99
CA TYR D 98 -32.10 1.30 -0.07
C TYR D 98 -32.45 0.56 1.22
N GLY D 99 -33.32 -0.45 1.08
CA GLY D 99 -33.69 -1.29 2.21
C GLY D 99 -35.19 -1.40 2.40
N ASN D 100 -35.63 -2.60 2.78
CA ASN D 100 -37.04 -2.83 3.10
C ASN D 100 -37.38 -2.35 4.51
N ASP D 101 -36.45 -1.65 5.14
CA ASP D 101 -36.65 -1.12 6.48
C ASP D 101 -37.05 0.35 6.44
N ILE D 102 -36.81 0.99 5.30
CA ILE D 102 -37.22 2.37 5.09
C ILE D 102 -38.75 2.46 5.12
N SER D 103 -39.26 3.44 5.85
CA SER D 103 -40.69 3.68 5.94
C SER D 103 -41.35 3.78 4.57
N LYS D 104 -42.32 2.91 4.32
CA LYS D 104 -42.99 2.84 3.03
C LYS D 104 -43.76 4.13 2.71
N GLN D 105 -44.04 4.91 3.74
CA GLN D 105 -44.77 6.18 3.58
C GLN D 105 -44.01 7.16 2.69
N LEU D 106 -42.70 7.00 2.61
CA LEU D 106 -41.87 7.84 1.77
C LEU D 106 -41.63 7.16 0.43
N THR D 107 -41.95 5.87 0.37
CA THR D 107 -41.54 5.04 -0.75
C THR D 107 -42.69 4.36 -1.48
N TRP D 108 -43.67 3.87 -0.72
CA TRP D 108 -44.67 2.95 -1.25
C TRP D 108 -43.95 1.74 -1.83
N THR D 109 -44.50 1.20 -2.92
CA THR D 109 -43.86 0.10 -3.61
C THR D 109 -43.88 0.38 -5.12
N PRO D 110 -42.98 -0.27 -5.88
CA PRO D 110 -43.01 -0.12 -7.34
C PRO D 110 -44.26 -0.74 -7.96
N ASP D 111 -45.15 -1.29 -7.13
CA ASP D 111 -46.38 -1.92 -7.60
C ASP D 111 -47.45 -0.90 -7.99
N VAL D 112 -47.19 0.38 -7.72
CA VAL D 112 -48.18 1.42 -7.96
C VAL D 112 -47.68 2.53 -8.87
N PHE D 113 -46.56 2.30 -9.57
CA PHE D 113 -45.98 3.32 -10.43
C PHE D 113 -46.07 2.94 -11.91
N LEU D 114 -45.97 3.93 -12.78
CA LEU D 114 -46.12 3.71 -14.22
C LEU D 114 -45.24 4.64 -15.05
N ASN D 115 -44.41 4.04 -15.90
CA ASN D 115 -43.55 4.78 -16.84
C ASN D 115 -42.65 5.83 -16.19
N ARG D 116 -42.02 5.49 -15.09
CA ARG D 116 -41.08 6.39 -14.42
C ARG D 116 -39.83 6.57 -15.26
N LYS D 117 -39.27 7.77 -15.23
CA LYS D 117 -38.01 8.04 -15.90
C LYS D 117 -36.86 7.46 -15.10
N PRO D 118 -35.97 6.71 -15.75
CA PRO D 118 -34.85 6.05 -15.07
C PRO D 118 -33.84 7.06 -14.53
N ILE D 119 -33.13 6.67 -13.48
CA ILE D 119 -32.11 7.54 -12.89
C ILE D 119 -30.77 7.37 -13.58
N LYS D 120 -30.27 8.45 -14.17
CA LYS D 120 -29.01 8.43 -14.90
C LYS D 120 -27.84 8.16 -13.97
N SER D 121 -27.65 9.05 -13.00
CA SER D 121 -26.57 8.92 -12.02
C SER D 121 -27.15 8.53 -10.67
N LYS D 122 -26.89 7.29 -10.25
CA LYS D 122 -27.42 6.75 -9.00
C LYS D 122 -27.01 7.56 -7.77
N LYS D 123 -25.88 8.25 -7.89
CA LYS D 123 -25.34 9.06 -6.79
C LYS D 123 -26.35 10.12 -6.34
N ASN D 124 -26.98 10.78 -7.30
CA ASN D 124 -27.97 11.81 -7.00
C ASN D 124 -29.14 11.28 -6.18
N SER D 125 -29.68 10.14 -6.59
CA SER D 125 -30.80 9.52 -5.88
C SER D 125 -30.36 9.08 -4.49
N ARG D 126 -29.12 8.59 -4.40
CA ARG D 126 -28.57 8.17 -3.11
C ARG D 126 -28.49 9.33 -2.12
N VAL D 127 -27.83 10.41 -2.54
CA VAL D 127 -27.72 11.62 -1.73
C VAL D 127 -29.10 12.16 -1.35
N PHE D 128 -30.00 12.21 -2.32
CA PHE D 128 -31.35 12.71 -2.10
C PHE D 128 -32.07 11.90 -1.01
N MET D 129 -32.06 10.58 -1.16
CA MET D 129 -32.69 9.70 -0.19
C MET D 129 -32.10 9.85 1.20
N ALA D 130 -30.77 9.86 1.27
CA ALA D 130 -30.07 10.05 2.54
C ALA D 130 -30.51 11.34 3.23
N TYR D 131 -30.53 12.44 2.46
CA TYR D 131 -30.92 13.74 2.99
C TYR D 131 -32.37 13.75 3.46
N VAL D 132 -33.26 13.18 2.65
CA VAL D 132 -34.67 13.09 3.01
C VAL D 132 -34.85 12.36 4.34
N LEU D 133 -34.17 11.23 4.48
CA LEU D 133 -34.23 10.45 5.72
C LEU D 133 -33.68 11.25 6.90
N LEU D 134 -32.60 11.98 6.66
CA LEU D 134 -32.02 12.86 7.68
C LEU D 134 -33.03 13.88 8.19
N ARG D 135 -33.64 14.61 7.27
CA ARG D 135 -34.59 15.66 7.64
C ARG D 135 -35.88 15.12 8.26
N MET D 136 -36.29 13.94 7.80
CA MET D 136 -37.41 13.25 8.43
C MET D 136 -37.05 12.92 9.87
N GLY D 137 -35.81 12.52 10.08
CA GLY D 137 -35.29 12.28 11.41
C GLY D 137 -35.36 13.53 12.27
N ASP D 138 -35.00 14.66 11.67
CA ASP D 138 -35.09 15.94 12.37
C ASP D 138 -36.53 16.25 12.78
N LEU D 139 -37.46 15.97 11.88
CA LEU D 139 -38.87 16.21 12.14
C LEU D 139 -39.37 15.33 13.29
N MET D 140 -39.00 14.06 13.26
CA MET D 140 -39.39 13.13 14.32
C MET D 140 -38.76 13.54 15.65
N ARG D 141 -37.57 14.14 15.58
CA ARG D 141 -36.88 14.62 16.77
C ARG D 141 -37.62 15.84 17.34
N TYR D 142 -38.11 16.70 16.46
CA TYR D 142 -38.88 17.86 16.88
C TYR D 142 -40.17 17.42 17.57
N LYS D 143 -40.77 16.37 17.03
CA LYS D 143 -42.03 15.84 17.56
C LYS D 143 -41.80 14.95 18.78
N GLU D 144 -40.56 14.92 19.27
CA GLU D 144 -40.18 14.16 20.46
C GLU D 144 -40.42 12.65 20.37
N ASN D 145 -40.54 12.12 19.15
CA ASN D 145 -40.55 10.68 18.96
C ASN D 145 -39.12 10.21 18.71
N TYR D 146 -38.34 10.13 19.79
CA TYR D 146 -36.92 9.81 19.72
C TYR D 146 -36.54 8.47 19.05
N PRO D 147 -37.27 7.37 19.35
CA PRO D 147 -36.94 6.11 18.67
C PRO D 147 -37.04 6.18 17.15
N LYS D 148 -38.16 6.67 16.65
CA LYS D 148 -38.37 6.78 15.21
C LYS D 148 -37.31 7.69 14.59
N ALA D 149 -37.01 8.78 15.28
CA ALA D 149 -35.99 9.72 14.84
C ALA D 149 -34.64 9.04 14.72
N GLN D 150 -34.32 8.19 15.69
CA GLN D 150 -33.07 7.45 15.67
C GLN D 150 -33.05 6.44 14.53
N GLU D 151 -34.22 5.85 14.25
CA GLU D 151 -34.37 4.93 13.12
C GLU D 151 -34.03 5.66 11.81
N TYR D 152 -34.71 6.78 11.57
CA TYR D 152 -34.46 7.59 10.38
C TYR D 152 -33.00 8.01 10.25
N TYR D 153 -32.45 8.53 11.35
CA TYR D 153 -31.05 8.96 11.40
C TYR D 153 -30.09 7.83 11.03
N GLU D 154 -30.30 6.66 11.62
CA GLU D 154 -29.44 5.51 11.37
C GLU D 154 -29.50 5.08 9.91
N GLN D 155 -30.72 4.99 9.38
CA GLN D 155 -30.91 4.67 7.97
C GLN D 155 -30.16 5.64 7.07
N SER D 156 -30.39 6.93 7.30
CA SER D 156 -29.72 8.00 6.54
C SER D 156 -28.20 7.89 6.61
N CYS D 157 -27.68 7.57 7.79
CA CYS D 157 -26.25 7.37 7.99
C CYS D 157 -25.76 6.20 7.13
N ARG D 158 -26.54 5.12 7.10
CA ARG D 158 -26.18 3.95 6.29
C ARG D 158 -26.17 4.30 4.79
N ILE D 159 -27.10 5.13 4.37
CA ILE D 159 -27.20 5.48 2.95
C ILE D 159 -26.04 6.36 2.51
N ASN D 160 -25.68 7.35 3.33
CA ASN D 160 -24.55 8.22 3.04
C ASN D 160 -23.80 8.63 4.30
N PRO D 161 -22.70 7.93 4.62
CA PRO D 161 -21.89 8.19 5.80
C PRO D 161 -21.01 9.44 5.65
N ALA D 162 -21.02 10.03 4.47
CA ALA D 162 -20.16 11.18 4.18
C ALA D 162 -20.66 12.48 4.78
N ASP D 163 -21.96 12.56 5.03
CA ASP D 163 -22.57 13.77 5.58
C ASP D 163 -22.47 13.79 7.10
N GLY D 164 -21.65 14.69 7.63
CA GLY D 164 -21.43 14.80 9.06
C GLY D 164 -22.65 15.24 9.85
N ALA D 165 -23.58 15.89 9.17
CA ALA D 165 -24.82 16.34 9.81
C ALA D 165 -25.52 15.17 10.48
N VAL D 166 -25.55 14.04 9.77
CA VAL D 166 -26.18 12.83 10.28
C VAL D 166 -25.55 12.39 11.60
N TRP D 167 -24.23 12.27 11.61
CA TRP D 167 -23.50 11.90 12.82
C TRP D 167 -23.83 12.87 13.94
N ASN D 168 -23.90 14.16 13.61
CA ASN D 168 -24.23 15.18 14.61
C ASN D 168 -25.62 14.98 15.23
N GLN D 169 -26.60 14.72 14.38
CA GLN D 169 -27.97 14.47 14.84
C GLN D 169 -28.03 13.21 15.71
N LEU D 170 -27.24 12.20 15.33
CA LEU D 170 -27.11 10.99 16.13
C LEU D 170 -26.56 11.35 17.51
N GLY D 171 -25.59 12.26 17.53
CA GLY D 171 -25.04 12.77 18.78
C GLY D 171 -26.10 13.44 19.63
N LEU D 172 -26.97 14.21 18.99
CA LEU D 172 -28.07 14.87 19.66
C LEU D 172 -29.03 13.86 20.28
N ILE D 173 -29.32 12.79 19.54
CA ILE D 173 -30.17 11.72 20.03
C ILE D 173 -29.56 11.06 21.26
N SER D 174 -28.27 10.76 21.18
CA SER D 174 -27.56 10.16 22.32
C SER D 174 -27.58 11.09 23.54
N SER D 175 -27.49 12.39 23.29
CA SER D 175 -27.55 13.38 24.36
C SER D 175 -28.91 13.38 25.03
N LEU D 176 -29.96 13.28 24.22
CA LEU D 176 -31.33 13.22 24.74
C LEU D 176 -31.59 11.94 25.52
N GLY D 177 -30.80 10.90 25.24
CA GLY D 177 -30.95 9.63 25.91
C GLY D 177 -29.98 9.48 27.07
N ALA D 178 -29.36 10.58 27.46
CA ALA D 178 -28.39 10.62 28.56
C ALA D 178 -27.21 9.67 28.35
N LYS D 179 -26.93 9.34 27.09
CA LYS D 179 -25.79 8.50 26.76
C LYS D 179 -24.64 9.38 26.29
N ASN D 180 -23.96 10.01 27.24
CA ASN D 180 -22.96 11.03 26.94
C ASN D 180 -21.74 10.53 26.17
N LEU D 181 -21.29 9.33 26.49
CA LEU D 181 -20.14 8.73 25.81
C LEU D 181 -20.37 8.60 24.31
N GLU D 182 -21.46 7.93 23.96
CA GLU D 182 -21.87 7.79 22.57
C GLU D 182 -22.07 9.14 21.91
N SER D 183 -22.61 10.09 22.66
CA SER D 183 -22.81 11.44 22.14
C SER D 183 -21.48 12.07 21.74
N VAL D 184 -20.48 11.94 22.61
CA VAL D 184 -19.14 12.42 22.30
C VAL D 184 -18.60 11.74 21.05
N TYR D 185 -18.74 10.42 20.98
CA TYR D 185 -18.28 9.68 19.80
C TYR D 185 -18.92 10.17 18.51
N PHE D 186 -20.25 10.29 18.51
CA PHE D 186 -21.00 10.70 17.34
C PHE D 186 -20.69 12.13 16.91
N HIS D 187 -20.67 13.04 17.87
CA HIS D 187 -20.32 14.43 17.59
C HIS D 187 -18.90 14.53 17.03
N THR D 188 -18.02 13.67 17.53
CA THR D 188 -16.66 13.61 16.99
C THR D 188 -16.71 13.16 15.54
N ARG D 189 -17.48 12.11 15.28
CA ARG D 189 -17.63 11.59 13.92
C ARG D 189 -18.17 12.67 12.98
N ALA D 190 -19.04 13.52 13.52
CA ALA D 190 -19.58 14.64 12.76
C ALA D 190 -18.50 15.67 12.46
N LEU D 191 -17.64 15.91 13.46
CA LEU D 191 -16.59 16.90 13.31
C LEU D 191 -15.59 16.55 12.22
N HIS D 192 -15.33 15.25 12.04
CA HIS D 192 -14.28 14.81 11.12
C HIS D 192 -14.82 13.98 9.94
N ALA D 193 -16.11 14.11 9.66
CA ALA D 193 -16.69 13.40 8.52
C ALA D 193 -16.21 14.00 7.21
N THR D 194 -16.65 13.41 6.10
CA THR D 194 -16.23 13.88 4.77
C THR D 194 -16.89 15.21 4.41
N MET D 195 -18.04 15.48 5.01
CA MET D 195 -18.74 16.75 4.77
C MET D 195 -18.34 17.79 5.82
N GLU D 196 -17.82 17.32 6.94
CA GLU D 196 -17.37 18.18 8.04
C GLU D 196 -18.45 19.11 8.59
N PHE D 197 -19.04 18.72 9.72
CA PHE D 197 -20.01 19.55 10.41
C PHE D 197 -19.36 20.19 11.64
N PRO D 198 -18.85 21.42 11.47
CA PRO D 198 -18.02 22.10 12.47
C PRO D 198 -18.79 22.41 13.75
N THR D 199 -20.09 22.64 13.64
CA THR D 199 -20.91 23.01 14.79
C THR D 199 -20.89 21.91 15.87
N ALA D 200 -20.58 20.69 15.45
CA ALA D 200 -20.42 19.57 16.36
C ALA D 200 -19.44 19.90 17.48
N SER D 201 -18.40 20.66 17.13
CA SER D 201 -17.40 21.10 18.11
C SER D 201 -18.10 21.75 19.29
N GLY D 202 -19.02 22.67 18.98
CA GLY D 202 -19.85 23.31 19.98
C GLY D 202 -20.41 22.27 20.92
N GLY D 203 -21.16 21.32 20.36
CA GLY D 203 -21.72 20.23 21.14
C GLY D 203 -20.67 19.57 21.98
N LEU D 204 -19.55 19.20 21.34
CA LEU D 204 -18.43 18.56 22.03
C LEU D 204 -18.01 19.39 23.23
N THR D 205 -17.81 20.70 23.01
CA THR D 205 -17.44 21.60 24.08
C THR D 205 -18.43 21.50 25.22
N ASN D 206 -19.72 21.59 24.88
CA ASN D 206 -20.78 21.56 25.88
C ASN D 206 -20.77 20.28 26.71
N ILE D 207 -20.19 19.22 26.17
CA ILE D 207 -20.10 17.99 26.93
C ILE D 207 -18.89 18.04 27.84
N PHE D 208 -17.75 18.48 27.31
CA PHE D 208 -16.51 18.55 28.08
C PHE D 208 -16.69 19.39 29.32
N LYS D 209 -17.37 20.53 29.14
CA LYS D 209 -17.65 21.46 30.24
C LYS D 209 -18.40 20.80 31.40
N ASN D 210 -19.19 19.78 31.09
CA ASN D 210 -19.97 19.10 32.11
C ASN D 210 -19.19 18.00 32.85
N PHE D 211 -17.96 17.74 32.42
CA PHE D 211 -17.18 16.66 33.00
C PHE D 211 -15.78 17.06 33.47
N ALA D 212 -15.27 18.17 32.94
CA ALA D 212 -13.93 18.62 33.27
C ALA D 212 -13.76 18.94 34.76
N ASN D 213 -14.86 19.33 35.41
CA ASN D 213 -14.79 19.75 36.81
C ASN D 213 -15.53 18.82 37.77
N ARG D 214 -15.31 17.53 37.60
CA ARG D 214 -15.84 16.54 38.54
C ARG D 214 -14.68 15.98 39.36
N ASP D 215 -14.93 15.71 40.64
CA ASP D 215 -13.89 15.20 41.52
C ASP D 215 -13.48 13.80 41.08
N ILE D 216 -12.39 13.73 40.31
CA ILE D 216 -11.89 12.46 39.78
C ILE D 216 -11.51 11.50 40.90
N SER D 217 -11.05 12.05 42.02
CA SER D 217 -10.63 11.25 43.16
C SER D 217 -11.75 10.34 43.67
N ARG D 218 -12.98 10.85 43.64
CA ARG D 218 -14.14 10.09 44.08
C ARG D 218 -14.48 8.98 43.07
N PRO D 219 -15.09 7.88 43.55
CA PRO D 219 -15.47 6.77 42.67
C PRO D 219 -16.57 7.14 41.69
N MET D 220 -16.54 6.52 40.51
CA MET D 220 -17.51 6.80 39.46
C MET D 220 -17.41 5.72 38.39
N PRO D 221 -18.45 5.60 37.54
CA PRO D 221 -18.41 4.66 36.41
C PRO D 221 -17.24 4.96 35.47
N ILE D 222 -16.83 3.96 34.69
CA ILE D 222 -15.65 4.05 33.84
C ILE D 222 -15.80 5.10 32.74
N LYS D 223 -16.94 5.04 32.05
CA LYS D 223 -17.22 5.95 30.95
C LYS D 223 -17.20 7.41 31.40
N ASP D 224 -17.74 7.67 32.59
CA ASP D 224 -17.73 9.01 33.17
C ASP D 224 -16.30 9.46 33.51
N LEU D 225 -15.46 8.52 33.92
CA LEU D 225 -14.06 8.82 34.21
C LEU D 225 -13.37 9.21 32.92
N TYR D 226 -13.60 8.44 31.86
CA TYR D 226 -13.05 8.73 30.55
C TYR D 226 -13.51 10.10 30.06
N LEU D 227 -14.77 10.44 30.32
CA LEU D 227 -15.31 11.73 29.92
C LEU D 227 -14.66 12.88 30.68
N SER D 228 -14.58 12.75 31.99
CA SER D 228 -13.95 13.78 32.83
C SER D 228 -12.50 14.01 32.41
N CYS D 229 -11.76 12.92 32.19
CA CYS D 229 -10.36 13.02 31.80
C CYS D 229 -10.16 13.55 30.38
N LEU D 230 -11.06 13.20 29.46
CA LEU D 230 -10.98 13.73 28.10
C LEU D 230 -11.24 15.23 28.13
N GLY D 231 -12.21 15.62 28.94
CA GLY D 231 -12.52 17.03 29.14
C GLY D 231 -11.34 17.78 29.72
N ARG D 232 -10.67 17.17 30.69
CA ARG D 232 -9.49 17.78 31.30
C ARG D 232 -8.35 17.90 30.30
N ILE D 233 -8.18 16.89 29.46
CA ILE D 233 -7.17 16.92 28.41
C ILE D 233 -7.45 18.06 27.45
N HIS D 234 -8.72 18.25 27.13
CA HIS D 234 -9.13 19.31 26.20
C HIS D 234 -8.87 20.71 26.76
N PHE D 235 -9.12 20.89 28.06
CA PHE D 235 -8.98 22.20 28.67
C PHE D 235 -7.63 22.44 29.36
N LEU D 236 -6.66 21.57 29.08
CA LEU D 236 -5.31 21.70 29.62
C LEU D 236 -5.30 21.73 31.15
N LEU D 237 -6.08 20.86 31.76
CA LEU D 237 -6.18 20.81 33.22
C LEU D 237 -5.44 19.60 33.77
N GLU D 238 -4.85 19.75 34.95
CA GLU D 238 -4.11 18.67 35.59
C GLU D 238 -5.04 17.51 35.96
N ILE D 239 -4.65 16.30 35.60
CA ILE D 239 -5.38 15.11 36.01
C ILE D 239 -4.87 14.63 37.36
N GLU D 240 -5.74 14.61 38.35
CA GLU D 240 -5.39 14.42 39.75
C GLU D 240 -4.39 13.29 40.04
N ASP D 241 -4.88 12.06 40.06
CA ASP D 241 -4.00 10.92 40.33
C ASP D 241 -3.20 10.51 39.09
N SER D 242 -3.77 10.79 37.92
CA SER D 242 -3.14 10.49 36.63
C SER D 242 -2.89 9.00 36.38
N SER D 243 -1.75 8.51 36.85
CA SER D 243 -1.27 7.15 36.58
C SER D 243 -2.33 6.04 36.68
N VAL D 244 -2.97 5.92 37.83
CA VAL D 244 -3.99 4.90 38.05
C VAL D 244 -5.17 5.09 37.09
N HIS D 245 -5.71 6.31 37.09
CA HIS D 245 -6.87 6.66 36.27
C HIS D 245 -6.60 6.47 34.77
N LEU D 246 -5.44 6.93 34.32
CA LEU D 246 -5.06 6.80 32.92
C LEU D 246 -4.85 5.33 32.55
N GLN D 247 -4.32 4.56 33.49
CA GLN D 247 -4.15 3.13 33.28
C GLN D 247 -5.50 2.47 33.05
N LYS D 248 -6.42 2.68 33.98
CA LYS D 248 -7.77 2.12 33.88
C LYS D 248 -8.46 2.55 32.58
N ILE D 249 -8.40 3.84 32.30
CA ILE D 249 -9.03 4.41 31.11
C ILE D 249 -8.48 3.80 29.82
N GLY D 250 -7.16 3.65 29.74
CA GLY D 250 -6.53 3.03 28.59
C GLY D 250 -6.96 1.58 28.43
N GLU D 251 -6.89 0.84 29.54
CA GLU D 251 -7.29 -0.57 29.57
C GLU D 251 -8.72 -0.74 29.03
N GLU D 252 -9.60 0.17 29.43
CA GLU D 252 -10.97 0.15 28.94
C GLU D 252 -11.05 0.57 27.47
N ALA D 253 -10.19 1.50 27.08
CA ALA D 253 -10.22 2.07 25.74
C ALA D 253 -9.60 1.16 24.70
N ALA D 254 -9.01 0.05 25.16
CA ALA D 254 -8.46 -0.95 24.26
C ALA D 254 -9.56 -1.66 23.46
N THR D 255 -10.81 -1.51 23.87
CA THR D 255 -11.89 -2.29 23.27
C THR D 255 -13.03 -1.45 22.66
N SER D 256 -13.00 -0.13 22.84
CA SER D 256 -14.11 0.70 22.41
C SER D 256 -13.68 1.81 21.45
N LYS D 257 -14.37 1.90 20.31
CA LYS D 257 -14.09 2.94 19.33
C LYS D 257 -14.59 4.29 19.82
N GLU D 258 -15.58 4.25 20.71
CA GLU D 258 -16.19 5.46 21.25
C GLU D 258 -15.25 6.21 22.20
N MET D 259 -14.08 5.64 22.43
CA MET D 259 -13.07 6.29 23.25
C MET D 259 -11.84 6.64 22.42
N ILE D 260 -11.48 5.76 21.50
CA ILE D 260 -10.34 5.97 20.62
C ILE D 260 -10.61 7.09 19.61
N VAL D 261 -11.78 7.06 18.98
CA VAL D 261 -12.13 8.08 17.99
C VAL D 261 -12.17 9.51 18.54
N PRO D 262 -12.84 9.73 19.69
CA PRO D 262 -12.80 11.10 20.22
C PRO D 262 -11.40 11.49 20.69
N LEU D 263 -10.58 10.51 21.02
CA LEU D 263 -9.22 10.77 21.49
C LEU D 263 -8.31 11.21 20.34
N MET D 264 -8.50 10.59 19.18
CA MET D 264 -7.76 10.96 17.98
C MET D 264 -7.99 12.42 17.64
N SER D 265 -9.23 12.86 17.79
CA SER D 265 -9.64 14.23 17.47
C SER D 265 -8.95 15.24 18.37
N VAL D 266 -9.06 15.03 19.69
CA VAL D 266 -8.43 15.91 20.66
C VAL D 266 -6.92 15.96 20.49
N TYR D 267 -6.34 14.81 20.15
CA TYR D 267 -4.90 14.70 19.94
C TYR D 267 -4.45 15.53 18.74
N LYS D 268 -5.13 15.36 17.61
CA LYS D 268 -4.81 16.08 16.38
C LYS D 268 -4.95 17.59 16.58
N HIS D 269 -5.94 18.01 17.37
CA HIS D 269 -6.12 19.42 17.68
C HIS D 269 -4.97 19.91 18.57
N LEU D 270 -4.72 19.19 19.65
CA LEU D 270 -3.67 19.54 20.61
C LEU D 270 -2.27 19.47 20.00
N GLU D 271 -2.10 18.59 19.03
CA GLU D 271 -0.80 18.28 18.45
C GLU D 271 0.00 19.52 18.06
N ASP D 272 0.78 20.03 19.02
CA ASP D 272 1.63 21.19 18.80
C ASP D 272 2.71 21.26 19.88
N GLY D 273 2.88 22.43 20.47
CA GLY D 273 3.91 22.61 21.48
C GLY D 273 3.70 23.78 22.42
N THR D 274 3.48 23.47 23.69
CA THR D 274 3.40 24.48 24.75
C THR D 274 3.81 23.81 26.06
N GLU D 275 3.75 24.55 27.17
CA GLU D 275 4.09 23.99 28.47
C GLU D 275 2.96 23.11 28.98
N LEU D 276 1.74 23.45 28.60
CA LEU D 276 0.55 22.69 29.01
C LEU D 276 0.18 21.66 27.95
N GLU D 277 0.23 22.08 26.69
CA GLU D 277 -0.04 21.20 25.56
C GLU D 277 0.78 19.93 25.63
N GLN D 278 2.06 20.07 25.98
CA GLN D 278 2.95 18.93 26.12
C GLN D 278 2.43 17.94 27.16
N ARG D 279 1.98 18.47 28.29
CA ARG D 279 1.43 17.64 29.35
C ARG D 279 0.19 16.89 28.89
N ALA D 280 -0.73 17.61 28.25
CA ALA D 280 -1.95 17.00 27.73
C ALA D 280 -1.63 15.88 26.73
N VAL D 281 -0.71 16.17 25.82
CA VAL D 281 -0.25 15.19 24.84
C VAL D 281 0.33 13.97 25.54
N GLU D 282 1.01 14.19 26.67
CA GLU D 282 1.58 13.10 27.45
C GLU D 282 0.50 12.23 28.09
N TYR D 283 -0.54 12.87 28.62
CA TYR D 283 -1.72 12.15 29.12
C TYR D 283 -2.25 11.23 28.02
N VAL D 284 -2.48 11.84 26.85
CA VAL D 284 -2.95 11.13 25.67
C VAL D 284 -2.04 9.93 25.36
N LYS D 285 -0.73 10.14 25.47
CA LYS D 285 0.24 9.09 25.20
C LYS D 285 0.09 7.93 26.18
N THR D 286 -0.10 8.26 27.46
CA THR D 286 -0.31 7.25 28.49
C THR D 286 -1.52 6.39 28.16
N ILE D 287 -2.67 7.04 27.95
CA ILE D 287 -3.89 6.33 27.62
C ILE D 287 -3.74 5.46 26.38
N TRP D 288 -3.24 6.08 25.31
CA TRP D 288 -3.06 5.46 24.01
C TRP D 288 -2.20 4.19 24.09
N CYS D 289 -1.06 4.31 24.75
CA CYS D 289 -0.14 3.18 24.88
C CYS D 289 -0.70 2.07 25.77
N THR D 290 -1.39 2.46 26.83
CA THR D 290 -2.06 1.50 27.70
C THR D 290 -3.05 0.66 26.88
N ALA D 291 -3.86 1.36 26.10
CA ALA D 291 -4.84 0.72 25.22
C ALA D 291 -4.15 -0.17 24.18
N TYR D 292 -3.04 0.30 23.62
CA TYR D 292 -2.30 -0.44 22.61
C TYR D 292 -1.80 -1.77 23.17
N ARG D 293 -1.25 -1.72 24.38
CA ARG D 293 -0.71 -2.91 25.04
C ARG D 293 -1.82 -3.90 25.44
N SER D 294 -2.89 -3.39 26.04
CA SER D 294 -4.00 -4.26 26.44
C SER D 294 -4.62 -4.94 25.23
N LEU D 295 -4.88 -4.16 24.18
CA LEU D 295 -5.44 -4.68 22.95
C LEU D 295 -4.52 -5.72 22.32
N LEU D 296 -3.23 -5.42 22.30
CA LEU D 296 -2.24 -6.36 21.75
C LEU D 296 -2.26 -7.68 22.50
N LYS D 297 -2.31 -7.60 23.83
CA LYS D 297 -2.34 -8.79 24.67
C LYS D 297 -3.60 -9.63 24.43
N THR D 298 -4.75 -8.96 24.35
CA THR D 298 -6.01 -9.66 24.12
C THR D 298 -6.06 -10.30 22.73
N LEU D 299 -5.56 -9.58 21.74
CA LEU D 299 -5.47 -10.11 20.37
C LEU D 299 -4.56 -11.34 20.34
N ASP D 300 -3.45 -11.27 21.06
CA ASP D 300 -2.50 -12.39 21.12
C ASP D 300 -3.16 -13.60 21.77
N ASP D 301 -3.85 -13.36 22.88
CA ASP D 301 -4.55 -14.41 23.60
C ASP D 301 -5.63 -15.06 22.74
N TYR D 302 -6.29 -14.25 21.92
CA TYR D 302 -7.30 -14.75 21.01
C TYR D 302 -6.67 -15.57 19.89
N LYS D 303 -5.49 -15.16 19.45
CA LYS D 303 -4.74 -15.92 18.46
C LYS D 303 -4.38 -17.28 19.01
N GLU D 304 -3.99 -17.31 20.27
CA GLU D 304 -3.63 -18.56 20.94
C GLU D 304 -4.84 -19.50 21.05
N GLU D 305 -6.02 -18.93 21.27
CA GLU D 305 -7.24 -19.72 21.42
C GLU D 305 -7.79 -20.14 20.06
N SER D 306 -6.99 -19.94 19.01
CA SER D 306 -7.36 -20.30 17.64
C SER D 306 -8.68 -19.67 17.21
N LYS D 307 -8.76 -18.34 17.30
CA LYS D 307 -9.95 -17.64 16.87
C LYS D 307 -9.87 -17.29 15.38
N LYS D 308 -10.94 -17.57 14.65
CA LYS D 308 -11.02 -17.25 13.23
C LYS D 308 -10.81 -15.76 12.99
N LEU D 309 -10.22 -15.43 11.85
CA LEU D 309 -9.86 -14.05 11.52
C LEU D 309 -11.08 -13.15 11.35
N ALA D 310 -12.14 -13.70 10.77
CA ALA D 310 -13.34 -12.92 10.48
C ALA D 310 -14.19 -12.73 11.73
N ASP D 311 -13.73 -13.29 12.85
CA ASP D 311 -14.45 -13.20 14.12
C ASP D 311 -13.91 -12.06 14.99
N VAL D 312 -13.07 -11.22 14.41
CA VAL D 312 -12.52 -10.07 15.12
C VAL D 312 -12.23 -8.85 14.23
N PRO D 313 -13.23 -8.37 13.47
CA PRO D 313 -12.94 -7.25 12.56
C PRO D 313 -12.79 -5.92 13.30
N HIS D 314 -13.77 -5.62 14.15
CA HIS D 314 -13.80 -4.37 14.91
C HIS D 314 -12.52 -4.16 15.73
N LEU D 315 -12.02 -5.23 16.32
CA LEU D 315 -10.81 -5.17 17.12
C LEU D 315 -9.60 -4.77 16.26
N LEU D 316 -9.51 -5.37 15.08
CA LEU D 316 -8.43 -5.07 14.15
C LEU D 316 -8.52 -3.63 13.64
N HIS D 317 -9.74 -3.15 13.45
CA HIS D 317 -9.93 -1.76 13.02
C HIS D 317 -9.55 -0.76 14.11
N ILE D 318 -9.89 -1.08 15.36
CA ILE D 318 -9.44 -0.28 16.50
C ILE D 318 -7.91 -0.28 16.55
N LEU D 319 -7.32 -1.44 16.25
CA LEU D 319 -5.86 -1.56 16.20
C LEU D 319 -5.25 -0.63 15.16
N ALA D 320 -5.82 -0.62 13.96
CA ALA D 320 -5.34 0.24 12.89
C ALA D 320 -5.47 1.72 13.30
N LEU D 321 -6.59 2.04 13.95
CA LEU D 321 -6.81 3.39 14.47
C LEU D 321 -5.72 3.78 15.46
N LEU D 322 -5.30 2.82 16.28
CA LEU D 322 -4.19 3.05 17.19
C LEU D 322 -2.88 3.24 16.42
N LEU D 323 -2.76 2.53 15.30
CA LEU D 323 -1.57 2.62 14.46
C LEU D 323 -1.48 3.97 13.75
N CYS D 324 -2.61 4.65 13.60
CA CYS D 324 -2.66 5.94 12.91
C CYS D 324 -1.84 7.06 13.56
N ALA D 325 -1.43 6.86 14.81
CA ALA D 325 -0.63 7.87 15.50
C ALA D 325 0.69 7.29 16.01
N PRO D 326 1.72 7.30 15.14
CA PRO D 326 3.03 6.68 15.42
C PRO D 326 3.82 7.33 16.55
N LYS D 327 3.77 8.65 16.64
CA LYS D 327 4.59 9.39 17.60
C LYS D 327 4.27 9.01 19.04
N LEU D 328 3.01 8.68 19.28
CA LEU D 328 2.53 8.31 20.61
C LEU D 328 3.05 6.94 21.03
N LEU D 329 3.20 6.05 20.06
CA LEU D 329 3.65 4.68 20.34
C LEU D 329 5.15 4.56 20.62
N ARG D 330 5.91 5.58 20.23
CA ARG D 330 7.35 5.57 20.43
C ARG D 330 7.71 5.41 21.91
N GLY D 331 8.50 4.38 22.21
CA GLY D 331 8.92 4.12 23.57
C GLY D 331 8.56 2.74 24.09
N ILE D 332 7.72 2.02 23.34
CA ILE D 332 7.31 0.68 23.73
C ILE D 332 7.41 -0.33 22.59
N GLU D 333 8.28 -0.03 21.62
CA GLU D 333 8.49 -0.93 20.49
C GLU D 333 9.01 -2.28 20.95
N ASP D 334 10.00 -2.25 21.84
CA ASP D 334 10.65 -3.46 22.32
C ASP D 334 9.72 -4.37 23.10
N GLN D 335 8.95 -3.79 24.02
CA GLN D 335 8.07 -4.54 24.89
C GLN D 335 6.97 -5.25 24.10
N THR D 336 6.43 -4.54 23.10
CA THR D 336 5.31 -5.06 22.33
C THR D 336 5.76 -5.94 21.16
N GLU D 337 7.08 -6.00 20.95
CA GLU D 337 7.66 -6.71 19.82
C GLU D 337 7.25 -8.18 19.77
N ASP D 338 7.29 -8.84 20.92
CA ASP D 338 6.81 -10.22 21.03
C ASP D 338 5.35 -10.30 20.62
N GLU D 339 4.56 -9.35 21.13
CA GLU D 339 3.13 -9.29 20.84
C GLU D 339 2.90 -9.00 19.36
N VAL D 340 3.65 -8.04 18.84
CA VAL D 340 3.51 -7.62 17.45
C VAL D 340 3.87 -8.71 16.44
N THR D 341 5.03 -9.34 16.62
CA THR D 341 5.50 -10.36 15.67
C THR D 341 4.52 -11.51 15.47
N SER D 342 3.95 -12.00 16.57
CA SER D 342 2.98 -13.09 16.53
C SER D 342 1.73 -12.72 15.73
N ILE D 343 1.19 -11.54 16.00
CA ILE D 343 0.02 -11.05 15.29
C ILE D 343 0.33 -10.85 13.81
N CYS D 344 1.52 -10.35 13.53
CA CYS D 344 1.97 -10.14 12.16
C CYS D 344 2.04 -11.47 11.40
N GLU D 345 2.52 -12.51 12.08
CA GLU D 345 2.49 -13.86 11.51
C GLU D 345 1.04 -14.24 11.24
N TRP D 346 0.20 -14.05 12.25
CA TRP D 346 -1.22 -14.38 12.19
C TRP D 346 -1.91 -13.79 10.97
N LEU D 347 -1.61 -12.53 10.67
CA LEU D 347 -2.23 -11.83 9.56
C LEU D 347 -1.60 -12.25 8.23
N LEU D 348 -0.28 -12.33 8.22
CA LEU D 348 0.46 -12.67 7.00
C LEU D 348 0.09 -14.04 6.46
N CYS D 349 0.08 -15.04 7.33
CA CYS D 349 -0.33 -16.39 6.93
C CYS D 349 -1.69 -16.76 7.52
N ALA D 350 -2.70 -16.79 6.66
CA ALA D 350 -4.05 -17.16 7.08
C ALA D 350 -4.81 -17.79 5.93
N ASN D 351 -5.88 -18.52 6.26
CA ASN D 351 -6.69 -19.20 5.26
C ASN D 351 -7.62 -18.27 4.51
N CYS D 352 -8.16 -17.28 5.22
CA CYS D 352 -9.16 -16.39 4.66
C CYS D 352 -8.56 -15.36 3.71
N ASP D 353 -9.43 -14.64 3.01
CA ASP D 353 -9.00 -13.56 2.13
C ASP D 353 -8.70 -12.31 2.94
N GLU D 354 -7.79 -11.48 2.44
CA GLU D 354 -7.31 -10.33 3.19
C GLU D 354 -8.18 -9.07 3.04
N LYS D 355 -9.47 -9.23 3.31
CA LYS D 355 -10.37 -8.08 3.39
C LYS D 355 -11.02 -8.02 4.76
N ILE D 356 -10.96 -6.87 5.41
CA ILE D 356 -11.53 -6.70 6.73
C ILE D 356 -12.71 -5.73 6.71
N LYS D 357 -13.89 -6.22 7.06
CA LYS D 357 -15.09 -5.40 7.08
C LYS D 357 -15.08 -4.42 8.24
N ASP D 358 -15.19 -3.13 7.94
CA ASP D 358 -15.18 -2.09 8.97
C ASP D 358 -16.49 -2.00 9.72
N SER D 359 -17.60 -1.92 8.98
CA SER D 359 -18.95 -1.84 9.54
C SER D 359 -19.24 -0.56 10.34
N ASP D 360 -18.18 0.17 10.70
CA ASP D 360 -18.31 1.42 11.42
C ASP D 360 -18.05 2.58 10.47
N ALA D 361 -17.87 2.24 9.21
CA ALA D 361 -17.64 3.21 8.14
C ALA D 361 -16.42 4.10 8.35
N PHE D 362 -15.32 3.53 8.84
CA PHE D 362 -14.06 4.25 8.84
C PHE D 362 -13.62 4.35 7.39
N GLY D 363 -13.13 5.52 7.00
CA GLY D 363 -12.89 5.81 5.59
C GLY D 363 -13.78 6.97 5.23
N TYR D 364 -14.81 7.16 6.04
CA TYR D 364 -15.62 8.37 6.04
C TYR D 364 -15.27 9.11 7.33
N PHE D 365 -14.13 8.71 7.90
CA PHE D 365 -13.52 9.35 9.05
C PHE D 365 -12.09 9.71 8.64
N HIS D 366 -11.86 10.99 8.35
CA HIS D 366 -10.61 11.42 7.73
C HIS D 366 -9.64 12.08 8.69
N CYS D 367 -9.99 12.09 9.98
CA CYS D 367 -9.11 12.61 11.01
C CYS D 367 -7.85 11.76 11.14
N LEU D 368 -6.69 12.37 10.90
CA LEU D 368 -5.40 11.73 11.15
C LEU D 368 -5.29 10.38 10.44
N GLN D 369 -5.89 10.31 9.25
CA GLN D 369 -6.10 9.04 8.56
C GLN D 369 -4.85 8.41 7.97
N ARG D 370 -4.72 8.49 6.65
CA ARG D 370 -3.65 7.83 5.90
C ARG D 370 -3.71 6.30 6.03
N ILE D 371 -4.89 5.74 5.79
CA ILE D 371 -5.07 4.30 5.71
C ILE D 371 -5.84 3.94 4.45
N GLN D 372 -5.25 3.09 3.62
CA GLN D 372 -5.89 2.65 2.39
C GLN D 372 -6.99 1.63 2.70
N TYR D 373 -8.24 2.09 2.70
CA TYR D 373 -9.38 1.22 2.91
C TYR D 373 -9.83 0.58 1.60
N PRO D 374 -10.35 -0.66 1.65
CA PRO D 374 -10.61 -1.50 2.83
C PRO D 374 -9.32 -1.99 3.51
N LEU D 375 -9.39 -2.17 4.82
CA LEU D 375 -8.22 -2.59 5.60
C LEU D 375 -7.77 -3.99 5.22
N THR D 376 -6.67 -4.08 4.49
CA THR D 376 -6.10 -5.36 4.12
C THR D 376 -5.40 -5.98 5.31
N ARG D 377 -5.40 -7.30 5.39
CA ARG D 377 -4.67 -8.01 6.43
C ARG D 377 -3.18 -7.74 6.28
N THR D 378 -2.69 -7.92 5.05
CA THR D 378 -1.30 -7.66 4.70
C THR D 378 -0.88 -6.25 5.06
N GLN D 379 -1.72 -5.27 4.72
CA GLN D 379 -1.44 -3.88 5.00
C GLN D 379 -1.24 -3.64 6.49
N LEU D 380 -2.17 -4.15 7.29
CA LEU D 380 -2.09 -4.06 8.75
C LEU D 380 -0.78 -4.65 9.27
N ALA D 381 -0.46 -5.84 8.76
CA ALA D 381 0.80 -6.50 9.10
C ALA D 381 2.00 -5.60 8.81
N GLN D 382 1.98 -4.96 7.64
CA GLN D 382 3.07 -4.08 7.22
C GLN D 382 3.21 -2.84 8.11
N LYS D 383 2.08 -2.24 8.48
CA LYS D 383 2.10 -1.08 9.38
C LYS D 383 2.71 -1.49 10.71
N LEU D 384 2.21 -2.59 11.27
CA LEU D 384 2.74 -3.14 12.51
C LEU D 384 4.24 -3.40 12.41
N VAL D 385 4.69 -3.81 11.24
CA VAL D 385 6.12 -4.01 11.01
C VAL D 385 6.89 -2.68 11.07
N GLU D 386 6.36 -1.67 10.36
CA GLU D 386 6.98 -0.35 10.33
C GLU D 386 7.20 0.23 11.72
N ILE D 387 6.14 0.16 12.54
CA ILE D 387 6.22 0.66 13.91
C ILE D 387 7.36 0.02 14.69
N GLU D 388 7.58 -1.28 14.47
CA GLU D 388 8.70 -1.98 15.11
C GLU D 388 10.04 -1.58 14.52
N ASP D 389 10.07 -1.33 13.22
CA ASP D 389 11.30 -0.96 12.53
C ASP D 389 11.72 0.47 12.86
N GLU D 390 10.84 1.20 13.53
CA GLU D 390 11.15 2.56 13.97
C GLU D 390 12.43 2.66 14.80
N ASP D 391 12.56 1.79 15.80
CA ASP D 391 13.71 1.86 16.71
C ASP D 391 14.88 1.03 16.21
#